data_3H0X
# 
_entry.id   3H0X 
# 
_audit_conform.dict_name       mmcif_pdbx.dic 
_audit_conform.dict_version    5.378 
_audit_conform.dict_location   http://mmcif.pdb.org/dictionaries/ascii/mmcif_pdbx.dic 
# 
loop_
_database_2.database_id 
_database_2.database_code 
_database_2.pdbx_database_accession 
_database_2.pdbx_DOI 
PDB   3H0X         pdb_00003h0x 10.2210/pdb3h0x/pdb 
RCSB  RCSB052552   ?            ?                   
WWPDB D_1000052552 ?            ?                   
# 
loop_
_pdbx_database_related.db_name 
_pdbx_database_related.db_id 
_pdbx_database_related.details 
_pdbx_database_related.content_type 
PDB      1YUW       'Crystal structure of bovine hsc70(aa1-554)E213A/D214A mutant'                   unspecified 
PDB      2OP6       'Peptide-binding domain of Heat shock 70 kDa protein D precursor from C.elegans' unspecified 
TargetDB APC89502.3 .                                                                                unspecified 
# 
_pdbx_database_status.entry_id                        3H0X 
_pdbx_database_status.status_code                     REL 
_pdbx_database_status.deposit_site                    RCSB 
_pdbx_database_status.process_site                    RCSB 
_pdbx_database_status.recvd_initial_deposition_date   2009-04-10 
_pdbx_database_status.status_code_sf                  REL 
_pdbx_database_status.status_code_mr                  ? 
_pdbx_database_status.SG_entry                        Y 
_pdbx_database_status.pdb_format_compatible           Y 
_pdbx_database_status.status_code_cs                  ? 
_pdbx_database_status.methods_development_category    ? 
_pdbx_database_status.status_code_nmr_data            ? 
# 
loop_
_audit_author.name 
_audit_author.pdbx_ordinal 
'Osipiuk, J.'                                   1 
'Bigelow, L.'                                   2 
'Gu, M.'                                        3 
'Sahi, C.'                                      4 
'Craig, E.A.'                                   5 
'Joachimiak, A.'                                6 
'Midwest Center for Structural Genomics (MCSG)' 7 
# 
_citation.id                        primary 
_citation.title                     
'X-ray crystal structure of peptide-binding domain of Kar2 protein from Saccharomyces cerevisiae.' 
_citation.journal_abbrev            'To be Published' 
_citation.journal_volume            ? 
_citation.page_first                ? 
_citation.page_last                 ? 
_citation.year                      ? 
_citation.journal_id_ASTM           ? 
_citation.country                   ? 
_citation.journal_id_ISSN           ? 
_citation.journal_id_CSD            0353 
_citation.book_publisher            ? 
_citation.pdbx_database_id_PubMed   ? 
_citation.pdbx_database_id_DOI      ? 
# 
loop_
_citation_author.citation_id 
_citation_author.name 
_citation_author.ordinal 
_citation_author.identifier_ORCID 
primary 'Osipiuk, J.'    1 ? 
primary 'Bigelow, L.'    2 ? 
primary 'Gu, M.'         3 ? 
primary 'Sahi, C.'       4 ? 
primary 'Craig, E.A.'    5 ? 
primary 'Joachimiak, A.' 6 ? 
# 
_cell.length_a           41.846 
_cell.length_b           103.113 
_cell.length_c           80.792 
_cell.angle_alpha        90.000 
_cell.angle_beta         90.000 
_cell.angle_gamma        90.000 
_cell.entry_id           3H0X 
_cell.pdbx_unique_axis   ? 
_cell.Z_PDB              8 
_cell.length_a_esd       ? 
_cell.length_b_esd       ? 
_cell.length_c_esd       ? 
_cell.angle_alpha_esd    ? 
_cell.angle_beta_esd     ? 
_cell.angle_gamma_esd    ? 
# 
_symmetry.space_group_name_H-M             'C 2 2 21' 
_symmetry.entry_id                         3H0X 
_symmetry.Int_Tables_number                20 
_symmetry.pdbx_full_space_group_name_H-M   ? 
_symmetry.cell_setting                     ? 
_symmetry.space_group_name_Hall            ? 
# 
loop_
_entity.id 
_entity.type 
_entity.src_method 
_entity.pdbx_description 
_entity.formula_weight 
_entity.pdbx_number_of_molecules 
_entity.pdbx_ec 
_entity.pdbx_mutation 
_entity.pdbx_fragment 
_entity.details 
1 polymer man '78 kDa glucose-regulated protein homolog' 16413.590 1   ? ? 'Peptide-binding domain: UNP residues 438-586' ? 
2 water   nat water                                      18.015    120 ? ? ?                                              ? 
# 
_entity_name_com.entity_id   1 
_entity_name_com.name        'GRP 78, Immunoglobulin heavy chain-binding protein homolog, BiP' 
# 
_entity_poly.entity_id                      1 
_entity_poly.type                           'polypeptide(L)' 
_entity_poly.nstd_linkage                   no 
_entity_poly.nstd_monomer                   no 
_entity_poly.pdbx_seq_one_letter_code       
;SNADVNALTLGIETTGGVMTPLIKRNTAIPTKKSQIFSTAVDNQPTVMIKVYEGERAMSKDNNLLGKFELTGIPPAPRGV
PQIEVTFALDANGILKVSATDKGTGKSESITITNDKGRLTQEEIDRMVEEAEKFASEDASIKAKVESRNKLE
;
_entity_poly.pdbx_seq_one_letter_code_can   
;SNADVNALTLGIETTGGVMTPLIKRNTAIPTKKSQIFSTAVDNQPTVMIKVYEGERAMSKDNNLLGKFELTGIPPAPRGV
PQIEVTFALDANGILKVSATDKGTGKSESITITNDKGRLTQEEIDRMVEEAEKFASEDASIKAKVESRNKLE
;
_entity_poly.pdbx_strand_id                 A 
_entity_poly.pdbx_target_identifier         APC89502.3 
# 
loop_
_entity_poly_seq.entity_id 
_entity_poly_seq.num 
_entity_poly_seq.mon_id 
_entity_poly_seq.hetero 
1 1   SER n 
1 2   ASN n 
1 3   ALA n 
1 4   ASP n 
1 5   VAL n 
1 6   ASN n 
1 7   ALA n 
1 8   LEU n 
1 9   THR n 
1 10  LEU n 
1 11  GLY n 
1 12  ILE n 
1 13  GLU n 
1 14  THR n 
1 15  THR n 
1 16  GLY n 
1 17  GLY n 
1 18  VAL n 
1 19  MET n 
1 20  THR n 
1 21  PRO n 
1 22  LEU n 
1 23  ILE n 
1 24  LYS n 
1 25  ARG n 
1 26  ASN n 
1 27  THR n 
1 28  ALA n 
1 29  ILE n 
1 30  PRO n 
1 31  THR n 
1 32  LYS n 
1 33  LYS n 
1 34  SER n 
1 35  GLN n 
1 36  ILE n 
1 37  PHE n 
1 38  SER n 
1 39  THR n 
1 40  ALA n 
1 41  VAL n 
1 42  ASP n 
1 43  ASN n 
1 44  GLN n 
1 45  PRO n 
1 46  THR n 
1 47  VAL n 
1 48  MET n 
1 49  ILE n 
1 50  LYS n 
1 51  VAL n 
1 52  TYR n 
1 53  GLU n 
1 54  GLY n 
1 55  GLU n 
1 56  ARG n 
1 57  ALA n 
1 58  MET n 
1 59  SER n 
1 60  LYS n 
1 61  ASP n 
1 62  ASN n 
1 63  ASN n 
1 64  LEU n 
1 65  LEU n 
1 66  GLY n 
1 67  LYS n 
1 68  PHE n 
1 69  GLU n 
1 70  LEU n 
1 71  THR n 
1 72  GLY n 
1 73  ILE n 
1 74  PRO n 
1 75  PRO n 
1 76  ALA n 
1 77  PRO n 
1 78  ARG n 
1 79  GLY n 
1 80  VAL n 
1 81  PRO n 
1 82  GLN n 
1 83  ILE n 
1 84  GLU n 
1 85  VAL n 
1 86  THR n 
1 87  PHE n 
1 88  ALA n 
1 89  LEU n 
1 90  ASP n 
1 91  ALA n 
1 92  ASN n 
1 93  GLY n 
1 94  ILE n 
1 95  LEU n 
1 96  LYS n 
1 97  VAL n 
1 98  SER n 
1 99  ALA n 
1 100 THR n 
1 101 ASP n 
1 102 LYS n 
1 103 GLY n 
1 104 THR n 
1 105 GLY n 
1 106 LYS n 
1 107 SER n 
1 108 GLU n 
1 109 SER n 
1 110 ILE n 
1 111 THR n 
1 112 ILE n 
1 113 THR n 
1 114 ASN n 
1 115 ASP n 
1 116 LYS n 
1 117 GLY n 
1 118 ARG n 
1 119 LEU n 
1 120 THR n 
1 121 GLN n 
1 122 GLU n 
1 123 GLU n 
1 124 ILE n 
1 125 ASP n 
1 126 ARG n 
1 127 MET n 
1 128 VAL n 
1 129 GLU n 
1 130 GLU n 
1 131 ALA n 
1 132 GLU n 
1 133 LYS n 
1 134 PHE n 
1 135 ALA n 
1 136 SER n 
1 137 GLU n 
1 138 ASP n 
1 139 ALA n 
1 140 SER n 
1 141 ILE n 
1 142 LYS n 
1 143 ALA n 
1 144 LYS n 
1 145 VAL n 
1 146 GLU n 
1 147 SER n 
1 148 ARG n 
1 149 ASN n 
1 150 LYS n 
1 151 LEU n 
1 152 GLU n 
# 
_entity_src_gen.entity_id                          1 
_entity_src_gen.pdbx_src_id                        1 
_entity_src_gen.pdbx_alt_source_flag               sample 
_entity_src_gen.pdbx_seq_type                      ? 
_entity_src_gen.pdbx_beg_seq_num                   ? 
_entity_src_gen.pdbx_end_seq_num                   ? 
_entity_src_gen.gene_src_common_name               yeast 
_entity_src_gen.gene_src_genus                     ? 
_entity_src_gen.pdbx_gene_src_gene                 'GRP78, J1248, KAR2, SSD1, YJL034W' 
_entity_src_gen.gene_src_species                   ? 
_entity_src_gen.gene_src_strain                    ? 
_entity_src_gen.gene_src_tissue                    ? 
_entity_src_gen.gene_src_tissue_fraction           ? 
_entity_src_gen.gene_src_details                   ? 
_entity_src_gen.pdbx_gene_src_fragment             ? 
_entity_src_gen.pdbx_gene_src_scientific_name      'Saccharomyces cerevisiae' 
_entity_src_gen.pdbx_gene_src_ncbi_taxonomy_id     4932 
_entity_src_gen.pdbx_gene_src_variant              ? 
_entity_src_gen.pdbx_gene_src_cell_line            ? 
_entity_src_gen.pdbx_gene_src_atcc                 ? 
_entity_src_gen.pdbx_gene_src_organ                ? 
_entity_src_gen.pdbx_gene_src_organelle            ? 
_entity_src_gen.pdbx_gene_src_cell                 ? 
_entity_src_gen.pdbx_gene_src_cellular_location    ? 
_entity_src_gen.host_org_common_name               ? 
_entity_src_gen.pdbx_host_org_scientific_name      'Escherichia coli' 
_entity_src_gen.pdbx_host_org_ncbi_taxonomy_id     562 
_entity_src_gen.host_org_genus                     ? 
_entity_src_gen.pdbx_host_org_gene                 ? 
_entity_src_gen.pdbx_host_org_organ                ? 
_entity_src_gen.host_org_species                   ? 
_entity_src_gen.pdbx_host_org_tissue               ? 
_entity_src_gen.pdbx_host_org_tissue_fraction      ? 
_entity_src_gen.pdbx_host_org_strain               'BL21(DE3)' 
_entity_src_gen.pdbx_host_org_variant              ? 
_entity_src_gen.pdbx_host_org_cell_line            ? 
_entity_src_gen.pdbx_host_org_atcc                 ? 
_entity_src_gen.pdbx_host_org_culture_collection   ? 
_entity_src_gen.pdbx_host_org_cell                 ? 
_entity_src_gen.pdbx_host_org_organelle            ? 
_entity_src_gen.pdbx_host_org_cellular_location    ? 
_entity_src_gen.pdbx_host_org_vector_type          plasmid 
_entity_src_gen.pdbx_host_org_vector               ? 
_entity_src_gen.host_org_details                   ? 
_entity_src_gen.expression_system_id               ? 
_entity_src_gen.plasmid_name                       pMCSG19 
_entity_src_gen.plasmid_details                    ? 
_entity_src_gen.pdbx_description                   ? 
# 
_struct_ref.id                         1 
_struct_ref.db_name                    UNP 
_struct_ref.db_code                    GRP78_YEAST 
_struct_ref.pdbx_db_accession          P16474 
_struct_ref.entity_id                  1 
_struct_ref.pdbx_seq_one_letter_code   
;DVNALTLGIETTGGVMTPLIKRNTAIPTKKSQIFSTAVDNQPTVMIKVYEGERAMSKDNNLLGKFELTGIPPAPRGVPQI
EVTFALDANGILKVSATDKGTGKSESITITNDKGRLTQEEIDRMVEEAEKFASEDASIKAKVESRNKLE
;
_struct_ref.pdbx_align_begin           438 
_struct_ref.pdbx_db_isoform            ? 
# 
_struct_ref_seq.align_id                      1 
_struct_ref_seq.ref_id                        1 
_struct_ref_seq.pdbx_PDB_id_code              3H0X 
_struct_ref_seq.pdbx_strand_id                A 
_struct_ref_seq.seq_align_beg                 4 
_struct_ref_seq.pdbx_seq_align_beg_ins_code   ? 
_struct_ref_seq.seq_align_end                 152 
_struct_ref_seq.pdbx_seq_align_end_ins_code   ? 
_struct_ref_seq.pdbx_db_accession             P16474 
_struct_ref_seq.db_align_beg                  438 
_struct_ref_seq.pdbx_db_align_beg_ins_code    ? 
_struct_ref_seq.db_align_end                  586 
_struct_ref_seq.pdbx_db_align_end_ins_code    ? 
_struct_ref_seq.pdbx_auth_seq_align_beg       438 
_struct_ref_seq.pdbx_auth_seq_align_end       586 
# 
loop_
_struct_ref_seq_dif.align_id 
_struct_ref_seq_dif.pdbx_pdb_id_code 
_struct_ref_seq_dif.mon_id 
_struct_ref_seq_dif.pdbx_pdb_strand_id 
_struct_ref_seq_dif.seq_num 
_struct_ref_seq_dif.pdbx_pdb_ins_code 
_struct_ref_seq_dif.pdbx_seq_db_name 
_struct_ref_seq_dif.pdbx_seq_db_accession_code 
_struct_ref_seq_dif.db_mon_id 
_struct_ref_seq_dif.pdbx_seq_db_seq_num 
_struct_ref_seq_dif.details 
_struct_ref_seq_dif.pdbx_auth_seq_num 
_struct_ref_seq_dif.pdbx_ordinal 
1 3H0X SER A 1 ? UNP P16474 ? ? 'expression tag' 435 1 
1 3H0X ASN A 2 ? UNP P16474 ? ? 'expression tag' 436 2 
1 3H0X ALA A 3 ? UNP P16474 ? ? 'expression tag' 437 3 
# 
loop_
_chem_comp.id 
_chem_comp.type 
_chem_comp.mon_nstd_flag 
_chem_comp.name 
_chem_comp.pdbx_synonyms 
_chem_comp.formula 
_chem_comp.formula_weight 
ALA 'L-peptide linking' y ALANINE         ? 'C3 H7 N O2'     89.093  
ARG 'L-peptide linking' y ARGININE        ? 'C6 H15 N4 O2 1' 175.209 
ASN 'L-peptide linking' y ASPARAGINE      ? 'C4 H8 N2 O3'    132.118 
ASP 'L-peptide linking' y 'ASPARTIC ACID' ? 'C4 H7 N O4'     133.103 
GLN 'L-peptide linking' y GLUTAMINE       ? 'C5 H10 N2 O3'   146.144 
GLU 'L-peptide linking' y 'GLUTAMIC ACID' ? 'C5 H9 N O4'     147.129 
GLY 'peptide linking'   y GLYCINE         ? 'C2 H5 N O2'     75.067  
HOH non-polymer         . WATER           ? 'H2 O'           18.015  
ILE 'L-peptide linking' y ISOLEUCINE      ? 'C6 H13 N O2'    131.173 
LEU 'L-peptide linking' y LEUCINE         ? 'C6 H13 N O2'    131.173 
LYS 'L-peptide linking' y LYSINE          ? 'C6 H15 N2 O2 1' 147.195 
MET 'L-peptide linking' y METHIONINE      ? 'C5 H11 N O2 S'  149.211 
PHE 'L-peptide linking' y PHENYLALANINE   ? 'C9 H11 N O2'    165.189 
PRO 'L-peptide linking' y PROLINE         ? 'C5 H9 N O2'     115.130 
SER 'L-peptide linking' y SERINE          ? 'C3 H7 N O3'     105.093 
THR 'L-peptide linking' y THREONINE       ? 'C4 H9 N O3'     119.119 
TYR 'L-peptide linking' y TYROSINE        ? 'C9 H11 N O3'    181.189 
VAL 'L-peptide linking' y VALINE          ? 'C5 H11 N O2'    117.146 
# 
_exptl.crystals_number   1 
_exptl.entry_id          3H0X 
_exptl.method            'X-RAY DIFFRACTION' 
# 
_exptl_crystal.id                    1 
_exptl_crystal.density_Matthews      2.65 
_exptl_crystal.density_meas          ? 
_exptl_crystal.density_percent_sol   53.67 
_exptl_crystal.description           ? 
_exptl_crystal.F_000                 ? 
_exptl_crystal.preparation           ? 
# 
_exptl_crystal_grow.crystal_id      1 
_exptl_crystal_grow.method          'VAPOR DIFFUSION, SITTING DROP' 
_exptl_crystal_grow.pH              5.6 
_exptl_crystal_grow.temp            277 
_exptl_crystal_grow.pdbx_details    
;0.17 M Ammonium acetate, 0.085 M Sodium citrate, 25.5% PEG 4000, 15% Glycerol, pH 5.6, VAPOR DIFFUSION, SITTING DROP, temperature 277K
;
_exptl_crystal_grow.temp_details    ? 
_exptl_crystal_grow.pdbx_pH_range   ? 
# 
_diffrn.id                     1 
_diffrn.ambient_temp           100 
_diffrn.ambient_temp_details   ? 
_diffrn.crystal_id             1 
# 
_diffrn_detector.diffrn_id              1 
_diffrn_detector.detector               CCD 
_diffrn_detector.type                   'ADSC QUANTUM 315' 
_diffrn_detector.pdbx_collection_date   2008-06-15 
_diffrn_detector.details                ? 
# 
_diffrn_radiation.diffrn_id                        1 
_diffrn_radiation.pdbx_diffrn_protocol             'SINGLE WAVELENGTH' 
_diffrn_radiation.monochromator                    'double crystal' 
_diffrn_radiation.wavelength_id                    1 
_diffrn_radiation.pdbx_monochromatic_or_laue_m_l   M 
_diffrn_radiation.pdbx_scattering_type             x-ray 
# 
_diffrn_radiation_wavelength.id           1 
_diffrn_radiation_wavelength.wavelength   0.9792 
_diffrn_radiation_wavelength.wt           1.0 
# 
_diffrn_source.diffrn_id                   1 
_diffrn_source.source                      SYNCHROTRON 
_diffrn_source.type                        'APS BEAMLINE 19-ID' 
_diffrn_source.pdbx_wavelength             ? 
_diffrn_source.pdbx_wavelength_list        0.9792 
_diffrn_source.pdbx_synchrotron_site       APS 
_diffrn_source.pdbx_synchrotron_beamline   19-ID 
# 
_reflns.entry_id                     3H0X 
_reflns.d_resolution_high            1.92 
_reflns.d_resolution_low             35.1 
_reflns.number_obs                   13673 
_reflns.pdbx_Rmerge_I_obs            0.067 
_reflns.pdbx_netI_over_sigmaI        31.919 
_reflns.pdbx_chi_squared             1.245 
_reflns.pdbx_redundancy              7.000 
_reflns.percent_possible_obs         99.700 
_reflns.observed_criterion_sigma_F   0 
_reflns.observed_criterion_sigma_I   0 
_reflns.number_all                   13673 
_reflns.pdbx_Rsym_value              ? 
_reflns.B_iso_Wilson_estimate        42.9 
_reflns.R_free_details               ? 
_reflns.limit_h_max                  ? 
_reflns.limit_h_min                  ? 
_reflns.limit_k_max                  ? 
_reflns.limit_k_min                  ? 
_reflns.limit_l_max                  ? 
_reflns.limit_l_min                  ? 
_reflns.observed_criterion_F_max     ? 
_reflns.observed_criterion_F_min     ? 
_reflns.pdbx_scaling_rejects         ? 
_reflns.pdbx_ordinal                 1 
_reflns.pdbx_diffrn_id               1 
# 
_reflns_shell.d_res_high             1.92 
_reflns_shell.d_res_low              1.95 
_reflns_shell.number_measured_obs    ? 
_reflns_shell.number_measured_all    ? 
_reflns_shell.number_unique_obs      ? 
_reflns_shell.Rmerge_I_obs           0.806 
_reflns_shell.meanI_over_sigI_obs    2.00 
_reflns_shell.pdbx_Rsym_value        ? 
_reflns_shell.pdbx_chi_squared       1.015 
_reflns_shell.pdbx_redundancy        5.50 
_reflns_shell.percent_possible_obs   ? 
_reflns_shell.number_unique_all      638 
_reflns_shell.percent_possible_all   98.50 
_reflns_shell.pdbx_ordinal           1 
_reflns_shell.pdbx_diffrn_id         1 
# 
_refine.entry_id                                 3H0X 
_refine.ls_d_res_high                            1.920 
_refine.ls_d_res_low                             35.100 
_refine.pdbx_ls_sigma_F                          0.00 
_refine.pdbx_data_cutoff_high_absF               ? 
_refine.pdbx_data_cutoff_low_absF                ? 
_refine.ls_percent_reflns_obs                    99.660 
_refine.ls_number_reflns_obs                     13646 
_refine.ls_number_reflns_all                     13646 
_refine.pdbx_ls_cross_valid_method               THROUGHOUT 
_refine.pdbx_R_Free_selection_details            RANDOM 
_refine.details                                  '1. HYDROGENS HAVE BEEN ADDED IN THE RIDING POSITIONS. 2. U VALUES: RESIDUAL ONLY' 
_refine.ls_R_factor_all                          0.188 
_refine.ls_R_factor_obs                          0.188 
_refine.ls_R_factor_R_work                       0.186 
_refine.ls_wR_factor_R_work                      ? 
_refine.ls_R_factor_R_free                       0.230 
_refine.ls_wR_factor_R_free                      ? 
_refine.ls_percent_reflns_R_free                 5.000 
_refine.ls_number_reflns_R_free                  676 
_refine.ls_R_factor_R_free_error                 ? 
_refine.B_iso_mean                               27.182 
_refine.solvent_model_param_bsol                 ? 
_refine.solvent_model_param_ksol                 ? 
_refine.pdbx_isotropic_thermal_model             ? 
_refine.aniso_B[1][1]                            -0.360 
_refine.aniso_B[2][2]                            -0.540 
_refine.aniso_B[3][3]                            0.900 
_refine.aniso_B[1][2]                            0.000 
_refine.aniso_B[1][3]                            0.000 
_refine.aniso_B[2][3]                            0.000 
_refine.correlation_coeff_Fo_to_Fc               0.965 
_refine.correlation_coeff_Fo_to_Fc_free          0.950 
_refine.overall_SU_R_Cruickshank_DPI             ? 
_refine.overall_SU_R_free                        ? 
_refine.pdbx_overall_ESU_R                       0.150 
_refine.pdbx_overall_ESU_R_Free                  0.143 
_refine.overall_SU_ML                            0.112 
_refine.overall_SU_B                             9.021 
_refine.solvent_model_details                    MASK 
_refine.pdbx_solvent_vdw_probe_radii             1.200 
_refine.pdbx_solvent_ion_probe_radii             0.800 
_refine.pdbx_solvent_shrinkage_radii             0.800 
_refine.ls_number_parameters                     ? 
_refine.ls_number_restraints                     ? 
_refine.pdbx_starting_model                      'PDB entry 2OP6' 
_refine.pdbx_method_to_determine_struct          'MOLECULAR REPLACEMENT' 
_refine.pdbx_stereochemistry_target_values       'MAXIMUM LIKELIHOOD' 
_refine.pdbx_stereochem_target_val_spec_case     ? 
_refine.overall_FOM_work_R_set                   ? 
_refine.B_iso_max                                62.85 
_refine.B_iso_min                                13.74 
_refine.occupancy_max                            1.00 
_refine.occupancy_min                            0.40 
_refine.pdbx_ls_sigma_I                          0.00 
_refine.ls_redundancy_reflns_obs                 ? 
_refine.ls_R_factor_R_free_error_details         ? 
_refine.pdbx_data_cutoff_high_rms_absF           ? 
_refine.overall_FOM_free_R_set                   ? 
_refine.pdbx_overall_phase_error                 ? 
_refine.pdbx_refine_id                           'X-RAY DIFFRACTION' 
_refine.pdbx_TLS_residual_ADP_flag               'LIKELY RESIDUAL' 
_refine.pdbx_diffrn_id                           1 
_refine.pdbx_overall_SU_R_free_Cruickshank_DPI   ? 
_refine.pdbx_overall_SU_R_Blow_DPI               ? 
_refine.pdbx_overall_SU_R_free_Blow_DPI          ? 
# 
_refine_hist.pdbx_refine_id                   'X-RAY DIFFRACTION' 
_refine_hist.cycle_id                         LAST 
_refine_hist.pdbx_number_atoms_protein        1134 
_refine_hist.pdbx_number_atoms_nucleic_acid   0 
_refine_hist.pdbx_number_atoms_ligand         0 
_refine_hist.number_atoms_solvent             120 
_refine_hist.number_atoms_total               1254 
_refine_hist.d_res_high                       1.920 
_refine_hist.d_res_low                        35.100 
# 
loop_
_refine_ls_restr.type 
_refine_ls_restr.number 
_refine_ls_restr.dev_ideal 
_refine_ls_restr.dev_ideal_target 
_refine_ls_restr.weight 
_refine_ls_restr.pdbx_refine_id 
_refine_ls_restr.pdbx_restraint_function 
r_bond_refined_d       1210 0.018  0.022  ? 'X-RAY DIFFRACTION' ? 
r_bond_other_d         832  0.003  0.020  ? 'X-RAY DIFFRACTION' ? 
r_angle_refined_deg    1651 1.581  1.995  ? 'X-RAY DIFFRACTION' ? 
r_angle_other_deg      2081 0.867  3.000  ? 'X-RAY DIFFRACTION' ? 
r_dihedral_angle_1_deg 169  5.634  5.000  ? 'X-RAY DIFFRACTION' ? 
r_dihedral_angle_2_deg 50   42.389 26.600 ? 'X-RAY DIFFRACTION' ? 
r_dihedral_angle_3_deg 240  15.499 15.000 ? 'X-RAY DIFFRACTION' ? 
r_dihedral_angle_4_deg 6    16.103 15.000 ? 'X-RAY DIFFRACTION' ? 
r_chiral_restr         200  0.097  0.200  ? 'X-RAY DIFFRACTION' ? 
r_gen_planes_refined   1353 0.007  0.021  ? 'X-RAY DIFFRACTION' ? 
r_gen_planes_other     201  0.001  0.020  ? 'X-RAY DIFFRACTION' ? 
r_mcbond_it            779  0.876  1.500  ? 'X-RAY DIFFRACTION' ? 
r_mcbond_other         314  0.235  1.500  ? 'X-RAY DIFFRACTION' ? 
r_mcangle_it           1280 1.537  2.000  ? 'X-RAY DIFFRACTION' ? 
r_scbond_it            431  2.475  3.000  ? 'X-RAY DIFFRACTION' ? 
r_scangle_it           360  4.339  4.500  ? 'X-RAY DIFFRACTION' ? 
# 
_refine_ls_shell.d_res_high                       1.92 
_refine_ls_shell.d_res_low                        1.97 
_refine_ls_shell.pdbx_total_number_of_bins_used   20 
_refine_ls_shell.percent_reflns_obs               98.790 
_refine_ls_shell.number_reflns_R_work             929 
_refine_ls_shell.R_factor_all                     ? 
_refine_ls_shell.R_factor_R_work                  0.285 
_refine_ls_shell.R_factor_R_free                  0.459 
_refine_ls_shell.percent_reflns_R_free            ? 
_refine_ls_shell.number_reflns_R_free             49 
_refine_ls_shell.R_factor_R_free_error            ? 
_refine_ls_shell.number_reflns_all                978 
_refine_ls_shell.number_reflns_obs                978 
_refine_ls_shell.redundancy_reflns_obs            ? 
_refine_ls_shell.pdbx_refine_id                   'X-RAY DIFFRACTION' 
# 
_struct.entry_id                  3H0X 
_struct.title                     'Crystal structure of peptide-binding domain of Kar2 protein from Saccharomyces cerevisiae' 
_struct.pdbx_model_details        ? 
_struct.pdbx_CASP_flag            ? 
_struct.pdbx_model_type_details   ? 
# 
_struct_keywords.entry_id        3H0X 
_struct_keywords.text            
;structural genomics, APC89502.3, peptide binding, chaperone, Kar2, BiP, PSI-2, Protein Structure Initiative, Midwest Center for Structural Genomics, MCSG, ATP-binding, Endoplasmic reticulum, Nucleotide-binding, Phosphoprotein, Stress response
;
_struct_keywords.pdbx_keywords   CHAPERONE 
# 
loop_
_struct_asym.id 
_struct_asym.pdbx_blank_PDB_chainid_flag 
_struct_asym.pdbx_modified 
_struct_asym.entity_id 
_struct_asym.details 
A N N 1 ? 
B N N 2 ? 
# 
_struct_biol.id        1 
_struct_biol.details   'AUTHORS STATE THAT THE MONOMERIC ASSEMBLY OF THE BIOLOGICAL UNIT THAT IS SHOWN IN REMARK 350 IS PUTATIVE.' 
# 
loop_
_struct_conf.conf_type_id 
_struct_conf.id 
_struct_conf.pdbx_PDB_helix_id 
_struct_conf.beg_label_comp_id 
_struct_conf.beg_label_asym_id 
_struct_conf.beg_label_seq_id 
_struct_conf.pdbx_beg_PDB_ins_code 
_struct_conf.end_label_comp_id 
_struct_conf.end_label_asym_id 
_struct_conf.end_label_seq_id 
_struct_conf.pdbx_end_PDB_ins_code 
_struct_conf.beg_auth_comp_id 
_struct_conf.beg_auth_asym_id 
_struct_conf.beg_auth_seq_id 
_struct_conf.end_auth_comp_id 
_struct_conf.end_auth_asym_id 
_struct_conf.end_auth_seq_id 
_struct_conf.pdbx_PDB_helix_class 
_struct_conf.details 
_struct_conf.pdbx_PDB_helix_length 
HELX_P HELX_P1 1 MET A 58  ? ASN A 62  ? MET A 492 ASN A 496 5 ? 5  
HELX_P HELX_P2 2 THR A 120 ? PHE A 134 ? THR A 554 PHE A 568 1 ? 15 
HELX_P HELX_P3 3 PHE A 134 ? SER A 147 ? PHE A 568 SER A 581 1 ? 14 
# 
_struct_conf_type.id          HELX_P 
_struct_conf_type.criteria    ? 
_struct_conf_type.reference   ? 
# 
_struct_mon_prot_cis.pdbx_id                1 
_struct_mon_prot_cis.label_comp_id          ILE 
_struct_mon_prot_cis.label_seq_id           29 
_struct_mon_prot_cis.label_asym_id          A 
_struct_mon_prot_cis.label_alt_id           . 
_struct_mon_prot_cis.pdbx_PDB_ins_code      ? 
_struct_mon_prot_cis.auth_comp_id           ILE 
_struct_mon_prot_cis.auth_seq_id            463 
_struct_mon_prot_cis.auth_asym_id           A 
_struct_mon_prot_cis.pdbx_label_comp_id_2   PRO 
_struct_mon_prot_cis.pdbx_label_seq_id_2    30 
_struct_mon_prot_cis.pdbx_label_asym_id_2   A 
_struct_mon_prot_cis.pdbx_PDB_ins_code_2    ? 
_struct_mon_prot_cis.pdbx_auth_comp_id_2    PRO 
_struct_mon_prot_cis.pdbx_auth_seq_id_2     464 
_struct_mon_prot_cis.pdbx_auth_asym_id_2    A 
_struct_mon_prot_cis.pdbx_PDB_model_num     1 
_struct_mon_prot_cis.pdbx_omega_angle       6.50 
# 
loop_
_struct_sheet.id 
_struct_sheet.type 
_struct_sheet.number_strands 
_struct_sheet.details 
A ? 4 ? 
B ? 4 ? 
# 
loop_
_struct_sheet_order.sheet_id 
_struct_sheet_order.range_id_1 
_struct_sheet_order.range_id_2 
_struct_sheet_order.offset 
_struct_sheet_order.sense 
A 1 2 ? anti-parallel 
A 2 3 ? anti-parallel 
A 3 4 ? anti-parallel 
B 1 2 ? anti-parallel 
B 2 3 ? anti-parallel 
B 3 4 ? anti-parallel 
# 
loop_
_struct_sheet_range.sheet_id 
_struct_sheet_range.id 
_struct_sheet_range.beg_label_comp_id 
_struct_sheet_range.beg_label_asym_id 
_struct_sheet_range.beg_label_seq_id 
_struct_sheet_range.pdbx_beg_PDB_ins_code 
_struct_sheet_range.end_label_comp_id 
_struct_sheet_range.end_label_asym_id 
_struct_sheet_range.end_label_seq_id 
_struct_sheet_range.pdbx_end_PDB_ins_code 
_struct_sheet_range.beg_auth_comp_id 
_struct_sheet_range.beg_auth_asym_id 
_struct_sheet_range.beg_auth_seq_id 
_struct_sheet_range.end_auth_comp_id 
_struct_sheet_range.end_auth_asym_id 
_struct_sheet_range.end_auth_seq_id 
A 1 VAL A 18  ? ILE A 23  ? VAL A 452 ILE A 457 
A 2 LEU A 10  ? THR A 14  ? LEU A 444 THR A 448 
A 3 VAL A 47  ? GLU A 53  ? VAL A 481 GLU A 487 
A 4 ASN A 63  ? LEU A 70  ? ASN A 497 LEU A 504 
B 1 THR A 31  ? PHE A 37  ? THR A 465 PHE A 471 
B 2 ILE A 83  ? LEU A 89  ? ILE A 517 LEU A 523 
B 3 ILE A 94  ? ASP A 101 ? ILE A 528 ASP A 535 
B 4 SER A 107 ? THR A 113 ? SER A 541 THR A 547 
# 
loop_
_pdbx_struct_sheet_hbond.sheet_id 
_pdbx_struct_sheet_hbond.range_id_1 
_pdbx_struct_sheet_hbond.range_id_2 
_pdbx_struct_sheet_hbond.range_1_label_atom_id 
_pdbx_struct_sheet_hbond.range_1_label_comp_id 
_pdbx_struct_sheet_hbond.range_1_label_asym_id 
_pdbx_struct_sheet_hbond.range_1_label_seq_id 
_pdbx_struct_sheet_hbond.range_1_PDB_ins_code 
_pdbx_struct_sheet_hbond.range_1_auth_atom_id 
_pdbx_struct_sheet_hbond.range_1_auth_comp_id 
_pdbx_struct_sheet_hbond.range_1_auth_asym_id 
_pdbx_struct_sheet_hbond.range_1_auth_seq_id 
_pdbx_struct_sheet_hbond.range_2_label_atom_id 
_pdbx_struct_sheet_hbond.range_2_label_comp_id 
_pdbx_struct_sheet_hbond.range_2_label_asym_id 
_pdbx_struct_sheet_hbond.range_2_label_seq_id 
_pdbx_struct_sheet_hbond.range_2_PDB_ins_code 
_pdbx_struct_sheet_hbond.range_2_auth_atom_id 
_pdbx_struct_sheet_hbond.range_2_auth_comp_id 
_pdbx_struct_sheet_hbond.range_2_auth_asym_id 
_pdbx_struct_sheet_hbond.range_2_auth_seq_id 
A 1 2 O LEU A 22 ? O LEU A 456 N LEU A 10  ? N LEU A 444 
A 2 3 N GLY A 11 ? N GLY A 445 O TYR A 52  ? O TYR A 486 
A 3 4 N ILE A 49 ? N ILE A 483 O PHE A 68  ? O PHE A 502 
B 1 2 N PHE A 37 ? N PHE A 471 O ILE A 83  ? O ILE A 517 
B 2 3 N ALA A 88 ? N ALA A 522 O LYS A 96  ? O LYS A 530 
B 3 4 N LEU A 95 ? N LEU A 529 O ILE A 112 ? O ILE A 546 
# 
_atom_sites.entry_id                    3H0X 
_atom_sites.fract_transf_matrix[1][1]   -0.00042867 
_atom_sites.fract_transf_matrix[1][2]   0.01856540 
_atom_sites.fract_transf_matrix[1][3]   0.01504024 
_atom_sites.fract_transf_matrix[2][1]   -0.00398925 
_atom_sites.fract_transf_matrix[2][2]   -0.00561972 
_atom_sites.fract_transf_matrix[2][3]   0.00682318 
_atom_sites.fract_transf_matrix[3][1]   0.01127919 
_atom_sites.fract_transf_matrix[3][2]   -0.00304811 
_atom_sites.fract_transf_matrix[3][3]   0.00408401 
_atom_sites.fract_transf_vector[1]      0.125918 
_atom_sites.fract_transf_vector[2]      0.110799 
_atom_sites.fract_transf_vector[3]      0.054293 
# 
loop_
_atom_type.symbol 
C 
N 
O 
S 
# 
loop_
_atom_site.group_PDB 
_atom_site.id 
_atom_site.type_symbol 
_atom_site.label_atom_id 
_atom_site.label_alt_id 
_atom_site.label_comp_id 
_atom_site.label_asym_id 
_atom_site.label_entity_id 
_atom_site.label_seq_id 
_atom_site.pdbx_PDB_ins_code 
_atom_site.Cartn_x 
_atom_site.Cartn_y 
_atom_site.Cartn_z 
_atom_site.occupancy 
_atom_site.B_iso_or_equiv 
_atom_site.pdbx_formal_charge 
_atom_site.auth_seq_id 
_atom_site.auth_comp_id 
_atom_site.auth_asym_id 
_atom_site.auth_atom_id 
_atom_site.pdbx_PDB_model_num 
ATOM   1    N N   . ALA A 1 3   ? -24.399 0.380   5.914   1.00 28.93 ? 437 ALA A N   1 
ATOM   2    C CA  . ALA A 1 3   ? -23.066 -0.079  6.399   1.00 28.92 ? 437 ALA A CA  1 
ATOM   3    C C   . ALA A 1 3   ? -21.945 0.356   5.411   1.00 28.68 ? 437 ALA A C   1 
ATOM   4    O O   . ALA A 1 3   ? -21.527 -0.431  4.516   1.00 29.63 ? 437 ALA A O   1 
ATOM   5    C CB  . ALA A 1 3   ? -23.093 -1.614  6.585   1.00 29.22 ? 437 ALA A CB  1 
ATOM   6    N N   . ASP A 1 4   ? -21.474 1.600   5.557   1.00 27.69 ? 438 ASP A N   1 
ATOM   7    C CA  A ASP A 1 4   ? -20.480 2.140   4.623   0.60 27.46 ? 438 ASP A CA  1 
ATOM   8    C CA  B ASP A 1 4   ? -20.472 2.177   4.647   0.40 27.00 ? 438 ASP A CA  1 
ATOM   9    C C   . ASP A 1 4   ? -19.045 1.695   4.945   1.00 26.40 ? 438 ASP A C   1 
ATOM   10   O O   . ASP A 1 4   ? -18.497 1.955   6.019   1.00 24.36 ? 438 ASP A O   1 
ATOM   11   C CB  A ASP A 1 4   ? -20.554 3.664   4.519   0.60 27.86 ? 438 ASP A CB  1 
ATOM   12   C CB  B ASP A 1 4   ? -20.528 3.709   4.678   0.40 27.06 ? 438 ASP A CB  1 
ATOM   13   C CG  A ASP A 1 4   ? -20.035 4.180   3.174   0.60 29.29 ? 438 ASP A CG  1 
ATOM   14   C CG  B ASP A 1 4   ? -21.542 4.272   3.692   0.40 26.87 ? 438 ASP A CG  1 
ATOM   15   O OD1 A ASP A 1 4   ? -20.186 3.469   2.153   0.60 30.92 ? 438 ASP A OD1 1 
ATOM   16   O OD1 B ASP A 1 4   ? -22.687 4.504   4.099   0.40 25.91 ? 438 ASP A OD1 1 
ATOM   17   O OD2 A ASP A 1 4   ? -19.477 5.297   3.134   0.60 32.37 ? 438 ASP A OD2 1 
ATOM   18   O OD2 B ASP A 1 4   ? -21.199 4.458   2.505   0.40 28.31 ? 438 ASP A OD2 1 
ATOM   19   N N   . VAL A 1 5   ? -18.449 1.030   3.965   1.00 26.07 ? 439 VAL A N   1 
ATOM   20   C CA  . VAL A 1 5   ? -17.130 0.428   4.080   1.00 24.92 ? 439 VAL A CA  1 
ATOM   21   C C   . VAL A 1 5   ? -16.399 0.652   2.757   1.00 24.71 ? 439 VAL A C   1 
ATOM   22   O O   . VAL A 1 5   ? -17.012 1.047   1.738   1.00 24.99 ? 439 VAL A O   1 
ATOM   23   C CB  . VAL A 1 5   ? -17.276 -1.089  4.304   1.00 25.22 ? 439 VAL A CB  1 
ATOM   24   C CG1 . VAL A 1 5   ? -18.121 -1.414  5.587   1.00 24.15 ? 439 VAL A CG1 1 
ATOM   25   C CG2 . VAL A 1 5   ? -17.936 -1.747  3.075   1.00 25.05 ? 439 VAL A CG2 1 
ATOM   26   N N   . ASN A 1 6   ? -15.095 0.385   2.754   1.00 23.81 ? 440 ASN A N   1 
ATOM   27   C CA  . ASN A 1 6   ? -14.320 0.289   1.498   1.00 22.77 ? 440 ASN A CA  1 
ATOM   28   C C   . ASN A 1 6   ? -14.516 -1.071  0.815   1.00 22.66 ? 440 ASN A C   1 
ATOM   29   O O   . ASN A 1 6   ? -14.308 -2.146  1.413   1.00 22.84 ? 440 ASN A O   1 
ATOM   30   C CB  . ASN A 1 6   ? -12.821 0.560   1.741   1.00 22.22 ? 440 ASN A CB  1 
ATOM   31   C CG  . ASN A 1 6   ? -12.175 -0.481  2.674   1.00 22.76 ? 440 ASN A CG  1 
ATOM   32   O OD1 . ASN A 1 6   ? -12.697 -0.759  3.778   1.00 20.27 ? 440 ASN A OD1 1 
ATOM   33   N ND2 . ASN A 1 6   ? -11.074 -1.100  2.211   1.00 19.46 ? 440 ASN A ND2 1 
ATOM   34   N N   . ALA A 1 7   ? -14.926 -1.024  -0.451  1.00 22.08 ? 441 ALA A N   1 
ATOM   35   C CA  . ALA A 1 7   ? -15.188 -2.240  -1.235  1.00 21.40 ? 441 ALA A CA  1 
ATOM   36   C C   . ALA A 1 7   ? -13.974 -3.169  -1.310  1.00 20.88 ? 441 ALA A C   1 
ATOM   37   O O   . ALA A 1 7   ? -14.115 -4.378  -1.174  1.00 19.35 ? 441 ALA A O   1 
ATOM   38   C CB  . ALA A 1 7   ? -15.617 -1.849  -2.626  1.00 21.43 ? 441 ALA A CB  1 
ATOM   39   N N   . LEU A 1 8   ? -12.784 -2.570  -1.529  1.00 20.20 ? 442 LEU A N   1 
ATOM   40   C CA  . LEU A 1 8   ? -11.560 -3.324  -1.823  1.00 19.62 ? 442 LEU A CA  1 
ATOM   41   C C   . LEU A 1 8   ? -10.434 -2.878  -0.911  1.00 19.20 ? 442 LEU A C   1 
ATOM   42   O O   . LEU A 1 8   ? -10.401 -1.707  -0.470  1.00 19.28 ? 442 LEU A O   1 
ATOM   43   C CB  . LEU A 1 8   ? -11.131 -3.154  -3.277  1.00 20.37 ? 442 LEU A CB  1 
ATOM   44   C CG  . LEU A 1 8   ? -12.037 -3.678  -4.394  1.00 21.11 ? 442 LEU A CG  1 
ATOM   45   C CD1 . LEU A 1 8   ? -11.376 -3.372  -5.733  1.00 24.18 ? 442 LEU A CD1 1 
ATOM   46   C CD2 . LEU A 1 8   ? -12.341 -5.160  -4.262  1.00 20.66 ? 442 LEU A CD2 1 
ATOM   47   N N   . THR A 1 9   ? -9.532  -3.824  -0.624  1.00 18.18 ? 443 THR A N   1 
ATOM   48   C CA  . THR A 1 9   ? -8.354  -3.575  0.199   1.00 18.38 ? 443 THR A CA  1 
ATOM   49   C C   . THR A 1 9   ? -7.464  -2.501  -0.440  1.00 19.35 ? 443 THR A C   1 
ATOM   50   O O   . THR A 1 9   ? -7.296  -2.510  -1.647  1.00 17.98 ? 443 THR A O   1 
ATOM   51   C CB  . THR A 1 9   ? -7.515  -4.872  0.337   1.00 19.72 ? 443 THR A CB  1 
ATOM   52   O OG1 . THR A 1 9   ? -8.309  -5.867  1.004   1.00 18.76 ? 443 THR A OG1 1 
ATOM   53   C CG2 . THR A 1 9   ? -6.170  -4.641  1.073   1.00 18.03 ? 443 THR A CG2 1 
ATOM   54   N N   . LEU A 1 10  ? -6.884  -1.631  0.407   1.00 19.39 ? 444 LEU A N   1 
ATOM   55   C CA  . LEU A 1 10  ? -6.088  -0.499  0.008   1.00 19.04 ? 444 LEU A CA  1 
ATOM   56   C C   . LEU A 1 10  ? -4.738  -0.648  0.716   1.00 19.67 ? 444 LEU A C   1 
ATOM   57   O O   . LEU A 1 10  ? -4.692  -0.953  1.923   1.00 20.35 ? 444 LEU A O   1 
ATOM   58   C CB  . LEU A 1 10  ? -6.826  0.793   0.404   1.00 19.94 ? 444 LEU A CB  1 
ATOM   59   C CG  . LEU A 1 10  ? -8.120  1.061   -0.369  1.00 18.66 ? 444 LEU A CG  1 
ATOM   60   C CD1 . LEU A 1 10  ? -8.954  2.072   0.395   1.00 18.33 ? 444 LEU A CD1 1 
ATOM   61   C CD2 . LEU A 1 10  ? -7.865  1.522   -1.834  1.00 20.08 ? 444 LEU A CD2 1 
ATOM   62   N N   . GLY A 1 11  ? -3.634  -0.542  -0.047  1.00 18.57 ? 445 GLY A N   1 
ATOM   63   C CA  . GLY A 1 11  ? -2.327  -0.586  0.491   1.00 17.06 ? 445 GLY A CA  1 
ATOM   64   C C   . GLY A 1 11  ? -1.275  0.038   -0.382  1.00 17.27 ? 445 GLY A C   1 
ATOM   65   O O   . GLY A 1 11  ? -1.569  0.803   -1.318  1.00 14.34 ? 445 GLY A O   1 
ATOM   66   N N   . ILE A 1 12  ? -0.025  -0.252  -0.037  1.00 17.70 ? 446 ILE A N   1 
ATOM   67   C CA  . ILE A 1 12  ? 1.115   0.282   -0.833  1.00 18.49 ? 446 ILE A CA  1 
ATOM   68   C C   . ILE A 1 12  ? 2.048   -0.836  -1.239  1.00 17.87 ? 446 ILE A C   1 
ATOM   69   O O   . ILE A 1 12  ? 2.059   -1.913  -0.632  1.00 18.43 ? 446 ILE A O   1 
ATOM   70   C CB  . ILE A 1 12  ? 1.938   1.402   -0.079  1.00 19.23 ? 446 ILE A CB  1 
ATOM   71   C CG1 . ILE A 1 12  ? 2.668   0.836   1.147   1.00 23.34 ? 446 ILE A CG1 1 
ATOM   72   C CG2 . ILE A 1 12  ? 1.024   2.598   0.335   1.00 20.30 ? 446 ILE A CG2 1 
ATOM   73   C CD1 . ILE A 1 12  ? 3.506   1.945   1.835   1.00 25.37 ? 446 ILE A CD1 1 
ATOM   74   N N   . GLU A 1 13  ? 2.856   -0.583  -2.261  1.00 17.47 ? 447 GLU A N   1 
ATOM   75   C CA  . GLU A 1 13  ? 3.846   -1.542  -2.703  1.00 18.69 ? 447 GLU A CA  1 
ATOM   76   C C   . GLU A 1 13  ? 5.065   -1.441  -1.817  1.00 20.31 ? 447 GLU A C   1 
ATOM   77   O O   . GLU A 1 13  ? 5.620   -0.329  -1.610  1.00 21.07 ? 447 GLU A O   1 
ATOM   78   C CB  . GLU A 1 13  ? 4.252   -1.241  -4.133  1.00 19.53 ? 447 GLU A CB  1 
ATOM   79   C CG  . GLU A 1 13  ? 5.324   -2.198  -4.632  1.00 19.81 ? 447 GLU A CG  1 
ATOM   80   C CD  . GLU A 1 13  ? 5.630   -2.011  -6.118  1.00 24.08 ? 447 GLU A CD  1 
ATOM   81   O OE1 . GLU A 1 13  ? 4.748   -2.135  -6.989  1.00 29.34 ? 447 GLU A OE1 1 
ATOM   82   O OE2 . GLU A 1 13  ? 6.802   -1.785  -6.412  1.00 31.74 ? 447 GLU A OE2 1 
ATOM   83   N N   . THR A 1 14  ? 5.513   -2.566  -1.287  1.00 20.99 ? 448 THR A N   1 
ATOM   84   C CA  . THR A 1 14  ? 6.760   -2.580  -0.514  1.00 22.31 ? 448 THR A CA  1 
ATOM   85   C C   . THR A 1 14  ? 7.771   -3.393  -1.299  1.00 24.02 ? 448 THR A C   1 
ATOM   86   O O   . THR A 1 14  ? 7.408   -4.017  -2.308  1.00 22.76 ? 448 THR A O   1 
ATOM   87   C CB  . THR A 1 14  ? 6.501   -3.149  0.915   1.00 22.44 ? 448 THR A CB  1 
ATOM   88   O OG1 . THR A 1 14  ? 5.734   -4.364  0.840   1.00 24.29 ? 448 THR A OG1 1 
ATOM   89   C CG2 . THR A 1 14  ? 5.778   -2.143  1.728   1.00 23.73 ? 448 THR A CG2 1 
ATOM   90   N N   . THR A 1 15  ? 9.050   -3.372  -0.886  1.00 27.12 ? 449 THR A N   1 
ATOM   91   C CA  . THR A 1 15  ? 10.101  -3.967  -1.752  1.00 28.46 ? 449 THR A CA  1 
ATOM   92   C C   . THR A 1 15  ? 9.778   -5.381  -2.007  1.00 29.19 ? 449 THR A C   1 
ATOM   93   O O   . THR A 1 15  ? 9.342   -6.122  -1.080  1.00 28.77 ? 449 THR A O   1 
ATOM   94   C CB  . THR A 1 15  ? 11.555  -4.009  -1.191  1.00 29.61 ? 449 THR A CB  1 
ATOM   95   O OG1 . THR A 1 15  ? 11.545  -3.886  0.242   1.00 32.27 ? 449 THR A OG1 1 
ATOM   96   C CG2 . THR A 1 15  ? 12.345  -2.958  -1.819  1.00 28.50 ? 449 THR A CG2 1 
ATOM   97   N N   . GLY A 1 16  ? 9.982   -5.733  -3.270  1.00 28.30 ? 450 GLY A N   1 
ATOM   98   C CA  . GLY A 1 16  ? 9.606   -7.012  -3.758  1.00 28.56 ? 450 GLY A CA  1 
ATOM   99   C C   . GLY A 1 16  ? 8.483   -6.952  -4.738  1.00 26.97 ? 450 GLY A C   1 
ATOM   100  O O   . GLY A 1 16  ? 8.143   -7.962  -5.292  1.00 28.31 ? 450 GLY A O   1 
ATOM   101  N N   . GLY A 1 17  ? 7.852   -5.791  -4.901  1.00 24.93 ? 451 GLY A N   1 
ATOM   102  C CA  . GLY A 1 17  ? 6.612   -5.712  -5.655  1.00 23.75 ? 451 GLY A CA  1 
ATOM   103  C C   . GLY A 1 17  ? 5.481   -6.347  -4.841  1.00 22.00 ? 451 GLY A C   1 
ATOM   104  O O   . GLY A 1 17  ? 4.558   -6.889  -5.403  1.00 21.11 ? 451 GLY A O   1 
ATOM   105  N N   . VAL A 1 18  ? 5.596   -6.264  -3.518  1.00 22.40 ? 452 VAL A N   1 
ATOM   106  C CA  . VAL A 1 18  ? 4.665   -6.901  -2.579  1.00 21.69 ? 452 VAL A CA  1 
ATOM   107  C C   . VAL A 1 18  ? 3.579   -5.903  -2.163  1.00 21.75 ? 452 VAL A C   1 
ATOM   108  O O   . VAL A 1 18  ? 3.867   -4.771  -1.877  1.00 21.34 ? 452 VAL A O   1 
ATOM   109  C CB  . VAL A 1 18  ? 5.420   -7.446  -1.378  1.00 22.78 ? 452 VAL A CB  1 
ATOM   110  C CG1 . VAL A 1 18  ? 4.462   -7.881  -0.262  1.00 23.63 ? 452 VAL A CG1 1 
ATOM   111  C CG2 . VAL A 1 18  ? 6.345   -8.623  -1.829  1.00 22.16 ? 452 VAL A CG2 1 
ATOM   112  N N   . MET A 1 19  ? 2.323   -6.359  -2.135  1.00 21.19 ? 453 MET A N   1 
ATOM   113  C CA  . MET A 1 19  ? 1.204   -5.556  -1.605  1.00 21.76 ? 453 MET A CA  1 
ATOM   114  C C   . MET A 1 19  ? 1.238   -5.554  -0.081  1.00 20.82 ? 453 MET A C   1 
ATOM   115  O O   . MET A 1 19  ? 1.205   -6.625  0.544   1.00 21.52 ? 453 MET A O   1 
ATOM   116  C CB  . MET A 1 19  ? -0.113  -6.157  -2.112  1.00 21.76 ? 453 MET A CB  1 
ATOM   117  C CG  . MET A 1 19  ? -1.415  -5.445  -1.618  1.00 25.22 ? 453 MET A CG  1 
ATOM   118  S SD  . MET A 1 19  ? -1.594  -3.715  -2.121  1.00 26.76 ? 453 MET A SD  1 
ATOM   119  C CE  . MET A 1 19  ? -3.432  -3.566  -2.049  1.00 23.35 ? 453 MET A CE  1 
ATOM   120  N N   . THR A 1 20  ? 1.331   -4.385  0.523   1.00 21.14 ? 454 THR A N   1 
ATOM   121  C CA  . THR A 1 20  ? 1.195   -4.213  1.988   1.00 21.86 ? 454 THR A CA  1 
ATOM   122  C C   . THR A 1 20  ? -0.115  -3.472  2.277   1.00 22.21 ? 454 THR A C   1 
ATOM   123  O O   . THR A 1 20  ? -0.241  -2.298  1.970   1.00 19.87 ? 454 THR A O   1 
ATOM   124  C CB  . THR A 1 20  ? 2.392   -3.468  2.602   1.00 23.45 ? 454 THR A CB  1 
ATOM   125  O OG1 . THR A 1 20  ? 3.552   -4.278  2.438   1.00 23.71 ? 454 THR A OG1 1 
ATOM   126  C CG2 . THR A 1 20  ? 2.189   -3.160  4.097   1.00 21.71 ? 454 THR A CG2 1 
ATOM   127  N N   . PRO A 1 21  ? -1.104  -4.180  2.852   1.00 22.26 ? 455 PRO A N   1 
ATOM   128  C CA  . PRO A 1 21  ? -2.363  -3.518  3.120   1.00 22.80 ? 455 PRO A CA  1 
ATOM   129  C C   . PRO A 1 21  ? -2.294  -2.518  4.246   1.00 22.00 ? 455 PRO A C   1 
ATOM   130  O O   . PRO A 1 21  ? -1.689  -2.774  5.263   1.00 20.85 ? 455 PRO A O   1 
ATOM   131  C CB  . PRO A 1 21  ? -3.343  -4.647  3.462   1.00 23.39 ? 455 PRO A CB  1 
ATOM   132  C CG  . PRO A 1 21  ? -2.658  -5.911  3.043   1.00 25.61 ? 455 PRO A CG  1 
ATOM   133  C CD  . PRO A 1 21  ? -1.177  -5.643  2.966   1.00 23.95 ? 455 PRO A CD  1 
ATOM   134  N N   . LEU A 1 22  ? -2.943  -1.375  4.035   1.00 22.82 ? 456 LEU A N   1 
ATOM   135  C CA  . LEU A 1 22  ? -3.164  -0.377  5.086   1.00 23.24 ? 456 LEU A CA  1 
ATOM   136  C C   . LEU A 1 22  ? -4.632  -0.428  5.579   1.00 22.95 ? 456 LEU A C   1 
ATOM   137  O O   . LEU A 1 22  ? -4.876  -0.315  6.767   1.00 22.69 ? 456 LEU A O   1 
ATOM   138  C CB  . LEU A 1 22  ? -2.808  1.036   4.578   1.00 23.31 ? 456 LEU A CB  1 
ATOM   139  C CG  . LEU A 1 22  ? -1.355  1.526   4.768   1.00 23.82 ? 456 LEU A CG  1 
ATOM   140  C CD1 . LEU A 1 22  ? -1.042  1.769   6.243   1.00 24.08 ? 456 LEU A CD1 1 
ATOM   141  C CD2 . LEU A 1 22  ? -0.355  0.607   4.127   1.00 23.45 ? 456 LEU A CD2 1 
ATOM   142  N N   . ILE A 1 23  ? -5.593  -0.539  4.657   1.00 22.24 ? 457 ILE A N   1 
ATOM   143  C CA  . ILE A 1 23  ? -6.999  -0.738  5.018   1.00 21.49 ? 457 ILE A CA  1 
ATOM   144  C C   . ILE A 1 23  ? -7.541  -1.965  4.335   1.00 22.10 ? 457 ILE A C   1 
ATOM   145  O O   . ILE A 1 23  ? -7.776  -1.969  3.127   1.00 20.91 ? 457 ILE A O   1 
ATOM   146  C CB  . ILE A 1 23  ? -7.892  0.492   4.629   1.00 21.71 ? 457 ILE A CB  1 
ATOM   147  C CG1 . ILE A 1 23  ? -7.278  1.805   5.143   1.00 20.77 ? 457 ILE A CG1 1 
ATOM   148  C CG2 . ILE A 1 23  ? -9.325  0.274   5.122   1.00 21.34 ? 457 ILE A CG2 1 
ATOM   149  C CD1 . ILE A 1 23  ? -7.940  3.051   4.568   1.00 19.92 ? 457 ILE A CD1 1 
ATOM   150  N N   . LYS A 1 24  ? -7.860  -2.976  5.127   1.00 22.68 ? 458 LYS A N   1 
ATOM   151  C CA  . LYS A 1 24  ? -8.464  -4.165  4.601   1.00 23.99 ? 458 LYS A CA  1 
ATOM   152  C C   . LYS A 1 24  ? -9.868  -3.902  4.074   1.00 23.33 ? 458 LYS A C   1 
ATOM   153  O O   . LYS A 1 24  ? -10.568 -2.977  4.533   1.00 21.77 ? 458 LYS A O   1 
ATOM   154  C CB  . LYS A 1 24  ? -8.536  -5.200  5.709   1.00 25.98 ? 458 LYS A CB  1 
ATOM   155  C CG  . LYS A 1 24  ? -7.171  -5.655  6.182   1.00 31.39 ? 458 LYS A CG  1 
ATOM   156  C CD  . LYS A 1 24  ? -7.316  -6.550  7.411   1.00 38.00 ? 458 LYS A CD  1 
ATOM   157  C CE  . LYS A 1 24  ? -5.930  -6.904  8.025   1.00 42.06 ? 458 LYS A CE  1 
ATOM   158  N NZ  . LYS A 1 24  ? -6.106  -7.656  9.310   1.00 43.96 ? 458 LYS A NZ  1 
ATOM   159  N N   . ARG A 1 25  ? -10.284 -4.704  3.109   1.00 22.22 ? 459 ARG A N   1 
ATOM   160  C CA  . ARG A 1 25  ? -11.614 -4.534  2.536   1.00 23.01 ? 459 ARG A CA  1 
ATOM   161  C C   . ARG A 1 25  ? -12.664 -4.706  3.634   1.00 22.48 ? 459 ARG A C   1 
ATOM   162  O O   . ARG A 1 25  ? -12.446 -5.402  4.610   1.00 20.66 ? 459 ARG A O   1 
ATOM   163  C CB  . ARG A 1 25  ? -11.877 -5.529  1.388   1.00 23.54 ? 459 ARG A CB  1 
ATOM   164  C CG  . ARG A 1 25  ? -11.744 -6.955  1.760   1.00 25.19 ? 459 ARG A CG  1 
ATOM   165  C CD  . ARG A 1 25  ? -12.274 -7.893  0.639   1.00 27.34 ? 459 ARG A CD  1 
ATOM   166  N NE  . ARG A 1 25  ? -12.269 -9.269  1.133   1.00 30.31 ? 459 ARG A NE  1 
ATOM   167  C CZ  . ARG A 1 25  ? -11.228 -10.127 1.114   1.00 33.45 ? 459 ARG A CZ  1 
ATOM   168  N NH1 . ARG A 1 25  ? -10.027 -9.832  0.567   1.00 30.50 ? 459 ARG A NH1 1 
ATOM   169  N NH2 . ARG A 1 25  ? -11.409 -11.341 1.646   1.00 34.85 ? 459 ARG A NH2 1 
ATOM   170  N N   . ASN A 1 26  ? -13.797 -4.059  3.444   1.00 22.14 ? 460 ASN A N   1 
ATOM   171  C CA  . ASN A 1 26  ? -14.893 -4.128  4.367   1.00 22.43 ? 460 ASN A CA  1 
ATOM   172  C C   . ASN A 1 26  ? -14.699 -3.446  5.713   1.00 22.23 ? 460 ASN A C   1 
ATOM   173  O O   . ASN A 1 26  ? -15.406 -3.793  6.666   1.00 21.56 ? 460 ASN A O   1 
ATOM   174  C CB  . ASN A 1 26  ? -15.370 -5.568  4.590   1.00 22.46 ? 460 ASN A CB  1 
ATOM   175  C CG  . ASN A 1 26  ? -16.828 -5.609  5.014   1.00 26.85 ? 460 ASN A CG  1 
ATOM   176  O OD1 . ASN A 1 26  ? -17.643 -4.830  4.490   1.00 29.50 ? 460 ASN A OD1 1 
ATOM   177  N ND2 . ASN A 1 26  ? -17.165 -6.465  5.998   1.00 26.31 ? 460 ASN A ND2 1 
ATOM   178  N N   . THR A 1 27  ? -13.829 -2.439  5.770   1.00 21.11 ? 461 THR A N   1 
ATOM   179  C CA  . THR A 1 27  ? -13.590 -1.682  6.996   1.00 21.82 ? 461 THR A CA  1 
ATOM   180  C C   . THR A 1 27  ? -14.587 -0.524  7.027   1.00 22.01 ? 461 THR A C   1 
ATOM   181  O O   . THR A 1 27  ? -14.866 0.069   5.999   1.00 21.06 ? 461 THR A O   1 
ATOM   182  C CB  . THR A 1 27  ? -12.137 -1.166  7.084   1.00 21.65 ? 461 THR A CB  1 
ATOM   183  O OG1 . THR A 1 27  ? -11.236 -2.279  7.044   1.00 23.56 ? 461 THR A OG1 1 
ATOM   184  C CG2 . THR A 1 27  ? -11.881 -0.336  8.345   1.00 20.67 ? 461 THR A CG2 1 
ATOM   185  N N   . ALA A 1 28  ? -15.160 -0.260  8.203   1.00 22.45 ? 462 ALA A N   1 
ATOM   186  C CA  . ALA A 1 28  ? -16.120 0.826   8.377   1.00 22.77 ? 462 ALA A CA  1 
ATOM   187  C C   . ALA A 1 28  ? -15.390 2.123   8.151   1.00 23.00 ? 462 ALA A C   1 
ATOM   188  O O   . ALA A 1 28  ? -14.253 2.324   8.614   1.00 22.44 ? 462 ALA A O   1 
ATOM   189  C CB  . ALA A 1 28  ? -16.766 0.802   9.809   1.00 23.07 ? 462 ALA A CB  1 
ATOM   190  N N   . ILE A 1 29  ? -16.029 2.994   7.385   1.00 23.41 ? 463 ILE A N   1 
ATOM   191  C CA  . ILE A 1 29  ? -15.452 4.291   7.093   1.00 24.11 ? 463 ILE A CA  1 
ATOM   192  C C   . ILE A 1 29  ? -16.371 5.333   7.774   1.00 23.71 ? 463 ILE A C   1 
ATOM   193  O O   . ILE A 1 29  ? -17.550 5.106   7.904   1.00 22.52 ? 463 ILE A O   1 
ATOM   194  C CB  . ILE A 1 29  ? -15.290 4.507   5.580   1.00 25.23 ? 463 ILE A CB  1 
ATOM   195  C CG1 . ILE A 1 29  ? -16.626 4.406   4.853   1.00 27.78 ? 463 ILE A CG1 1 
ATOM   196  C CG2 . ILE A 1 29  ? -14.370 3.440   4.976   1.00 26.16 ? 463 ILE A CG2 1 
ATOM   197  C CD1 . ILE A 1 29  ? -16.536 4.808   3.379   1.00 33.43 ? 463 ILE A CD1 1 
ATOM   198  N N   . PRO A 1 30  ? -15.819 6.453   8.229   1.00 23.80 ? 464 PRO A N   1 
ATOM   199  C CA  . PRO A 1 30  ? -14.426 6.823   8.007   1.00 24.48 ? 464 PRO A CA  1 
ATOM   200  C C   . PRO A 1 30  ? -13.443 6.014   8.865   1.00 24.54 ? 464 PRO A C   1 
ATOM   201  O O   . PRO A 1 30  ? -13.823 5.429   9.873   1.00 24.07 ? 464 PRO A O   1 
ATOM   202  C CB  . PRO A 1 30  ? -14.394 8.317   8.370   1.00 24.51 ? 464 PRO A CB  1 
ATOM   203  C CG  . PRO A 1 30  ? -15.508 8.489   9.399   1.00 24.82 ? 464 PRO A CG  1 
ATOM   204  C CD  . PRO A 1 30  ? -16.525 7.395   9.124   1.00 24.59 ? 464 PRO A CD  1 
ATOM   205  N N   . THR A 1 31  ? -12.193 5.976   8.437   1.00 24.81 ? 465 THR A N   1 
ATOM   206  C CA  . THR A 1 31  ? -11.158 5.215   9.140   1.00 25.54 ? 465 THR A CA  1 
ATOM   207  C C   . THR A 1 31  ? -9.835  5.850   8.776   1.00 26.46 ? 465 THR A C   1 
ATOM   208  O O   . THR A 1 31  ? -9.726  6.535   7.734   1.00 26.22 ? 465 THR A O   1 
ATOM   209  C CB  . THR A 1 31  ? -11.157 3.678   8.755   1.00 26.51 ? 465 THR A CB  1 
ATOM   210  O OG1 . THR A 1 31  ? -10.186 2.969   9.535   1.00 27.07 ? 465 THR A OG1 1 
ATOM   211  C CG2 . THR A 1 31  ? -10.826 3.457   7.263   1.00 24.43 ? 465 THR A CG2 1 
ATOM   212  N N   . LYS A 1 32  ? -8.839  5.618   9.634   1.00 25.95 ? 466 LYS A N   1 
ATOM   213  C CA  . LYS A 1 32  ? -7.501  6.117   9.460   1.00 26.51 ? 466 LYS A CA  1 
ATOM   214  C C   . LYS A 1 32  ? -6.547  5.040   9.971   1.00 26.43 ? 466 LYS A C   1 
ATOM   215  O O   . LYS A 1 32  ? -6.701  4.543   11.081  1.00 25.79 ? 466 LYS A O   1 
ATOM   216  C CB  . LYS A 1 32  ? -7.304  7.395   10.269  1.00 27.41 ? 466 LYS A CB  1 
ATOM   217  C CG  . LYS A 1 32  ? -5.939  8.016   10.063  1.00 30.27 ? 466 LYS A CG  1 
ATOM   218  C CD  . LYS A 1 32  ? -5.867  9.413   10.609  1.00 35.44 ? 466 LYS A CD  1 
ATOM   219  C CE  . LYS A 1 32  ? -4.703  9.569   11.597  1.00 38.82 ? 466 LYS A CE  1 
ATOM   220  N NZ  . LYS A 1 32  ? -4.881  10.822  12.418  1.00 42.30 ? 466 LYS A NZ  1 
ATOM   221  N N   . LYS A 1 33  ? -5.614  4.621   9.130   1.00 26.03 ? 467 LYS A N   1 
ATOM   222  C CA  . LYS A 1 33  ? -4.636  3.599   9.488   1.00 25.85 ? 467 LYS A CA  1 
ATOM   223  C C   . LYS A 1 33  ? -3.282  4.076   9.099   1.00 25.86 ? 467 LYS A C   1 
ATOM   224  O O   . LYS A 1 33  ? -3.129  4.734   8.062   1.00 24.85 ? 467 LYS A O   1 
ATOM   225  C CB  . LYS A 1 33  ? -4.900  2.327   8.722   1.00 26.40 ? 467 LYS A CB  1 
ATOM   226  C CG  . LYS A 1 33  ? -6.296  1.769   8.897   1.00 29.54 ? 467 LYS A CG  1 
ATOM   227  C CD  . LYS A 1 33  ? -6.442  1.063   10.181  1.00 29.33 ? 467 LYS A CD  1 
ATOM   228  C CE  . LYS A 1 33  ? -7.851  0.463   10.312  1.00 33.16 ? 467 LYS A CE  1 
ATOM   229  N NZ  . LYS A 1 33  ? -8.024  0.024   11.738  1.00 32.97 ? 467 LYS A NZ  1 
ATOM   230  N N   . SER A 1 34  ? -2.306  3.738   9.927   1.00 25.37 ? 468 SER A N   1 
ATOM   231  C CA  . SER A 1 34  ? -0.926  4.191   9.721   1.00 26.65 ? 468 SER A CA  1 
ATOM   232  C C   . SER A 1 34  ? 0.024   3.056   9.979   1.00 26.50 ? 468 SER A C   1 
ATOM   233  O O   . SER A 1 34  ? -0.260  2.185   10.802  1.00 25.78 ? 468 SER A O   1 
ATOM   234  C CB  . SER A 1 34  ? -0.570  5.336   10.694  1.00 26.85 ? 468 SER A CB  1 
ATOM   235  O OG  . SER A 1 34  ? -1.215  6.529   10.307  1.00 27.98 ? 468 SER A OG  1 
ATOM   236  N N   . GLN A 1 35  ? 1.143   3.069   9.275   1.00 25.69 ? 469 GLN A N   1 
ATOM   237  C CA  . GLN A 1 35  ? 2.244   2.153   9.512   1.00 26.47 ? 469 GLN A CA  1 
ATOM   238  C C   . GLN A 1 35  ? 3.563   2.827   9.187   1.00 25.72 ? 469 GLN A C   1 
ATOM   239  O O   . GLN A 1 35  ? 3.608   3.794   8.397   1.00 24.41 ? 469 GLN A O   1 
ATOM   240  C CB  . GLN A 1 35  ? 2.147   0.902   8.616   1.00 26.64 ? 469 GLN A CB  1 
ATOM   241  C CG  . GLN A 1 35  ? 1.098   -0.146  9.015   1.00 31.98 ? 469 GLN A CG  1 
ATOM   242  C CD  . GLN A 1 35  ? 1.024   -1.322  8.015   1.00 34.29 ? 469 GLN A CD  1 
ATOM   243  O OE1 . GLN A 1 35  ? 2.045   -1.742  7.456   1.00 36.62 ? 469 GLN A OE1 1 
ATOM   244  N NE2 . GLN A 1 35  ? -0.183  -1.845  7.791   1.00 33.56 ? 469 GLN A NE2 1 
ATOM   245  N N   . ILE A 1 36  ? 4.642   2.263   9.733   1.00 25.01 ? 470 ILE A N   1 
ATOM   246  C CA  . ILE A 1 36  ? 5.958   2.846   9.573   1.00 25.64 ? 470 ILE A CA  1 
ATOM   247  C C   . ILE A 1 36  ? 6.774   2.004   8.636   1.00 25.25 ? 470 ILE A C   1 
ATOM   248  O O   . ILE A 1 36  ? 6.748   0.761   8.692   1.00 24.45 ? 470 ILE A O   1 
ATOM   249  C CB  . ILE A 1 36  ? 6.696   3.037   10.928  1.00 27.11 ? 470 ILE A CB  1 
ATOM   250  C CG1 . ILE A 1 36  ? 6.045   4.182   11.700  1.00 30.59 ? 470 ILE A CG1 1 
ATOM   251  C CG2 . ILE A 1 36  ? 8.190   3.378   10.719  1.00 28.19 ? 470 ILE A CG2 1 
ATOM   252  C CD1 . ILE A 1 36  ? 6.419   5.523   11.187  1.00 35.13 ? 470 ILE A CD1 1 
ATOM   253  N N   . PHE A 1 37  ? 7.451   2.693   7.716   1.00 23.99 ? 471 PHE A N   1 
ATOM   254  C CA  . PHE A 1 37  ? 8.276   2.046   6.692   1.00 24.47 ? 471 PHE A CA  1 
ATOM   255  C C   . PHE A 1 37  ? 9.639   2.720   6.728   1.00 24.75 ? 471 PHE A C   1 
ATOM   256  O O   . PHE A 1 37  ? 9.779   3.798   7.319   1.00 26.39 ? 471 PHE A O   1 
ATOM   257  C CB  . PHE A 1 37  ? 7.645   2.191   5.282   1.00 24.47 ? 471 PHE A CB  1 
ATOM   258  C CG  . PHE A 1 37  ? 6.300   1.548   5.170   1.00 22.62 ? 471 PHE A CG  1 
ATOM   259  C CD1 . PHE A 1 37  ? 6.185   0.225   4.727   1.00 23.64 ? 471 PHE A CD1 1 
ATOM   260  C CD2 . PHE A 1 37  ? 5.144   2.233   5.583   1.00 20.00 ? 471 PHE A CD2 1 
ATOM   261  C CE1 . PHE A 1 37  ? 4.903   -0.419  4.705   1.00 23.92 ? 471 PHE A CE1 1 
ATOM   262  C CE2 . PHE A 1 37  ? 3.889   1.606   5.570   1.00 21.48 ? 471 PHE A CE2 1 
ATOM   263  C CZ  . PHE A 1 37  ? 3.766   0.304   5.120   1.00 23.96 ? 471 PHE A CZ  1 
ATOM   264  N N   . SER A 1 38  ? 10.622  2.094   6.104   1.00 25.00 ? 472 SER A N   1 
ATOM   265  C CA  . SER A 1 38  ? 11.955  2.679   5.994   1.00 25.71 ? 472 SER A CA  1 
ATOM   266  C C   . SER A 1 38  ? 12.415  2.517   4.586   1.00 25.68 ? 472 SER A C   1 
ATOM   267  O O   . SER A 1 38  ? 11.683  2.006   3.739   1.00 25.97 ? 472 SER A O   1 
ATOM   268  C CB  . SER A 1 38  ? 12.987  2.002   6.908   1.00 26.23 ? 472 SER A CB  1 
ATOM   269  O OG  . SER A 1 38  ? 14.118  2.877   7.045   1.00 25.36 ? 472 SER A OG  1 
ATOM   270  N N   . THR A 1 39  ? 13.632  2.965   4.328   1.00 25.69 ? 473 THR A N   1 
ATOM   271  C CA  . THR A 1 39  ? 14.262  2.849   3.017   1.00 25.48 ? 473 THR A CA  1 
ATOM   272  C C   . THR A 1 39  ? 14.839  1.476   2.844   1.00 25.55 ? 473 THR A C   1 
ATOM   273  O O   . THR A 1 39  ? 15.098  0.790   3.847   1.00 26.63 ? 473 THR A O   1 
ATOM   274  C CB  . THR A 1 39  ? 15.432  3.833   2.884   1.00 25.79 ? 473 THR A CB  1 
ATOM   275  O OG1 . THR A 1 39  ? 16.339  3.576   3.953   1.00 23.51 ? 473 THR A OG1 1 
ATOM   276  C CG2 . THR A 1 39  ? 14.963  5.267   2.934   1.00 26.57 ? 473 THR A CG2 1 
ATOM   277  N N   . ALA A 1 40  ? 15.120  1.120   1.581   1.00 24.72 ? 474 ALA A N   1 
ATOM   278  C CA  . ALA A 1 40  ? 15.601  -0.213  1.166   1.00 24.91 ? 474 ALA A CA  1 
ATOM   279  C C   . ALA A 1 40  ? 17.065  -0.334  0.856   1.00 24.32 ? 474 ALA A C   1 
ATOM   280  O O   . ALA A 1 40  ? 17.612  -1.441  0.889   1.00 25.87 ? 474 ALA A O   1 
ATOM   281  C CB  . ALA A 1 40  ? 14.820  -0.671  -0.099  1.00 24.67 ? 474 ALA A CB  1 
ATOM   282  N N   . VAL A 1 41  ? 17.707  0.769   0.491   1.00 23.52 ? 475 VAL A N   1 
ATOM   283  C CA  . VAL A 1 41  ? 19.127  0.764   0.218   1.00 22.67 ? 475 VAL A CA  1 
ATOM   284  C C   . VAL A 1 41  ? 19.754  1.946   0.993   1.00 21.97 ? 475 VAL A C   1 
ATOM   285  O O   . VAL A 1 41  ? 19.086  2.905   1.340   1.00 20.97 ? 475 VAL A O   1 
ATOM   286  C CB  . VAL A 1 41  ? 19.422  0.908   -1.292  1.00 22.83 ? 475 VAL A CB  1 
ATOM   287  C CG1 . VAL A 1 41  ? 18.751  -0.309  -2.138  1.00 24.04 ? 475 VAL A CG1 1 
ATOM   288  C CG2 . VAL A 1 41  ? 18.944  2.254   -1.750  1.00 20.41 ? 475 VAL A CG2 1 
ATOM   289  N N   . ASP A 1 42  ? 21.044  1.867   1.234   1.00 22.27 ? 476 ASP A N   1 
ATOM   290  C CA  . ASP A 1 42  ? 21.740  2.913   2.004   1.00 22.04 ? 476 ASP A CA  1 
ATOM   291  C C   . ASP A 1 42  ? 21.786  4.233   1.233   1.00 22.43 ? 476 ASP A C   1 
ATOM   292  O O   . ASP A 1 42  ? 22.001  4.234   -0.008  1.00 22.90 ? 476 ASP A O   1 
ATOM   293  C CB  . ASP A 1 42  ? 23.155  2.466   2.260   1.00 22.44 ? 476 ASP A CB  1 
ATOM   294  C CG  . ASP A 1 42  ? 23.243  1.297   3.208   1.00 22.88 ? 476 ASP A CG  1 
ATOM   295  O OD1 . ASP A 1 42  ? 22.389  1.124   4.109   1.00 21.73 ? 476 ASP A OD1 1 
ATOM   296  O OD2 . ASP A 1 42  ? 24.213  0.573   3.029   1.00 25.61 ? 476 ASP A OD2 1 
ATOM   297  N N   . ASN A 1 43  ? 21.579  5.343   1.950   1.00 21.53 ? 477 ASN A N   1 
ATOM   298  C CA  . ASN A 1 43  ? 21.614  6.678   1.383   1.00 21.39 ? 477 ASN A CA  1 
ATOM   299  C C   . ASN A 1 43  ? 20.507  6.988   0.399   1.00 21.86 ? 477 ASN A C   1 
ATOM   300  O O   . ASN A 1 43  ? 20.627  7.889   -0.416  1.00 20.66 ? 477 ASN A O   1 
ATOM   301  C CB  . ASN A 1 43  ? 22.975  6.954   0.765   1.00 21.73 ? 477 ASN A CB  1 
ATOM   302  C CG  . ASN A 1 43  ? 24.077  6.887   1.805   1.00 23.59 ? 477 ASN A CG  1 
ATOM   303  O OD1 . ASN A 1 43  ? 23.904  7.419   2.898   1.00 21.33 ? 477 ASN A OD1 1 
ATOM   304  N ND2 . ASN A 1 43  ? 25.163  6.167   1.507   1.00 23.32 ? 477 ASN A ND2 1 
ATOM   305  N N   . GLN A 1 44  ? 19.430  6.232   0.506   1.00 22.32 ? 478 GLN A N   1 
ATOM   306  C CA  . GLN A 1 44  ? 18.270  6.394   -0.384  1.00 22.69 ? 478 GLN A CA  1 
ATOM   307  C C   . GLN A 1 44  ? 17.648  7.781   -0.163  1.00 22.89 ? 478 GLN A C   1 
ATOM   308  O O   . GLN A 1 44  ? 17.203  8.094   0.929   1.00 22.45 ? 478 GLN A O   1 
ATOM   309  C CB  . GLN A 1 44  ? 17.254  5.303   -0.133  1.00 22.77 ? 478 GLN A CB  1 
ATOM   310  C CG  . GLN A 1 44  ? 16.243  5.131   -1.276  1.00 22.42 ? 478 GLN A CG  1 
ATOM   311  C CD  . GLN A 1 44  ? 15.300  4.004   -1.012  1.00 24.26 ? 478 GLN A CD  1 
ATOM   312  O OE1 . GLN A 1 44  ? 15.741  2.868   -0.740  1.00 21.82 ? 478 GLN A OE1 1 
ATOM   313  N NE2 . GLN A 1 44  ? 13.979  4.291   -1.087  1.00 24.31 ? 478 GLN A NE2 1 
ATOM   314  N N   . PRO A 1 45  ? 17.608  8.599   -1.220  1.00 23.21 ? 479 PRO A N   1 
ATOM   315  C CA  . PRO A 1 45  ? 17.157  9.962   -1.074  1.00 23.90 ? 479 PRO A CA  1 
ATOM   316  C C   . PRO A 1 45  ? 15.664  10.148  -1.161  1.00 23.11 ? 479 PRO A C   1 
ATOM   317  O O   . PRO A 1 45  ? 15.177  11.181  -0.742  1.00 24.13 ? 479 PRO A O   1 
ATOM   318  C CB  . PRO A 1 45  ? 17.866  10.697  -2.217  1.00 23.54 ? 479 PRO A CB  1 
ATOM   319  C CG  . PRO A 1 45  ? 18.020  9.674   -3.271  1.00 24.67 ? 479 PRO A CG  1 
ATOM   320  C CD  . PRO A 1 45  ? 18.142  8.344   -2.559  1.00 24.28 ? 479 PRO A CD  1 
ATOM   321  N N   . THR A 1 46  ? 14.940  9.210   -1.769  1.00 23.66 ? 480 THR A N   1 
ATOM   322  C CA  . THR A 1 46  ? 13.480  9.347   -1.870  1.00 23.19 ? 480 THR A CA  1 
ATOM   323  C C   . THR A 1 46  ? 12.822  7.975   -1.678  1.00 22.25 ? 480 THR A C   1 
ATOM   324  O O   . THR A 1 46  ? 13.449  6.937   -1.910  1.00 21.57 ? 480 THR A O   1 
ATOM   325  C CB  . THR A 1 46  ? 13.035  9.955   -3.225  1.00 24.62 ? 480 THR A CB  1 
ATOM   326  O OG1 . THR A 1 46  ? 12.893  8.894   -4.159  1.00 24.25 ? 480 THR A OG1 1 
ATOM   327  C CG2 . THR A 1 46  ? 14.054  11.050  -3.796  1.00 24.55 ? 480 THR A CG2 1 
ATOM   328  N N   . VAL A 1 47  ? 11.576  7.971   -1.230  1.00 22.42 ? 481 VAL A N   1 
ATOM   329  C CA  . VAL A 1 47  ? 10.799  6.742   -1.213  1.00 22.39 ? 481 VAL A CA  1 
ATOM   330  C C   . VAL A 1 47  ? 9.582   6.892   -2.135  1.00 22.50 ? 481 VAL A C   1 
ATOM   331  O O   . VAL A 1 47  ? 8.868   7.952   -2.150  1.00 21.94 ? 481 VAL A O   1 
ATOM   332  C CB  . VAL A 1 47  ? 10.358  6.269   0.193   1.00 22.52 ? 481 VAL A CB  1 
ATOM   333  C CG1 . VAL A 1 47  ? 11.582  5.976   1.040   1.00 23.11 ? 481 VAL A CG1 1 
ATOM   334  C CG2 . VAL A 1 47  ? 9.432   7.304   0.891   1.00 22.27 ? 481 VAL A CG2 1 
ATOM   335  N N   . MET A 1 48  ? 9.336   5.802   -2.853  1.00 21.41 ? 482 MET A N   1 
ATOM   336  C CA  . MET A 1 48  ? 8.223   5.717   -3.793  1.00 22.40 ? 482 MET A CA  1 
ATOM   337  C C   . MET A 1 48  ? 6.953   5.195   -3.108  1.00 20.55 ? 482 MET A C   1 
ATOM   338  O O   . MET A 1 48  ? 6.955   4.128   -2.482  1.00 21.82 ? 482 MET A O   1 
ATOM   339  C CB  . MET A 1 48  ? 8.631   4.763   -4.910  1.00 24.19 ? 482 MET A CB  1 
ATOM   340  C CG  . MET A 1 48  ? 7.515   4.537   -5.912  1.00 27.72 ? 482 MET A CG  1 
ATOM   341  S SD  . MET A 1 48  ? 7.128   6.070   -6.719  1.00 35.55 ? 482 MET A SD  1 
ATOM   342  C CE  . MET A 1 48  ? 8.818   6.369   -7.344  1.00 35.81 ? 482 MET A CE  1 
ATOM   343  N N   . ILE A 1 49  ? 5.892   5.996   -3.135  1.00 19.08 ? 483 ILE A N   1 
ATOM   344  C CA  . ILE A 1 49  ? 4.606   5.606   -2.593  1.00 18.01 ? 483 ILE A CA  1 
ATOM   345  C C   . ILE A 1 49  ? 3.620   5.251   -3.721  1.00 18.35 ? 483 ILE A C   1 
ATOM   346  O O   . ILE A 1 49  ? 3.065   6.145   -4.380  1.00 17.30 ? 483 ILE A O   1 
ATOM   347  C CB  . ILE A 1 49  ? 3.940   6.683   -1.692  1.00 17.97 ? 483 ILE A CB  1 
ATOM   348  C CG1 . ILE A 1 49  ? 4.957   7.286   -0.683  1.00 19.54 ? 483 ILE A CG1 1 
ATOM   349  C CG2 . ILE A 1 49  ? 2.662   6.051   -0.968  1.00 17.17 ? 483 ILE A CG2 1 
ATOM   350  C CD1 . ILE A 1 49  ? 5.634   6.300   0.209   1.00 20.09 ? 483 ILE A CD1 1 
ATOM   351  N N   . LYS A 1 50  ? 3.426   3.953   -3.926  1.00 17.67 ? 484 LYS A N   1 
ATOM   352  C CA  . LYS A 1 50  ? 2.472   3.456   -4.941  1.00 17.55 ? 484 LYS A CA  1 
ATOM   353  C C   . LYS A 1 50  ? 1.259   2.893   -4.214  1.00 18.04 ? 484 LYS A C   1 
ATOM   354  O O   . LYS A 1 50  ? 1.395   1.911   -3.480  1.00 17.71 ? 484 LYS A O   1 
ATOM   355  C CB  . LYS A 1 50  ? 3.105   2.378   -5.788  1.00 17.49 ? 484 LYS A CB  1 
ATOM   356  C CG  . LYS A 1 50  ? 4.346   2.839   -6.651  1.00 21.84 ? 484 LYS A CG  1 
ATOM   357  C CD  . LYS A 1 50  ? 4.426   1.889   -7.840  1.00 27.84 ? 484 LYS A CD  1 
ATOM   358  C CE  . LYS A 1 50  ? 5.696   1.281   -7.969  1.00 31.38 ? 484 LYS A CE  1 
ATOM   359  N NZ  . LYS A 1 50  ? 5.524   0.220   -9.016  1.00 32.34 ? 484 LYS A NZ  1 
ATOM   360  N N   . VAL A 1 51  ? 0.091   3.487   -4.448  1.00 17.10 ? 485 VAL A N   1 
ATOM   361  C CA  . VAL A 1 51  ? -1.132  3.140   -3.737  1.00 16.65 ? 485 VAL A CA  1 
ATOM   362  C C   . VAL A 1 51  ? -1.948  2.209   -4.632  1.00 16.68 ? 485 VAL A C   1 
ATOM   363  O O   . VAL A 1 51  ? -2.246  2.560   -5.762  1.00 16.24 ? 485 VAL A O   1 
ATOM   364  C CB  . VAL A 1 51  ? -1.962  4.412   -3.351  1.00 16.25 ? 485 VAL A CB  1 
ATOM   365  C CG1 . VAL A 1 51  ? -3.296  4.014   -2.655  1.00 16.72 ? 485 VAL A CG1 1 
ATOM   366  C CG2 . VAL A 1 51  ? -1.116  5.416   -2.431  1.00 17.02 ? 485 VAL A CG2 1 
ATOM   367  N N   . TYR A 1 52  ? -2.245  1.023   -4.130  1.00 15.96 ? 486 TYR A N   1 
ATOM   368  C CA  . TYR A 1 52  ? -2.910  0.000   -4.872  1.00 17.58 ? 486 TYR A CA  1 
ATOM   369  C C   . TYR A 1 52  ? -4.211  -0.376  -4.175  1.00 17.48 ? 486 TYR A C   1 
ATOM   370  O O   . TYR A 1 52  ? -4.322  -0.333  -2.943  1.00 16.75 ? 486 TYR A O   1 
ATOM   371  C CB  . TYR A 1 52  ? -2.001  -1.279  -4.963  1.00 18.18 ? 486 TYR A CB  1 
ATOM   372  C CG  . TYR A 1 52  ? -0.946  -1.190  -6.034  1.00 18.34 ? 486 TYR A CG  1 
ATOM   373  C CD1 . TYR A 1 52  ? -1.261  -1.499  -7.334  1.00 19.21 ? 486 TYR A CD1 1 
ATOM   374  C CD2 . TYR A 1 52  ? 0.361   -0.743  -5.748  1.00 17.89 ? 486 TYR A CD2 1 
ATOM   375  C CE1 . TYR A 1 52  ? -0.319  -1.386  -8.383  1.00 19.74 ? 486 TYR A CE1 1 
ATOM   376  C CE2 . TYR A 1 52  ? 1.326   -0.642  -6.788  1.00 19.09 ? 486 TYR A CE2 1 
ATOM   377  C CZ  . TYR A 1 52  ? 0.980   -0.971  -8.078  1.00 21.38 ? 486 TYR A CZ  1 
ATOM   378  O OH  . TYR A 1 52  ? 1.880   -0.869  -9.113  1.00 22.42 ? 486 TYR A OH  1 
ATOM   379  N N   . GLU A 1 53  ? -5.152  -0.845  -4.991  1.00 16.95 ? 487 GLU A N   1 
ATOM   380  C CA  . GLU A 1 53  ? -6.392  -1.354  -4.533  1.00 17.50 ? 487 GLU A CA  1 
ATOM   381  C C   . GLU A 1 53  ? -6.591  -2.768  -5.107  1.00 17.80 ? 487 GLU A C   1 
ATOM   382  O O   . GLU A 1 53  ? -6.473  -2.981  -6.329  1.00 17.92 ? 487 GLU A O   1 
ATOM   383  C CB  . GLU A 1 53  ? -7.479  -0.408  -5.107  1.00 18.13 ? 487 GLU A CB  1 
ATOM   384  C CG  . GLU A 1 53  ? -8.864  -0.784  -4.751  1.00 19.93 ? 487 GLU A CG  1 
ATOM   385  C CD  . GLU A 1 53  ? -9.865  0.247   -5.273  1.00 23.18 ? 487 GLU A CD  1 
ATOM   386  O OE1 . GLU A 1 53  ? -9.899  0.414   -6.501  1.00 23.93 ? 487 GLU A OE1 1 
ATOM   387  O OE2 . GLU A 1 53  ? -10.531 0.901   -4.443  1.00 25.98 ? 487 GLU A OE2 1 
ATOM   388  N N   . GLY A 1 54  ? -6.913  -3.721  -4.238  1.00 18.67 ? 488 GLY A N   1 
ATOM   389  C CA  . GLY A 1 54  ? -7.271  -5.051  -4.679  1.00 18.53 ? 488 GLY A CA  1 
ATOM   390  C C   . GLY A 1 54  ? -6.802  -6.111  -3.697  1.00 19.94 ? 488 GLY A C   1 
ATOM   391  O O   . GLY A 1 54  ? -6.164  -5.798  -2.665  1.00 18.27 ? 488 GLY A O   1 
ATOM   392  N N   . GLU A 1 55  ? -7.120  -7.364  -4.014  1.00 19.88 ? 489 GLU A N   1 
ATOM   393  C CA  . GLU A 1 55  ? -7.034  -8.438  -3.029  1.00 20.61 ? 489 GLU A CA  1 
ATOM   394  C C   . GLU A 1 55  ? -5.881  -9.395  -3.288  1.00 21.07 ? 489 GLU A C   1 
ATOM   395  O O   . GLU A 1 55  ? -5.730  -10.354 -2.536  1.00 19.58 ? 489 GLU A O   1 
ATOM   396  C CB  . GLU A 1 55  ? -8.356  -9.243  -2.980  1.00 21.13 ? 489 GLU A CB  1 
ATOM   397  C CG  . GLU A 1 55  ? -9.610  -8.363  -2.872  1.00 21.28 ? 489 GLU A CG  1 
ATOM   398  C CD  . GLU A 1 55  ? -9.477  -7.281  -1.827  1.00 21.67 ? 489 GLU A CD  1 
ATOM   399  O OE1 . GLU A 1 55  ? -9.075  -7.577  -0.697  1.00 23.78 ? 489 GLU A OE1 1 
ATOM   400  O OE2 . GLU A 1 55  ? -9.769  -6.116  -2.131  1.00 23.85 ? 489 GLU A OE2 1 
ATOM   401  N N   . ARG A 1 56  ? -5.047  -9.109  -4.293  1.00 19.36 ? 490 ARG A N   1 
ATOM   402  C CA  . ARG A 1 56  ? -3.942  -10.006 -4.642  1.00 19.38 ? 490 ARG A CA  1 
ATOM   403  C C   . ARG A 1 56  ? -2.682  -9.692  -3.821  1.00 19.67 ? 490 ARG A C   1 
ATOM   404  O O   . ARG A 1 56  ? -2.555  -8.600  -3.305  1.00 19.78 ? 490 ARG A O   1 
ATOM   405  C CB  . ARG A 1 56  ? -3.646  -9.886  -6.132  1.00 18.75 ? 490 ARG A CB  1 
ATOM   406  C CG  . ARG A 1 56  ? -4.872  -10.313 -6.968  1.00 21.18 ? 490 ARG A CG  1 
ATOM   407  C CD  . ARG A 1 56  ? -5.161  -11.802 -6.907  1.00 21.02 ? 490 ARG A CD  1 
ATOM   408  N NE  . ARG A 1 56  ? -4.005  -12.568 -7.370  1.00 23.10 ? 490 ARG A NE  1 
ATOM   409  C CZ  . ARG A 1 56  ? -3.685  -12.826 -8.645  1.00 26.91 ? 490 ARG A CZ  1 
ATOM   410  N NH1 . ARG A 1 56  ? -4.452  -12.447 -9.648  1.00 29.01 ? 490 ARG A NH1 1 
ATOM   411  N NH2 . ARG A 1 56  ? -2.584  -13.504 -8.917  1.00 25.32 ? 490 ARG A NH2 1 
ATOM   412  N N   . ALA A 1 57  ? -1.769  -10.650 -3.735  1.00 18.68 ? 491 ALA A N   1 
ATOM   413  C CA  . ALA A 1 57  ? -0.565  -10.545 -2.903  1.00 19.60 ? 491 ALA A CA  1 
ATOM   414  C C   . ALA A 1 57  ? 0.544   -9.624  -3.487  1.00 20.43 ? 491 ALA A C   1 
ATOM   415  O O   . ALA A 1 57  ? 1.227   -8.950  -2.733  1.00 19.90 ? 491 ALA A O   1 
ATOM   416  C CB  . ALA A 1 57  ? -0.001  -11.923 -2.694  1.00 18.22 ? 491 ALA A CB  1 
ATOM   417  N N   . MET A 1 58  ? 0.682   -9.607  -4.809  1.00 21.21 ? 492 MET A N   1 
ATOM   418  C CA  . MET A 1 58  ? 1.707   -8.827  -5.482  1.00 22.18 ? 492 MET A CA  1 
ATOM   419  C C   . MET A 1 58  ? 1.101   -7.585  -6.144  1.00 23.57 ? 492 MET A C   1 
ATOM   420  O O   . MET A 1 58  ? 0.062   -7.655  -6.762  1.00 23.03 ? 492 MET A O   1 
ATOM   421  C CB  . MET A 1 58  ? 2.418   -9.684  -6.534  1.00 22.50 ? 492 MET A CB  1 
ATOM   422  C CG  . MET A 1 58  ? 3.001   -11.004 -5.947  1.00 21.62 ? 492 MET A CG  1 
ATOM   423  S SD  . MET A 1 58  ? 4.168   -10.804 -4.625  1.00 24.66 ? 492 MET A SD  1 
ATOM   424  C CE  . MET A 1 58  ? 5.686   -10.185 -5.459  1.00 21.77 ? 492 MET A CE  1 
ATOM   425  N N   . SER A 1 59  ? 1.778   -6.448  -5.990  1.00 24.24 ? 493 SER A N   1 
ATOM   426  C CA  . SER A 1 59  ? 1.145   -5.156  -6.311  1.00 27.30 ? 493 SER A CA  1 
ATOM   427  C C   . SER A 1 59  ? 0.774   -5.108  -7.764  1.00 27.86 ? 493 SER A C   1 
ATOM   428  O O   . SER A 1 59  ? -0.266  -4.592  -8.143  1.00 28.65 ? 493 SER A O   1 
ATOM   429  C CB  . SER A 1 59  ? 2.069   -4.008  -5.941  1.00 26.31 ? 493 SER A CB  1 
ATOM   430  O OG  . SER A 1 59  ? 3.278   -4.145  -6.655  1.00 30.04 ? 493 SER A OG  1 
ATOM   431  N N   . LYS A 1 60  ? 1.550   -5.776  -8.587  1.00 29.31 ? 494 LYS A N   1 
ATOM   432  C CA  . LYS A 1 60  ? 1.269   -5.767  -10.002 1.00 29.46 ? 494 LYS A CA  1 
ATOM   433  C C   . LYS A 1 60  ? -0.053  -6.408  -10.402 1.00 28.54 ? 494 LYS A C   1 
ATOM   434  O O   . LYS A 1 60  ? -0.546  -6.165  -11.504 1.00 27.66 ? 494 LYS A O   1 
ATOM   435  C CB  . LYS A 1 60  ? 2.421   -6.409  -10.756 1.00 31.33 ? 494 LYS A CB  1 
ATOM   436  C CG  . LYS A 1 60  ? 2.384   -7.923  -10.856 1.00 34.44 ? 494 LYS A CG  1 
ATOM   437  C CD  . LYS A 1 60  ? 3.678   -8.432  -11.579 1.00 38.07 ? 494 LYS A CD  1 
ATOM   438  C CE  . LYS A 1 60  ? 3.446   -9.787  -12.175 1.00 40.52 ? 494 LYS A CE  1 
ATOM   439  N NZ  . LYS A 1 60  ? 2.469   -9.693  -13.300 1.00 43.56 ? 494 LYS A NZ  1 
ATOM   440  N N   . ASP A 1 61  ? -0.653  -7.220  -9.526  1.00 25.88 ? 495 ASP A N   1 
ATOM   441  C CA  . ASP A 1 61  ? -1.927  -7.840  -9.829  1.00 25.01 ? 495 ASP A CA  1 
ATOM   442  C C   . ASP A 1 61  ? -3.083  -7.047  -9.265  1.00 23.09 ? 495 ASP A C   1 
ATOM   443  O O   . ASP A 1 61  ? -4.220  -7.453  -9.370  1.00 20.99 ? 495 ASP A O   1 
ATOM   444  C CB  . ASP A 1 61  ? -1.950  -9.282  -9.293  1.00 26.18 ? 495 ASP A CB  1 
ATOM   445  C CG  . ASP A 1 61  ? -0.873  -10.158 -9.992  1.00 30.19 ? 495 ASP A CG  1 
ATOM   446  O OD1 . ASP A 1 61  ? -1.064  -10.366 -11.197 1.00 34.87 ? 495 ASP A OD1 1 
ATOM   447  O OD2 . ASP A 1 61  ? 0.180   -10.493 -9.392  1.00 32.10 ? 495 ASP A OD2 1 
ATOM   448  N N   . ASN A 1 62  ? -2.779  -5.921  -8.635  1.00 21.64 ? 496 ASN A N   1 
ATOM   449  C CA  . ASN A 1 62  ? -3.804  -5.023  -8.112  1.00 19.87 ? 496 ASN A CA  1 
ATOM   450  C C   . ASN A 1 62  ? -3.845  -3.757  -8.984  1.00 21.08 ? 496 ASN A C   1 
ATOM   451  O O   . ASN A 1 62  ? -3.085  -3.642  -9.969  1.00 19.79 ? 496 ASN A O   1 
ATOM   452  C CB  . ASN A 1 62  ? -3.456  -4.696  -6.657  1.00 20.39 ? 496 ASN A CB  1 
ATOM   453  C CG  . ASN A 1 62  ? -3.563  -5.914  -5.756  1.00 19.88 ? 496 ASN A CG  1 
ATOM   454  O OD1 . ASN A 1 62  ? -4.574  -6.595  -5.798  1.00 20.52 ? 496 ASN A OD1 1 
ATOM   455  N ND2 . ASN A 1 62  ? -2.499  -6.236  -5.013  1.00 22.47 ? 496 ASN A ND2 1 
ATOM   456  N N   . ASN A 1 63  ? -4.720  -2.815  -8.630  1.00 20.28 ? 497 ASN A N   1 
ATOM   457  C CA  . ASN A 1 63  ? -5.003  -1.651  -9.462  1.00 20.80 ? 497 ASN A CA  1 
ATOM   458  C C   . ASN A 1 63  ? -4.302  -0.432  -8.830  1.00 18.96 ? 497 ASN A C   1 
ATOM   459  O O   . ASN A 1 63  ? -4.544  -0.105  -7.681  1.00 18.88 ? 497 ASN A O   1 
ATOM   460  C CB  . ASN A 1 63  ? -6.540  -1.474  -9.558  1.00 22.45 ? 497 ASN A CB  1 
ATOM   461  C CG  . ASN A 1 63  ? -6.964  -0.137  -10.225 1.00 24.29 ? 497 ASN A CG  1 
ATOM   462  O OD1 . ASN A 1 63  ? -7.998  0.440   -9.877  1.00 34.11 ? 497 ASN A OD1 1 
ATOM   463  N ND2 . ASN A 1 63  ? -6.182  0.335   -11.145 1.00 25.40 ? 497 ASN A ND2 1 
ATOM   464  N N   . LEU A 1 64  ? -3.441  0.224   -9.591  1.00 18.62 ? 498 LEU A N   1 
ATOM   465  C CA  . LEU A 1 64  ? -2.703  1.406   -9.129  1.00 17.79 ? 498 LEU A CA  1 
ATOM   466  C C   . LEU A 1 64  ? -3.620  2.629   -9.100  1.00 17.58 ? 498 LEU A C   1 
ATOM   467  O O   . LEU A 1 64  ? -4.098  3.114   -10.157 1.00 16.98 ? 498 LEU A O   1 
ATOM   468  C CB  . LEU A 1 64  ? -1.543  1.723   -10.073 1.00 17.99 ? 498 LEU A CB  1 
ATOM   469  C CG  . LEU A 1 64  ? -0.652  2.864   -9.581  1.00 16.96 ? 498 LEU A CG  1 
ATOM   470  C CD1 . LEU A 1 64  ? 0.244   2.488   -8.373  1.00 13.74 ? 498 LEU A CD1 1 
ATOM   471  C CD2 . LEU A 1 64  ? 0.221   3.407   -10.718 1.00 16.98 ? 498 LEU A CD2 1 
ATOM   472  N N   . LEU A 1 65  ? -3.821  3.150   -7.909  1.00 17.25 ? 499 LEU A N   1 
ATOM   473  C CA  . LEU A 1 65  ? -4.662  4.359   -7.754  1.00 17.91 ? 499 LEU A CA  1 
ATOM   474  C C   . LEU A 1 65  ? -3.886  5.676   -7.710  1.00 17.81 ? 499 LEU A C   1 
ATOM   475  O O   . LEU A 1 65  ? -4.447  6.719   -7.987  1.00 17.72 ? 499 LEU A O   1 
ATOM   476  C CB  . LEU A 1 65  ? -5.480  4.260   -6.449  1.00 18.25 ? 499 LEU A CB  1 
ATOM   477  C CG  . LEU A 1 65  ? -6.492  3.139   -6.365  1.00 20.72 ? 499 LEU A CG  1 
ATOM   478  C CD1 . LEU A 1 65  ? -7.217  3.210   -4.991  1.00 21.42 ? 499 LEU A CD1 1 
ATOM   479  C CD2 . LEU A 1 65  ? -7.488  3.214   -7.544  1.00 18.20 ? 499 LEU A CD2 1 
ATOM   480  N N   . GLY A 1 66  ? -2.635  5.624   -7.283  1.00 17.11 ? 500 GLY A N   1 
ATOM   481  C CA  . GLY A 1 66  ? -1.873  6.798   -6.991  1.00 18.19 ? 500 GLY A CA  1 
ATOM   482  C C   . GLY A 1 66  ? -0.418  6.461   -6.878  1.00 18.12 ? 500 GLY A C   1 
ATOM   483  O O   . GLY A 1 66  ? -0.053  5.312   -6.563  1.00 18.28 ? 500 GLY A O   1 
ATOM   484  N N   . LYS A 1 67  ? 0.412   7.453   -7.197  1.00 18.67 ? 501 LYS A N   1 
ATOM   485  C CA  . LYS A 1 67  ? 1.856   7.303   -7.183  1.00 18.34 ? 501 LYS A CA  1 
ATOM   486  C C   . LYS A 1 67  ? 2.524   8.639   -6.943  1.00 17.60 ? 501 LYS A C   1 
ATOM   487  O O   . LYS A 1 67  ? 2.343   9.609   -7.699  1.00 16.40 ? 501 LYS A O   1 
ATOM   488  C CB  . LYS A 1 67  ? 2.318   6.743   -8.508  1.00 18.87 ? 501 LYS A CB  1 
ATOM   489  C CG  . LYS A 1 67  ? 3.818   6.509   -8.652  1.00 18.93 ? 501 LYS A CG  1 
ATOM   490  C CD  . LYS A 1 67  ? 4.171   5.789   -9.980  1.00 19.05 ? 501 LYS A CD  1 
ATOM   491  C CE  . LYS A 1 67  ? 5.716   5.591   -10.169 1.00 21.58 ? 501 LYS A CE  1 
ATOM   492  N NZ  . LYS A 1 67  ? 5.950   4.805   -11.459 1.00 22.82 ? 501 LYS A NZ  1 
ATOM   493  N N   . PHE A 1 68  ? 3.372   8.655   -5.934  1.00 16.77 ? 502 PHE A N   1 
ATOM   494  C CA  . PHE A 1 68  ? 4.125   9.874   -5.612  1.00 18.49 ? 502 PHE A CA  1 
ATOM   495  C C   . PHE A 1 68  ? 5.346   9.555   -4.825  1.00 19.52 ? 502 PHE A C   1 
ATOM   496  O O   . PHE A 1 68  ? 5.503   8.428   -4.342  1.00 20.02 ? 502 PHE A O   1 
ATOM   497  C CB  . PHE A 1 68  ? 3.221   10.873  -4.858  1.00 17.96 ? 502 PHE A CB  1 
ATOM   498  C CG  . PHE A 1 68  ? 2.811   10.418  -3.435  1.00 16.39 ? 502 PHE A CG  1 
ATOM   499  C CD1 . PHE A 1 68  ? 3.386   11.014  -2.295  1.00 17.35 ? 502 PHE A CD1 1 
ATOM   500  C CD2 . PHE A 1 68  ? 1.770   9.516   -3.273  1.00 18.37 ? 502 PHE A CD2 1 
ATOM   501  C CE1 . PHE A 1 68  ? 2.963   10.627  -1.003  1.00 19.21 ? 502 PHE A CE1 1 
ATOM   502  C CE2 . PHE A 1 68  ? 1.339   9.130   -1.991  1.00 17.59 ? 502 PHE A CE2 1 
ATOM   503  C CZ  . PHE A 1 68  ? 1.948   9.692   -0.866  1.00 20.02 ? 502 PHE A CZ  1 
ATOM   504  N N   . GLU A 1 69  ? 6.249   10.532  -4.687  1.00 21.36 ? 503 GLU A N   1 
ATOM   505  C CA  . GLU A 1 69  ? 7.446   10.289  -3.871  1.00 22.80 ? 503 GLU A CA  1 
ATOM   506  C C   . GLU A 1 69  ? 7.520   11.200  -2.657  1.00 23.02 ? 503 GLU A C   1 
ATOM   507  O O   . GLU A 1 69  ? 6.997   12.308  -2.688  1.00 23.52 ? 503 GLU A O   1 
ATOM   508  C CB  . GLU A 1 69  ? 8.724   10.489  -4.698  1.00 22.74 ? 503 GLU A CB  1 
ATOM   509  C CG  . GLU A 1 69  ? 8.990   9.400   -5.715  1.00 25.26 ? 503 GLU A CG  1 
ATOM   510  C CD  . GLU A 1 69  ? 10.144  9.798   -6.620  1.00 27.04 ? 503 GLU A CD  1 
ATOM   511  O OE1 . GLU A 1 69  ? 11.277  10.003  -6.122  1.00 26.65 ? 503 GLU A OE1 1 
ATOM   512  O OE2 . GLU A 1 69  ? 9.909   9.930   -7.824  1.00 26.71 ? 503 GLU A OE2 1 
ATOM   513  N N   . LEU A 1 70  ? 8.178   10.731  -1.597  1.00 22.76 ? 504 LEU A N   1 
ATOM   514  C CA  . LEU A 1 70  ? 8.653   11.636  -0.534  1.00 23.74 ? 504 LEU A CA  1 
ATOM   515  C C   . LEU A 1 70  ? 10.132  11.785  -0.772  1.00 24.31 ? 504 LEU A C   1 
ATOM   516  O O   . LEU A 1 70  ? 10.880  10.786  -0.707  1.00 24.55 ? 504 LEU A O   1 
ATOM   517  C CB  . LEU A 1 70  ? 8.374   11.075  0.875   1.00 24.20 ? 504 LEU A CB  1 
ATOM   518  C CG  . LEU A 1 70  ? 8.895   11.894  2.061   1.00 23.19 ? 504 LEU A CG  1 
ATOM   519  C CD1 . LEU A 1 70  ? 8.197   13.245  2.132   1.00 21.37 ? 504 LEU A CD1 1 
ATOM   520  C CD2 . LEU A 1 70  ? 8.715   11.099  3.345   1.00 23.21 ? 504 LEU A CD2 1 
ATOM   521  N N   . THR A 1 71  ? 10.545  13.009  -1.113  1.00 24.95 ? 505 THR A N   1 
ATOM   522  C CA  . THR A 1 71  ? 11.929  13.264  -1.522  1.00 26.20 ? 505 THR A CA  1 
ATOM   523  C C   . THR A 1 71  ? 12.642  13.902  -0.351  1.00 26.82 ? 505 THR A C   1 
ATOM   524  O O   . THR A 1 71  ? 12.028  14.182  0.670   1.00 26.33 ? 505 THR A O   1 
ATOM   525  C CB  . THR A 1 71  ? 11.979  14.190  -2.761  1.00 26.63 ? 505 THR A CB  1 
ATOM   526  O OG1 . THR A 1 71  ? 11.419  15.460  -2.390  1.00 27.11 ? 505 THR A OG1 1 
ATOM   527  C CG2 . THR A 1 71  ? 11.156  13.573  -3.905  1.00 24.02 ? 505 THR A CG2 1 
ATOM   528  N N   . GLY A 1 72  ? 13.939  14.132  -0.489  1.00 28.78 ? 506 GLY A N   1 
ATOM   529  C CA  . GLY A 1 72  ? 14.694  14.809  0.579   1.00 28.88 ? 506 GLY A CA  1 
ATOM   530  C C   . GLY A 1 72  ? 14.861  14.016  1.858   1.00 29.35 ? 506 GLY A C   1 
ATOM   531  O O   . GLY A 1 72  ? 14.895  14.589  2.978   1.00 30.26 ? 506 GLY A O   1 
ATOM   532  N N   . ILE A 1 73  ? 14.975  12.699  1.732   1.00 28.54 ? 507 ILE A N   1 
ATOM   533  C CA  A ILE A 1 73  ? 15.304  11.875  2.887   0.60 28.51 ? 507 ILE A CA  1 
ATOM   534  C CA  B ILE A 1 73  ? 15.308  11.877  2.892   0.40 28.58 ? 507 ILE A CA  1 
ATOM   535  C C   . ILE A 1 73  ? 16.810  12.023  3.114   1.00 28.23 ? 507 ILE A C   1 
ATOM   536  O O   . ILE A 1 73  ? 17.594  11.769  2.206   1.00 27.75 ? 507 ILE A O   1 
ATOM   537  C CB  A ILE A 1 73  ? 14.998  10.388  2.680   0.60 28.16 ? 507 ILE A CB  1 
ATOM   538  C CB  B ILE A 1 73  ? 15.006  10.394  2.691   0.40 28.38 ? 507 ILE A CB  1 
ATOM   539  C CG1 A ILE A 1 73  ? 13.574  10.176  2.117   0.60 28.74 ? 507 ILE A CG1 1 
ATOM   540  C CG1 B ILE A 1 73  ? 13.513  10.162  2.428   0.40 29.02 ? 507 ILE A CG1 1 
ATOM   541  C CG2 A ILE A 1 73  ? 15.189  9.652   3.997   0.60 27.61 ? 507 ILE A CG2 1 
ATOM   542  C CG2 B ILE A 1 73  ? 15.448  9.604   3.914   0.40 28.06 ? 507 ILE A CG2 1 
ATOM   543  C CD1 A ILE A 1 73  ? 12.499  10.736  2.994   0.60 24.81 ? 507 ILE A CD1 1 
ATOM   544  C CD1 B ILE A 1 73  ? 13.166  8.693   2.411   0.40 26.98 ? 507 ILE A CD1 1 
ATOM   545  N N   . PRO A 1 74  ? 17.218  12.444  4.329   1.00 28.76 ? 508 PRO A N   1 
ATOM   546  C CA  . PRO A 1 74  ? 18.671  12.538  4.522   1.00 28.48 ? 508 PRO A CA  1 
ATOM   547  C C   . PRO A 1 74  ? 19.390  11.186  4.409   1.00 27.09 ? 508 PRO A C   1 
ATOM   548  O O   . PRO A 1 74  ? 18.873  10.194  4.860   1.00 25.90 ? 508 PRO A O   1 
ATOM   549  C CB  . PRO A 1 74  ? 18.814  13.101  5.963   1.00 29.05 ? 508 PRO A CB  1 
ATOM   550  C CG  . PRO A 1 74  ? 17.558  13.802  6.259   1.00 29.67 ? 508 PRO A CG  1 
ATOM   551  C CD  . PRO A 1 74  ? 16.484  12.943  5.506   1.00 28.64 ? 508 PRO A CD  1 
ATOM   552  N N   . PRO A 1 75  ? 20.598  11.167  3.833   1.00 26.51 ? 509 PRO A N   1 
ATOM   553  C CA  . PRO A 1 75  ? 21.461  9.998   3.780   1.00 26.53 ? 509 PRO A CA  1 
ATOM   554  C C   . PRO A 1 75  ? 21.555  9.287   5.117   1.00 25.73 ? 509 PRO A C   1 
ATOM   555  O O   . PRO A 1 75  ? 21.815  9.919   6.121   1.00 24.19 ? 509 PRO A O   1 
ATOM   556  C CB  . PRO A 1 75  ? 22.815  10.579  3.427   1.00 27.45 ? 509 PRO A CB  1 
ATOM   557  C CG  . PRO A 1 75  ? 22.534  11.861  2.707   1.00 28.41 ? 509 PRO A CG  1 
ATOM   558  C CD  . PRO A 1 75  ? 21.173  12.319  3.124   1.00 27.75 ? 509 PRO A CD  1 
ATOM   559  N N   . ALA A 1 76  ? 21.243  7.996   5.116   1.00 25.07 ? 510 ALA A N   1 
ATOM   560  C CA  . ALA A 1 76  ? 21.283  7.146   6.296   1.00 24.93 ? 510 ALA A CA  1 
ATOM   561  C C   . ALA A 1 76  ? 21.357  5.677   5.849   1.00 25.30 ? 510 ALA A C   1 
ATOM   562  O O   . ALA A 1 76  ? 20.979  5.352   4.700   1.00 25.59 ? 510 ALA A O   1 
ATOM   563  C CB  . ALA A 1 76  ? 20.066  7.376   7.160   1.00 24.50 ? 510 ALA A CB  1 
ATOM   564  N N   . PRO A 1 77  ? 21.847  4.792   6.732   1.00 25.05 ? 511 PRO A N   1 
ATOM   565  C CA  . PRO A 1 77  ? 21.803  3.351   6.469   1.00 24.90 ? 511 PRO A CA  1 
ATOM   566  C C   . PRO A 1 77  ? 20.392  2.866   6.069   1.00 24.56 ? 511 PRO A C   1 
ATOM   567  O O   . PRO A 1 77  ? 19.396  3.364   6.583   1.00 23.27 ? 511 PRO A O   1 
ATOM   568  C CB  . PRO A 1 77  ? 22.217  2.745   7.810   1.00 24.72 ? 511 PRO A CB  1 
ATOM   569  C CG  . PRO A 1 77  ? 23.150  3.814   8.416   1.00 24.59 ? 511 PRO A CG  1 
ATOM   570  C CD  . PRO A 1 77  ? 22.594  5.117   7.978   1.00 24.51 ? 511 PRO A CD  1 
ATOM   571  N N   . ARG A 1 78  ? 20.316  1.886   5.179   1.00 26.21 ? 512 ARG A N   1 
ATOM   572  C CA  . ARG A 1 78  ? 19.028  1.299   4.858   1.00 27.57 ? 512 ARG A CA  1 
ATOM   573  C C   . ARG A 1 78  ? 18.354  0.873   6.151   1.00 28.22 ? 512 ARG A C   1 
ATOM   574  O O   . ARG A 1 78  ? 19.032  0.384   7.082   1.00 28.58 ? 512 ARG A O   1 
ATOM   575  C CB  . ARG A 1 78  ? 19.194  0.124   3.920   1.00 28.55 ? 512 ARG A CB  1 
ATOM   576  C CG  . ARG A 1 78  ? 20.088  -0.993  4.430   1.00 30.88 ? 512 ARG A CG  1 
ATOM   577  C CD  . ARG A 1 78  ? 19.881  -2.202  3.588   1.00 35.73 ? 512 ARG A CD  1 
ATOM   578  N NE  . ARG A 1 78  ? 20.668  -2.199  2.366   1.00 37.52 ? 512 ARG A NE  1 
ATOM   579  C CZ  . ARG A 1 78  ? 20.525  -3.092  1.396   1.00 39.75 ? 512 ARG A CZ  1 
ATOM   580  N NH1 . ARG A 1 78  ? 19.611  -4.037  1.476   1.00 39.71 ? 512 ARG A NH1 1 
ATOM   581  N NH2 . ARG A 1 78  ? 21.302  -3.037  0.329   1.00 43.79 ? 512 ARG A NH2 1 
ATOM   582  N N   . GLY A 1 79  ? 17.057  1.144   6.268   1.00 28.01 ? 513 GLY A N   1 
ATOM   583  C CA  . GLY A 1 79  ? 16.279  0.694   7.420   1.00 27.94 ? 513 GLY A CA  1 
ATOM   584  C C   . GLY A 1 79  ? 16.251  1.680   8.566   1.00 28.23 ? 513 GLY A C   1 
ATOM   585  O O   . GLY A 1 79  ? 15.479  1.505   9.494   1.00 29.24 ? 513 GLY A O   1 
ATOM   586  N N   . VAL A 1 80  ? 17.082  2.719   8.532   1.00 27.92 ? 514 VAL A N   1 
ATOM   587  C CA  . VAL A 1 80  ? 17.092  3.723   9.619   1.00 27.73 ? 514 VAL A CA  1 
ATOM   588  C C   . VAL A 1 80  ? 15.966  4.779   9.529   1.00 28.49 ? 514 VAL A C   1 
ATOM   589  O O   . VAL A 1 80  ? 15.279  5.034   10.526  1.00 28.49 ? 514 VAL A O   1 
ATOM   590  C CB  . VAL A 1 80  ? 18.493  4.368   9.779   1.00 26.89 ? 514 VAL A CB  1 
ATOM   591  C CG1 . VAL A 1 80  ? 18.506  5.276   10.961  1.00 28.30 ? 514 VAL A CG1 1 
ATOM   592  C CG2 . VAL A 1 80  ? 19.528  3.290   9.978   1.00 26.82 ? 514 VAL A CG2 1 
ATOM   593  N N   . PRO A 1 81  ? 15.750  5.399   8.340   1.00 27.50 ? 515 PRO A N   1 
ATOM   594  C CA  . PRO A 1 81  ? 14.676  6.399   8.288   1.00 27.44 ? 515 PRO A CA  1 
ATOM   595  C C   . PRO A 1 81  ? 13.314  5.814   8.704   1.00 27.52 ? 515 PRO A C   1 
ATOM   596  O O   . PRO A 1 81  ? 13.115  4.644   8.599   1.00 26.99 ? 515 PRO A O   1 
ATOM   597  C CB  . PRO A 1 81  ? 14.674  6.842   6.833   1.00 27.82 ? 515 PRO A CB  1 
ATOM   598  C CG  . PRO A 1 81  ? 16.154  6.567   6.358   1.00 27.10 ? 515 PRO A CG  1 
ATOM   599  C CD  . PRO A 1 81  ? 16.496  5.287   7.071   1.00 27.96 ? 515 PRO A CD  1 
ATOM   600  N N   . GLN A 1 82  ? 12.433  6.643   9.241   1.00 28.65 ? 516 GLN A N   1 
ATOM   601  C CA  . GLN A 1 82  ? 11.164  6.185   9.757   1.00 29.06 ? 516 GLN A CA  1 
ATOM   602  C C   . GLN A 1 82  ? 10.142  7.047   9.047   1.00 28.19 ? 516 GLN A C   1 
ATOM   603  O O   . GLN A 1 82  ? 10.022  8.232   9.273   1.00 27.65 ? 516 GLN A O   1 
ATOM   604  C CB  . GLN A 1 82  ? 11.105  6.267   11.291  1.00 29.72 ? 516 GLN A CB  1 
ATOM   605  C CG  . GLN A 1 82  ? 12.060  5.287   12.002  1.00 32.02 ? 516 GLN A CG  1 
ATOM   606  C CD  . GLN A 1 82  ? 11.667  3.792   11.862  1.00 34.33 ? 516 GLN A CD  1 
ATOM   607  O OE1 . GLN A 1 82  ? 10.734  3.308   12.515  1.00 35.95 ? 516 GLN A OE1 1 
ATOM   608  N NE2 . GLN A 1 82  ? 12.406  3.059   11.026  1.00 36.19 ? 516 GLN A NE2 1 
ATOM   609  N N   . ILE A 1 83  ? 9.476   6.410   8.089   1.00 27.91 ? 517 ILE A N   1 
ATOM   610  C CA  . ILE A 1 83  ? 8.514   7.058   7.260   1.00 27.54 ? 517 ILE A CA  1 
ATOM   611  C C   . ILE A 1 83  ? 7.128   6.509   7.614   1.00 26.81 ? 517 ILE A C   1 
ATOM   612  O O   . ILE A 1 83  ? 6.811   5.351   7.365   1.00 26.10 ? 517 ILE A O   1 
ATOM   613  C CB  . ILE A 1 83  ? 8.776   6.788   5.756   1.00 28.12 ? 517 ILE A CB  1 
ATOM   614  C CG1 . ILE A 1 83  ? 10.249  7.057   5.353   1.00 27.93 ? 517 ILE A CG1 1 
ATOM   615  C CG2 . ILE A 1 83  ? 7.792   7.610   4.884   1.00 28.18 ? 517 ILE A CG2 1 
ATOM   616  C CD1 . ILE A 1 83  ? 10.783  8.372   5.803   1.00 30.66 ? 517 ILE A CD1 1 
ATOM   617  N N   . GLU A 1 84  ? 6.283   7.374   8.130   1.00 26.78 ? 518 GLU A N   1 
ATOM   618  C CA  . GLU A 1 84  ? 4.928   6.974   8.461   1.00 26.25 ? 518 GLU A CA  1 
ATOM   619  C C   . GLU A 1 84  ? 4.007   7.190   7.283   1.00 25.27 ? 518 GLU A C   1 
ATOM   620  O O   . GLU A 1 84  ? 3.868   8.324   6.788   1.00 26.76 ? 518 GLU A O   1 
ATOM   621  C CB  . GLU A 1 84  ? 4.402   7.788   9.634   1.00 26.90 ? 518 GLU A CB  1 
ATOM   622  C CG  . GLU A 1 84  ? 3.084   7.293   10.138  1.00 26.76 ? 518 GLU A CG  1 
ATOM   623  C CD  . GLU A 1 84  ? 2.816   7.768   11.542  1.00 32.73 ? 518 GLU A CD  1 
ATOM   624  O OE1 . GLU A 1 84  ? 2.656   8.982   11.741  1.00 35.00 ? 518 GLU A OE1 1 
ATOM   625  O OE2 . GLU A 1 84  ? 2.760   6.913   12.444  1.00 38.09 ? 518 GLU A OE2 1 
ATOM   626  N N   . VAL A 1 85  ? 3.393   6.103   6.833   1.00 22.71 ? 519 VAL A N   1 
ATOM   627  C CA  . VAL A 1 85  ? 2.398   6.198   5.780   1.00 21.38 ? 519 VAL A CA  1 
ATOM   628  C C   . VAL A 1 85  ? 1.014   6.040   6.434   1.00 20.95 ? 519 VAL A C   1 
ATOM   629  O O   . VAL A 1 85  ? 0.791   5.112   7.199   1.00 18.65 ? 519 VAL A O   1 
ATOM   630  C CB  . VAL A 1 85  ? 2.674   5.187   4.671   1.00 21.16 ? 519 VAL A CB  1 
ATOM   631  C CG1 . VAL A 1 85  ? 1.515   5.167   3.656   1.00 18.23 ? 519 VAL A CG1 1 
ATOM   632  C CG2 . VAL A 1 85  ? 4.024   5.520   3.956   1.00 19.51 ? 519 VAL A CG2 1 
ATOM   633  N N   . THR A 1 86  ? 0.136   7.008   6.158   1.00 20.75 ? 520 THR A N   1 
ATOM   634  C CA  . THR A 1 86  ? -1.195  7.023   6.667   1.00 20.96 ? 520 THR A CA  1 
ATOM   635  C C   . THR A 1 86  ? -2.185  7.014   5.513   1.00 20.65 ? 520 THR A C   1 
ATOM   636  O O   . THR A 1 86  ? -2.065  7.790   4.538   1.00 19.56 ? 520 THR A O   1 
ATOM   637  C CB  . THR A 1 86  ? -1.418  8.327   7.484   1.00 22.01 ? 520 THR A CB  1 
ATOM   638  O OG1 . THR A 1 86  ? -0.505  8.311   8.585   1.00 22.88 ? 520 THR A OG1 1 
ATOM   639  C CG2 . THR A 1 86  ? -2.842  8.443   7.970   1.00 21.54 ? 520 THR A CG2 1 
ATOM   640  N N   . PHE A 1 87  ? -3.178  6.162   5.665   1.00 19.53 ? 521 PHE A N   1 
ATOM   641  C CA  . PHE A 1 87  ? -4.341  6.144   4.769   1.00 20.67 ? 521 PHE A CA  1 
ATOM   642  C C   . PHE A 1 87  ? -5.571  6.656   5.555   1.00 21.23 ? 521 PHE A C   1 
ATOM   643  O O   . PHE A 1 87  ? -5.932  6.074   6.572   1.00 21.77 ? 521 PHE A O   1 
ATOM   644  C CB  . PHE A 1 87  ? -4.627  4.711   4.312   1.00 20.75 ? 521 PHE A CB  1 
ATOM   645  C CG  . PHE A 1 87  ? -3.783  4.243   3.158   1.00 21.31 ? 521 PHE A CG  1 
ATOM   646  C CD1 . PHE A 1 87  ? -2.414  4.487   3.109   1.00 20.38 ? 521 PHE A CD1 1 
ATOM   647  C CD2 . PHE A 1 87  ? -4.352  3.477   2.155   1.00 21.92 ? 521 PHE A CD2 1 
ATOM   648  C CE1 . PHE A 1 87  ? -1.652  4.049   2.035   1.00 21.07 ? 521 PHE A CE1 1 
ATOM   649  C CE2 . PHE A 1 87  ? -3.588  3.034   1.100   1.00 22.64 ? 521 PHE A CE2 1 
ATOM   650  C CZ  . PHE A 1 87  ? -2.233  3.326   1.039   1.00 20.13 ? 521 PHE A CZ  1 
ATOM   651  N N   . ALA A 1 88  ? -6.203  7.725   5.094   1.00 21.04 ? 522 ALA A N   1 
ATOM   652  C CA  . ALA A 1 88  ? -7.406  8.237   5.777   1.00 21.98 ? 522 ALA A CA  1 
ATOM   653  C C   . ALA A 1 88  ? -8.570  8.272   4.779   1.00 22.15 ? 522 ALA A C   1 
ATOM   654  O O   . ALA A 1 88  ? -8.529  8.939   3.719   1.00 20.41 ? 522 ALA A O   1 
ATOM   655  C CB  . ALA A 1 88  ? -7.149  9.613   6.431   1.00 21.24 ? 522 ALA A CB  1 
ATOM   656  N N   . LEU A 1 89  ? -9.581  7.492   5.094   1.00 23.05 ? 523 LEU A N   1 
ATOM   657  C CA  . LEU A 1 89  ? -10.670 7.273   4.165   1.00 25.57 ? 523 LEU A CA  1 
ATOM   658  C C   . LEU A 1 89  ? -11.957 7.854   4.752   1.00 26.38 ? 523 LEU A C   1 
ATOM   659  O O   . LEU A 1 89  ? -12.423 7.391   5.797   1.00 26.41 ? 523 LEU A O   1 
ATOM   660  C CB  . LEU A 1 89  ? -10.819 5.782   3.854   1.00 25.91 ? 523 LEU A CB  1 
ATOM   661  C CG  . LEU A 1 89  ? -11.805 5.334   2.758   1.00 27.86 ? 523 LEU A CG  1 
ATOM   662  C CD1 . LEU A 1 89  ? -11.885 6.249   1.550   1.00 30.53 ? 523 LEU A CD1 1 
ATOM   663  C CD2 . LEU A 1 89  ? -11.448 3.917   2.322   1.00 29.28 ? 523 LEU A CD2 1 
ATOM   664  N N   . ASP A 1 90  ? -12.520 8.864   4.080   1.00 28.02 ? 524 ASP A N   1 
ATOM   665  C CA  . ASP A 1 90  ? -13.731 9.530   4.607   1.00 29.36 ? 524 ASP A CA  1 
ATOM   666  C C   . ASP A 1 90  ? -15.028 8.873   4.130   1.00 30.14 ? 524 ASP A C   1 
ATOM   667  O O   . ASP A 1 90  ? -15.013 7.966   3.295   1.00 30.58 ? 524 ASP A O   1 
ATOM   668  C CB  . ASP A 1 90  ? -13.695 11.060  4.394   1.00 29.60 ? 524 ASP A CB  1 
ATOM   669  C CG  . ASP A 1 90  ? -13.996 11.512  2.953   1.00 31.06 ? 524 ASP A CG  1 
ATOM   670  O OD1 . ASP A 1 90  ? -14.712 10.852  2.158   1.00 30.36 ? 524 ASP A OD1 1 
ATOM   671  O OD2 . ASP A 1 90  ? -13.514 12.604  2.644   1.00 33.57 ? 524 ASP A OD2 1 
ATOM   672  N N   . ALA A 1 91  ? -16.148 9.335   4.669   1.00 31.55 ? 525 ALA A N   1 
ATOM   673  C CA  . ALA A 1 91  ? -17.453 8.778   4.310   1.00 32.56 ? 525 ALA A CA  1 
ATOM   674  C C   . ALA A 1 91  ? -17.787 9.065   2.837   1.00 33.12 ? 525 ALA A C   1 
ATOM   675  O O   . ALA A 1 91  ? -18.590 8.370   2.221   1.00 33.89 ? 525 ALA A O   1 
ATOM   676  C CB  . ALA A 1 91  ? -18.569 9.325   5.247   1.00 32.28 ? 525 ALA A CB  1 
ATOM   677  N N   . ASN A 1 92  ? -17.148 10.087  2.279   1.00 33.40 ? 526 ASN A N   1 
ATOM   678  C CA  . ASN A 1 92  ? -17.450 10.543  0.931   1.00 33.53 ? 526 ASN A CA  1 
ATOM   679  C C   . ASN A 1 92  ? -16.583 9.870   -0.130  1.00 33.28 ? 526 ASN A C   1 
ATOM   680  O O   . ASN A 1 92  ? -16.648 10.222  -1.311  1.00 34.08 ? 526 ASN A O   1 
ATOM   681  C CB  . ASN A 1 92  ? -17.306 12.060  0.904   1.00 33.80 ? 526 ASN A CB  1 
ATOM   682  C CG  . ASN A 1 92  ? -18.305 12.744  1.847   1.00 34.96 ? 526 ASN A CG  1 
ATOM   683  O OD1 . ASN A 1 92  ? -19.471 12.363  1.898   1.00 35.37 ? 526 ASN A OD1 1 
ATOM   684  N ND2 . ASN A 1 92  ? -17.841 13.744  2.596   1.00 36.59 ? 526 ASN A ND2 1 
ATOM   685  N N   . GLY A 1 93  ? -15.785 8.896   0.311   1.00 32.04 ? 527 GLY A N   1 
ATOM   686  C CA  . GLY A 1 93  ? -14.953 8.075   -0.574  1.00 31.23 ? 527 GLY A CA  1 
ATOM   687  C C   . GLY A 1 93  ? -13.705 8.758   -1.098  1.00 29.58 ? 527 GLY A C   1 
ATOM   688  O O   . GLY A 1 93  ? -13.244 8.435   -2.205  1.00 29.55 ? 527 GLY A O   1 
ATOM   689  N N   . ILE A 1 94  ? -13.200 9.720   -0.329  1.00 27.83 ? 528 ILE A N   1 
ATOM   690  C CA  . ILE A 1 94  ? -11.952 10.377  -0.616  1.00 26.96 ? 528 ILE A CA  1 
ATOM   691  C C   . ILE A 1 94  ? -10.924 9.770   0.327   1.00 25.39 ? 528 ILE A C   1 
ATOM   692  O O   . ILE A 1 94  ? -11.098 9.801   1.523   1.00 24.96 ? 528 ILE A O   1 
ATOM   693  C CB  . ILE A 1 94  ? -12.016 11.886  -0.388  1.00 27.35 ? 528 ILE A CB  1 
ATOM   694  C CG1 . ILE A 1 94  ? -13.028 12.549  -1.342  1.00 28.46 ? 528 ILE A CG1 1 
ATOM   695  C CG2 . ILE A 1 94  ? -10.660 12.466  -0.612  1.00 27.88 ? 528 ILE A CG2 1 
ATOM   696  C CD1 . ILE A 1 94  ? -12.747 12.307  -2.808  1.00 28.51 ? 528 ILE A CD1 1 
ATOM   697  N N   . LEU A 1 95  ? -9.908  9.134   -0.264  1.00 24.75 ? 529 LEU A N   1 
ATOM   698  C CA  . LEU A 1 95  ? -8.763  8.566   0.428   1.00 23.16 ? 529 LEU A CA  1 
ATOM   699  C C   . LEU A 1 95  ? -7.620  9.561   0.350   1.00 23.31 ? 529 LEU A C   1 
ATOM   700  O O   . LEU A 1 95  ? -7.202  9.951   -0.760  1.00 23.21 ? 529 LEU A O   1 
ATOM   701  C CB  . LEU A 1 95  ? -8.359  7.270   -0.280  1.00 23.65 ? 529 LEU A CB  1 
ATOM   702  C CG  . LEU A 1 95  ? -7.048  6.593   0.127   1.00 20.75 ? 529 LEU A CG  1 
ATOM   703  C CD1 . LEU A 1 95  ? -7.181  6.174   1.623   1.00 20.33 ? 529 LEU A CD1 1 
ATOM   704  C CD2 . LEU A 1 95  ? -6.740  5.371   -0.842  1.00 16.39 ? 529 LEU A CD2 1 
ATOM   705  N N   . LYS A 1 96  ? -7.130  9.997   1.514   1.00 23.05 ? 530 LYS A N   1 
ATOM   706  C CA  . LYS A 1 96  ? -5.902  10.777  1.590   1.00 23.13 ? 530 LYS A CA  1 
ATOM   707  C C   . LYS A 1 96  ? -4.760  9.874   2.060   1.00 22.20 ? 530 LYS A C   1 
ATOM   708  O O   . LYS A 1 96  ? -4.835  9.167   3.086   1.00 22.12 ? 530 LYS A O   1 
ATOM   709  C CB  . LYS A 1 96  ? -6.021  11.974  2.536   1.00 23.57 ? 530 LYS A CB  1 
ATOM   710  C CG  . LYS A 1 96  ? -4.818  12.908  2.473   1.00 25.60 ? 530 LYS A CG  1 
ATOM   711  C CD  . LYS A 1 96  ? -4.937  13.976  3.557   1.00 29.40 ? 530 LYS A CD  1 
ATOM   712  C CE  . LYS A 1 96  ? -3.981  15.120  3.317   1.00 31.71 ? 530 LYS A CE  1 
ATOM   713  N NZ  . LYS A 1 96  ? -4.257  16.244  4.286   1.00 34.47 ? 530 LYS A NZ  1 
ATOM   714  N N   . VAL A 1 97  ? -3.692  9.902   1.282   1.00 20.93 ? 531 VAL A N   1 
ATOM   715  C CA  . VAL A 1 97  ? -2.543  9.077   1.587   1.00 20.03 ? 531 VAL A CA  1 
ATOM   716  C C   . VAL A 1 97  ? -1.422  10.061  1.789   1.00 20.53 ? 531 VAL A C   1 
ATOM   717  O O   . VAL A 1 97  ? -1.170  10.900  0.901   1.00 21.17 ? 531 VAL A O   1 
ATOM   718  C CB  . VAL A 1 97  ? -2.201  8.052   0.495   1.00 19.09 ? 531 VAL A CB  1 
ATOM   719  C CG1 . VAL A 1 97  ? -0.884  7.302   0.858   1.00 17.29 ? 531 VAL A CG1 1 
ATOM   720  C CG2 . VAL A 1 97  ? -3.298  7.021   0.342   1.00 18.28 ? 531 VAL A CG2 1 
ATOM   721  N N   . SER A 1 98  ? -0.818  9.979   2.975   1.00 20.18 ? 532 SER A N   1 
ATOM   722  C CA  A SER A 1 98  ? 0.296   10.837  3.359   0.50 20.43 ? 532 SER A CA  1 
ATOM   723  C CA  B SER A 1 98  ? 0.290   10.836  3.369   0.50 20.27 ? 532 SER A CA  1 
ATOM   724  C C   . SER A 1 98  ? 1.527   10.007  3.719   1.00 20.55 ? 532 SER A C   1 
ATOM   725  O O   . SER A 1 98  ? 1.430   8.916   4.190   1.00 20.25 ? 532 SER A O   1 
ATOM   726  C CB  A SER A 1 98  ? -0.109  11.742  4.532   0.50 20.34 ? 532 SER A CB  1 
ATOM   727  C CB  B SER A 1 98  ? -0.133  11.707  4.560   0.50 20.16 ? 532 SER A CB  1 
ATOM   728  O OG  A SER A 1 98  ? -0.337  10.994  5.708   0.50 19.91 ? 532 SER A OG  1 
ATOM   729  O OG  B SER A 1 98  ? -1.248  12.514  4.219   0.50 18.75 ? 532 SER A OG  1 
ATOM   730  N N   . ALA A 1 99  ? 2.707   10.539  3.432   1.00 21.65 ? 533 ALA A N   1 
ATOM   731  C CA  . ALA A 1 99  ? 3.959   9.894   3.793   1.00 22.21 ? 533 ALA A CA  1 
ATOM   732  C C   . ALA A 1 99  ? 4.755   10.975  4.477   1.00 23.36 ? 533 ALA A C   1 
ATOM   733  O O   . ALA A 1 99  ? 4.973   12.047  3.901   1.00 21.55 ? 533 ALA A O   1 
ATOM   734  C CB  . ALA A 1 99  ? 4.730   9.387   2.600   1.00 22.87 ? 533 ALA A CB  1 
ATOM   735  N N   . THR A 1 100 ? 5.200   10.686  5.695   1.00 24.65 ? 534 THR A N   1 
ATOM   736  C CA  . THR A 1 100 ? 5.889   11.707  6.515   1.00 25.13 ? 534 THR A CA  1 
ATOM   737  C C   . THR A 1 100 ? 7.193   11.200  7.061   1.00 25.75 ? 534 THR A C   1 
ATOM   738  O O   . THR A 1 100 ? 7.232   10.132  7.647   1.00 24.41 ? 534 THR A O   1 
ATOM   739  C CB  . THR A 1 100 ? 5.021   12.103  7.660   1.00 25.33 ? 534 THR A CB  1 
ATOM   740  O OG1 . THR A 1 100 ? 3.820   12.641  7.132   1.00 25.41 ? 534 THR A OG1 1 
ATOM   741  C CG2 . THR A 1 100 ? 5.708   13.182  8.546   1.00 25.00 ? 534 THR A CG2 1 
ATOM   742  N N   . ASP A 1 101 ? 8.284   11.936  6.848   1.00 27.22 ? 535 ASP A N   1 
ATOM   743  C CA  . ASP A 1 101 ? 9.558   11.496  7.421   1.00 28.65 ? 535 ASP A CA  1 
ATOM   744  C C   . ASP A 1 101 ? 9.548   11.872  8.904   1.00 29.16 ? 535 ASP A C   1 
ATOM   745  O O   . ASP A 1 101 ? 9.514   13.053  9.243   1.00 29.60 ? 535 ASP A O   1 
ATOM   746  C CB  . ASP A 1 101 ? 10.726  12.142  6.706   1.00 30.03 ? 535 ASP A CB  1 
ATOM   747  C CG  . ASP A 1 101 ? 12.077  11.765  7.312   1.00 31.28 ? 535 ASP A CG  1 
ATOM   748  O OD1 . ASP A 1 101 ? 12.129  11.277  8.447   1.00 34.55 ? 535 ASP A OD1 1 
ATOM   749  O OD2 . ASP A 1 101 ? 13.102  11.983  6.639   1.00 34.45 ? 535 ASP A OD2 1 
ATOM   750  N N   . LYS A 1 102 ? 9.538   10.882  9.781   1.00 29.39 ? 536 LYS A N   1 
ATOM   751  C CA  . LYS A 1 102 ? 9.342   11.203  11.194  1.00 31.16 ? 536 LYS A CA  1 
ATOM   752  C C   . LYS A 1 102 ? 10.549  11.934  11.816  1.00 31.70 ? 536 LYS A C   1 
ATOM   753  O O   . LYS A 1 102 ? 10.395  12.657  12.798  1.00 32.14 ? 536 LYS A O   1 
ATOM   754  C CB  . LYS A 1 102 ? 8.875   9.985   12.006  1.00 31.57 ? 536 LYS A CB  1 
ATOM   755  C CG  . LYS A 1 102 ? 7.373   9.730   11.780  1.00 33.61 ? 536 LYS A CG  1 
ATOM   756  C CD  . LYS A 1 102 ? 6.832   8.596   12.632  1.00 38.79 ? 536 LYS A CD  1 
ATOM   757  C CE  . LYS A 1 102 ? 6.487   9.032   14.060  1.00 38.20 ? 536 LYS A CE  1 
ATOM   758  N NZ  . LYS A 1 102 ? 6.895   8.025   15.048  1.00 40.28 ? 536 LYS A NZ  1 
ATOM   759  N N   . GLY A 1 103 ? 11.706  11.816  11.187  1.00 31.84 ? 537 GLY A N   1 
ATOM   760  C CA  . GLY A 1 103 ? 12.895  12.551  11.603  1.00 32.15 ? 537 GLY A CA  1 
ATOM   761  C C   . GLY A 1 103 ? 12.949  14.015  11.222  1.00 31.68 ? 537 GLY A C   1 
ATOM   762  O O   . GLY A 1 103 ? 13.711  14.796  11.813  1.00 32.32 ? 537 GLY A O   1 
ATOM   763  N N   . THR A 1 104 ? 12.170  14.439  10.244  1.00 30.64 ? 538 THR A N   1 
ATOM   764  C CA  . THR A 1 104 ? 12.198  15.839  9.883   1.00 29.68 ? 538 THR A CA  1 
ATOM   765  C C   . THR A 1 104 ? 10.839  16.515  9.933   1.00 29.55 ? 538 THR A C   1 
ATOM   766  O O   . THR A 1 104 ? 10.767  17.752  9.848   1.00 29.40 ? 538 THR A O   1 
ATOM   767  C CB  . THR A 1 104 ? 12.762  16.013  8.469   1.00 29.83 ? 538 THR A CB  1 
ATOM   768  O OG1 . THR A 1 104 ? 11.915  15.316  7.545   1.00 30.54 ? 538 THR A OG1 1 
ATOM   769  C CG2 . THR A 1 104 ? 14.148  15.437  8.368   1.00 28.95 ? 538 THR A CG2 1 
ATOM   770  N N   . GLY A 1 105 ? 9.756   15.739  10.006  1.00 28.95 ? 539 GLY A N   1 
ATOM   771  C CA  . GLY A 1 105 ? 8.412   16.302  9.813   1.00 28.57 ? 539 GLY A CA  1 
ATOM   772  C C   . GLY A 1 105 ? 8.063   16.580  8.348   1.00 28.70 ? 539 GLY A C   1 
ATOM   773  O O   . GLY A 1 105 ? 6.944   17.010  8.039   1.00 29.25 ? 539 GLY A O   1 
ATOM   774  N N   . LYS A 1 106 ? 9.004   16.328  7.433   1.00 28.02 ? 540 LYS A N   1 
ATOM   775  C CA  A LYS A 1 106 ? 8.783   16.573  6.003   0.60 28.02 ? 540 LYS A CA  1 
ATOM   776  C CA  B LYS A 1 106 ? 8.768   16.586  6.018   0.40 27.86 ? 540 LYS A CA  1 
ATOM   777  C C   . LYS A 1 106 ? 7.704   15.581  5.526   1.00 27.53 ? 540 LYS A C   1 
ATOM   778  O O   . LYS A 1 106 ? 7.720   14.420  5.916   1.00 26.82 ? 540 LYS A O   1 
ATOM   779  C CB  A LYS A 1 106 ? 10.090  16.373  5.205   0.60 28.00 ? 540 LYS A CB  1 
ATOM   780  C CB  B LYS A 1 106 ? 10.072  16.440  5.226   0.40 27.83 ? 540 LYS A CB  1 
ATOM   781  C CG  A LYS A 1 106 ? 9.991   16.682  3.683   0.60 29.93 ? 540 LYS A CG  1 
ATOM   782  C CG  B LYS A 1 106 ? 10.469  17.661  4.410   0.40 28.71 ? 540 LYS A CG  1 
ATOM   783  C CD  A LYS A 1 106 ? 11.325  16.503  2.873   0.60 29.90 ? 540 LYS A CD  1 
ATOM   784  C CD  B LYS A 1 106 ? 10.803  18.841  5.260   0.40 29.01 ? 540 LYS A CD  1 
ATOM   785  C CE  A LYS A 1 106 ? 11.153  16.951  1.407   0.60 31.54 ? 540 LYS A CE  1 
ATOM   786  C CE  B LYS A 1 106 ? 11.643  19.828  4.483   0.40 29.26 ? 540 LYS A CE  1 
ATOM   787  N NZ  A LYS A 1 106 ? 11.920  18.202  1.064   0.60 29.29 ? 540 LYS A NZ  1 
ATOM   788  N NZ  B LYS A 1 106 ? 13.066  19.691  4.851   0.40 28.98 ? 540 LYS A NZ  1 
ATOM   789  N N   . SER A 1 107 ? 6.793   16.053  4.671   1.00 27.51 ? 541 SER A N   1 
ATOM   790  C CA  . SER A 1 107 ? 5.616   15.277  4.281   1.00 26.52 ? 541 SER A CA  1 
ATOM   791  C C   . SER A 1 107 ? 5.160   15.556  2.864   1.00 26.01 ? 541 SER A C   1 
ATOM   792  O O   . SER A 1 107 ? 5.415   16.652  2.336   1.00 25.69 ? 541 SER A O   1 
ATOM   793  C CB  . SER A 1 107 ? 4.487   15.681  5.203   1.00 26.36 ? 541 SER A CB  1 
ATOM   794  O OG  . SER A 1 107 ? 3.558   14.644  5.259   1.00 26.72 ? 541 SER A OG  1 
ATOM   795  N N   . GLU A 1 108 ? 4.504   14.558  2.256   1.00 24.78 ? 542 GLU A N   1 
ATOM   796  C CA  . GLU A 1 108 ? 3.773   14.670  0.985   1.00 23.86 ? 542 GLU A CA  1 
ATOM   797  C C   . GLU A 1 108 ? 2.479   13.886  1.103   1.00 23.36 ? 542 GLU A C   1 
ATOM   798  O O   . GLU A 1 108 ? 2.401   12.923  1.894   1.00 21.52 ? 542 GLU A O   1 
ATOM   799  C CB  . GLU A 1 108 ? 4.531   14.035  -0.155  1.00 23.69 ? 542 GLU A CB  1 
ATOM   800  C CG  . GLU A 1 108 ? 5.793   14.712  -0.518  1.00 27.72 ? 542 GLU A CG  1 
ATOM   801  C CD  . GLU A 1 108 ? 5.609   16.045  -1.221  1.00 32.17 ? 542 GLU A CD  1 
ATOM   802  O OE1 . GLU A 1 108 ? 4.508   16.320  -1.738  1.00 32.53 ? 542 GLU A OE1 1 
ATOM   803  O OE2 . GLU A 1 108 ? 6.602   16.820  -1.224  1.00 35.87 ? 542 GLU A OE2 1 
ATOM   804  N N   . SER A 1 109 ? 1.483   14.283  0.313   1.00 21.83 ? 543 SER A N   1 
ATOM   805  C CA  . SER A 1 109 ? 0.226   13.597  0.326   1.00 23.03 ? 543 SER A CA  1 
ATOM   806  C C   . SER A 1 109 ? -0.503  13.663  -1.002  1.00 21.98 ? 543 SER A C   1 
ATOM   807  O O   . SER A 1 109 ? -0.247  14.539  -1.854  1.00 22.48 ? 543 SER A O   1 
ATOM   808  C CB  . SER A 1 109 ? -0.657  14.145  1.471   1.00 23.73 ? 543 SER A CB  1 
ATOM   809  O OG  . SER A 1 109 ? -1.164  15.438  1.173   1.00 25.83 ? 543 SER A OG  1 
ATOM   810  N N   . ILE A 1 110 ? -1.409  12.714  -1.193  1.00 21.50 ? 544 ILE A N   1 
ATOM   811  C CA  . ILE A 1 110 ? -2.346  12.758  -2.312  1.00 20.28 ? 544 ILE A CA  1 
ATOM   812  C C   . ILE A 1 110 ? -3.735  12.462  -1.827  1.00 20.70 ? 544 ILE A C   1 
ATOM   813  O O   . ILE A 1 110 ? -3.923  11.879  -0.747  1.00 20.72 ? 544 ILE A O   1 
ATOM   814  C CB  . ILE A 1 110 ? -1.945  11.802  -3.519  1.00 20.44 ? 544 ILE A CB  1 
ATOM   815  C CG1 . ILE A 1 110 ? -2.047  10.325  -3.139  1.00 20.81 ? 544 ILE A CG1 1 
ATOM   816  C CG2 . ILE A 1 110 ? -0.526  12.202  -4.053  1.00 20.02 ? 544 ILE A CG2 1 
ATOM   817  C CD1 . ILE A 1 110 ? -1.763  9.343   -4.270  1.00 20.58 ? 544 ILE A CD1 1 
ATOM   818  N N   . THR A 1 111 ? -4.693  12.874  -2.625  1.00 20.78 ? 545 THR A N   1 
ATOM   819  C CA  A THR A 1 111 ? -6.093  12.537  -2.441  0.50 22.59 ? 545 THR A CA  1 
ATOM   820  C CA  B THR A 1 111 ? -6.060  12.499  -2.405  0.50 22.34 ? 545 THR A CA  1 
ATOM   821  C C   . THR A 1 111 ? -6.519  11.827  -3.692  1.00 23.79 ? 545 THR A C   1 
ATOM   822  O O   . THR A 1 111 ? -6.205  12.294  -4.822  1.00 26.04 ? 545 THR A O   1 
ATOM   823  C CB  A THR A 1 111 ? -6.995  13.770  -2.370  0.50 22.65 ? 545 THR A CB  1 
ATOM   824  C CB  B THR A 1 111 ? -6.924  13.725  -2.007  0.50 22.15 ? 545 THR A CB  1 
ATOM   825  O OG1 A THR A 1 111 ? -6.852  14.529  -3.589  0.50 21.96 ? 545 THR A OG1 1 
ATOM   826  O OG1 B THR A 1 111 ? -6.309  14.389  -0.898  0.50 22.08 ? 545 THR A OG1 1 
ATOM   827  C CG2 A THR A 1 111 ? -6.648  14.622  -1.161  0.50 22.58 ? 545 THR A CG2 1 
ATOM   828  C CG2 B THR A 1 111 ? -8.299  13.320  -1.609  0.50 20.84 ? 545 THR A CG2 1 
ATOM   829  N N   . ILE A 1 112 ? -7.184  10.693  -3.531  1.00 24.65 ? 546 ILE A N   1 
ATOM   830  C CA  A ILE A 1 112 ? -7.701  9.929   -4.665  0.60 25.05 ? 546 ILE A CA  1 
ATOM   831  C CA  B ILE A 1 112 ? -7.731  9.967   -4.675  0.40 25.20 ? 546 ILE A CA  1 
ATOM   832  C C   . ILE A 1 112 ? -9.094  9.383   -4.296  1.00 25.68 ? 546 ILE A C   1 
ATOM   833  O O   . ILE A 1 112 ? -9.442  9.307   -3.115  1.00 24.01 ? 546 ILE A O   1 
ATOM   834  C CB  A ILE A 1 112 ? -6.739  8.762   -5.079  0.60 25.65 ? 546 ILE A CB  1 
ATOM   835  C CB  B ILE A 1 112 ? -6.766  8.855   -5.185  0.40 25.83 ? 546 ILE A CB  1 
ATOM   836  C CG1 A ILE A 1 112 ? -6.397  7.846   -3.895  0.60 25.02 ? 546 ILE A CG1 1 
ATOM   837  C CG1 B ILE A 1 112 ? -6.403  7.868   -4.073  0.40 25.94 ? 546 ILE A CG1 1 
ATOM   838  C CG2 A ILE A 1 112 ? -5.427  9.300   -5.729  0.60 26.06 ? 546 ILE A CG2 1 
ATOM   839  C CG2 B ILE A 1 112 ? -5.482  9.459   -5.795  0.40 26.18 ? 546 ILE A CG2 1 
ATOM   840  C CD1 A ILE A 1 112 ? -5.033  8.032   -3.313  0.60 21.96 ? 546 ILE A CD1 1 
ATOM   841  C CD1 B ILE A 1 112 ? -7.499  6.844   -3.819  0.40 26.53 ? 546 ILE A CD1 1 
ATOM   842  N N   . THR A 1 113 ? -9.867  9.004   -5.306  1.00 25.29 ? 547 THR A N   1 
ATOM   843  C CA  . THR A 1 113 ? -11.174 8.384   -5.127  1.00 25.70 ? 547 THR A CA  1 
ATOM   844  C C   . THR A 1 113 ? -11.018 6.853   -5.389  1.00 26.51 ? 547 THR A C   1 
ATOM   845  O O   . THR A 1 113 ? -10.688 6.383   -6.495  1.00 27.05 ? 547 THR A O   1 
ATOM   846  C CB  . THR A 1 113 ? -12.236 9.058   -6.028  1.00 25.46 ? 547 THR A CB  1 
ATOM   847  O OG1 . THR A 1 113 ? -11.706 9.185   -7.332  1.00 24.68 ? 547 THR A OG1 1 
ATOM   848  C CG2 . THR A 1 113 ? -12.547 10.470  -5.568  1.00 24.56 ? 547 THR A CG2 1 
ATOM   849  N N   . ASN A 1 114 ? -11.187 6.069   -4.320  1.00 27.18 ? 548 ASN A N   1 
ATOM   850  C CA  . ASN A 1 114 ? -11.207 4.600   -4.411  1.00 25.87 ? 548 ASN A CA  1 
ATOM   851  C C   . ASN A 1 114 ? -12.534 4.074   -4.964  1.00 25.67 ? 548 ASN A C   1 
ATOM   852  O O   . ASN A 1 114 ? -13.529 4.788   -5.046  1.00 25.58 ? 548 ASN A O   1 
ATOM   853  C CB  . ASN A 1 114 ? -10.912 3.967   -3.044  1.00 25.97 ? 548 ASN A CB  1 
ATOM   854  C CG  . ASN A 1 114 ? -12.056 4.095   -2.067  1.00 26.87 ? 548 ASN A CG  1 
ATOM   855  O OD1 . ASN A 1 114 ? -12.558 3.086   -1.537  1.00 25.05 ? 548 ASN A OD1 1 
ATOM   856  N ND2 . ASN A 1 114 ? -12.513 5.325   -1.847  1.00 26.18 ? 548 ASN A ND2 1 
ATOM   857  N N   . ASP A 1 115 ? -12.520 2.815   -5.381  1.00 25.14 ? 549 ASP A N   1 
ATOM   858  C CA  . ASP A 1 115 ? -13.720 2.118   -5.795  1.00 25.19 ? 549 ASP A CA  1 
ATOM   859  C C   . ASP A 1 115 ? -14.503 2.948   -6.840  1.00 25.65 ? 549 ASP A C   1 
ATOM   860  O O   . ASP A 1 115 ? -15.706 3.199   -6.679  1.00 23.77 ? 549 ASP A O   1 
ATOM   861  C CB  . ASP A 1 115 ? -14.582 1.762   -4.561  1.00 24.67 ? 549 ASP A CB  1 
ATOM   862  C CG  . ASP A 1 115 ? -15.793 0.911   -4.909  1.00 25.81 ? 549 ASP A CG  1 
ATOM   863  O OD1 . ASP A 1 115 ? -15.717 0.143   -5.901  1.00 29.17 ? 549 ASP A OD1 1 
ATOM   864  O OD2 . ASP A 1 115 ? -16.839 1.019   -4.204  1.00 24.19 ? 549 ASP A OD2 1 
ATOM   865  N N   . LYS A 1 116 ? -13.804 3.377   -7.899  1.00 25.94 ? 550 LYS A N   1 
ATOM   866  C CA  . LYS A 1 116 ? -14.440 4.214   -8.950  1.00 27.10 ? 550 LYS A CA  1 
ATOM   867  C C   . LYS A 1 116 ? -15.549 3.456   -9.694  1.00 27.06 ? 550 LYS A C   1 
ATOM   868  O O   . LYS A 1 116 ? -16.421 4.080   -10.297 1.00 27.58 ? 550 LYS A O   1 
ATOM   869  C CB  . LYS A 1 116 ? -13.413 4.717   -9.988  1.00 26.89 ? 550 LYS A CB  1 
ATOM   870  C CG  . LYS A 1 116 ? -12.352 5.599   -9.436  1.00 27.33 ? 550 LYS A CG  1 
ATOM   871  C CD  . LYS A 1 116 ? -11.499 6.246   -10.539 1.00 28.69 ? 550 LYS A CD  1 
ATOM   872  C CE  . LYS A 1 116 ? -10.083 6.524   -10.041 1.00 29.93 ? 550 LYS A CE  1 
ATOM   873  N NZ  . LYS A 1 116 ? -10.036 7.444   -8.897  1.00 32.64 ? 550 LYS A NZ  1 
ATOM   874  N N   . GLY A 1 117 ? -15.463 2.125   -9.687  1.00 26.86 ? 551 GLY A N   1 
ATOM   875  C CA  . GLY A 1 117 ? -16.477 1.262   -10.237 1.00 28.13 ? 551 GLY A CA  1 
ATOM   876  C C   . GLY A 1 117 ? -17.698 1.150   -9.344  1.00 28.53 ? 551 GLY A C   1 
ATOM   877  O O   . GLY A 1 117 ? -18.730 0.682   -9.808  1.00 28.06 ? 551 GLY A O   1 
ATOM   878  N N   . ARG A 1 118 ? -17.591 1.630   -8.092  1.00 28.75 ? 552 ARG A N   1 
ATOM   879  C CA  . ARG A 1 118 ? -18.634 1.476   -7.066  1.00 29.00 ? 552 ARG A CA  1 
ATOM   880  C C   . ARG A 1 118 ? -19.205 0.051   -7.043  1.00 28.27 ? 552 ARG A C   1 
ATOM   881  O O   . ARG A 1 118 ? -20.406 -0.160  -7.243  1.00 26.75 ? 552 ARG A O   1 
ATOM   882  C CB  . ARG A 1 118 ? -19.743 2.506   -7.269  1.00 30.03 ? 552 ARG A CB  1 
ATOM   883  C CG  . ARG A 1 118 ? -19.241 3.941   -7.115  1.00 33.69 ? 552 ARG A CG  1 
ATOM   884  C CD  . ARG A 1 118 ? -18.538 4.198   -5.724  1.00 38.89 ? 552 ARG A CD  1 
ATOM   885  N NE  . ARG A 1 118 ? -17.516 5.260   -5.789  1.00 42.32 ? 552 ARG A NE  1 
ATOM   886  C CZ  . ARG A 1 118 ? -17.794 6.570   -5.996  1.00 44.03 ? 552 ARG A CZ  1 
ATOM   887  N NH1 . ARG A 1 118 ? -16.797 7.458   -6.037  1.00 45.16 ? 552 ARG A NH1 1 
ATOM   888  N NH2 . ARG A 1 118 ? -19.062 7.007   -6.174  1.00 45.04 ? 552 ARG A NH2 1 
ATOM   889  N N   . LEU A 1 119 ? -18.335 -0.910  -6.759  1.00 26.92 ? 553 LEU A N   1 
ATOM   890  C CA  . LEU A 1 119 ? -18.640 -2.310  -6.950  1.00 27.56 ? 553 LEU A CA  1 
ATOM   891  C C   . LEU A 1 119 ? -19.837 -2.771  -6.129  1.00 28.53 ? 553 LEU A C   1 
ATOM   892  O O   . LEU A 1 119 ? -20.031 -2.315  -4.976  1.00 28.51 ? 553 LEU A O   1 
ATOM   893  C CB  . LEU A 1 119 ? -17.436 -3.184  -6.572  1.00 26.79 ? 553 LEU A CB  1 
ATOM   894  C CG  . LEU A 1 119 ? -16.163 -3.013  -7.416  1.00 27.21 ? 553 LEU A CG  1 
ATOM   895  C CD1 . LEU A 1 119 ? -15.084 -3.949  -6.857  1.00 24.47 ? 553 LEU A CD1 1 
ATOM   896  C CD2 . LEU A 1 119 ? -16.413 -3.277  -8.898  1.00 25.58 ? 553 LEU A CD2 1 
ATOM   897  N N   . THR A 1 120 ? -20.618 -3.681  -6.716  1.00 28.98 ? 554 THR A N   1 
ATOM   898  C CA  . THR A 1 120 ? -21.692 -4.364  -5.979  1.00 30.51 ? 554 THR A CA  1 
ATOM   899  C C   . THR A 1 120 ? -21.057 -5.440  -5.061  1.00 31.70 ? 554 THR A C   1 
ATOM   900  O O   . THR A 1 120 ? -19.871 -5.741  -5.217  1.00 29.79 ? 554 THR A O   1 
ATOM   901  C CB  . THR A 1 120 ? -22.711 -5.032  -6.957  1.00 30.54 ? 554 THR A CB  1 
ATOM   902  O OG1 . THR A 1 120 ? -22.038 -6.047  -7.707  1.00 31.37 ? 554 THR A OG1 1 
ATOM   903  C CG2 . THR A 1 120 ? -23.344 -3.978  -7.943  1.00 29.06 ? 554 THR A CG2 1 
ATOM   904  N N   . GLN A 1 121 ? -21.822 -6.015  -4.122  1.00 33.49 ? 555 GLN A N   1 
ATOM   905  C CA  . GLN A 1 121 ? -21.303 -7.148  -3.326  1.00 35.38 ? 555 GLN A CA  1 
ATOM   906  C C   . GLN A 1 121 ? -20.971 -8.319  -4.254  1.00 36.53 ? 555 GLN A C   1 
ATOM   907  O O   . GLN A 1 121 ? -19.945 -8.961  -4.071  1.00 36.53 ? 555 GLN A O   1 
ATOM   908  C CB  . GLN A 1 121 ? -22.277 -7.585  -2.227  1.00 36.31 ? 555 GLN A CB  1 
ATOM   909  C CG  . GLN A 1 121 ? -21.621 -8.483  -1.132  1.00 38.05 ? 555 GLN A CG  1 
ATOM   910  C CD  . GLN A 1 121 ? -20.330 -7.921  -0.524  1.00 39.01 ? 555 GLN A CD  1 
ATOM   911  O OE1 . GLN A 1 121 ? -20.335 -6.911  0.175   1.00 38.84 ? 555 GLN A OE1 1 
ATOM   912  N NE2 . GLN A 1 121 ? -19.215 -8.605  -0.772  1.00 42.48 ? 555 GLN A NE2 1 
ATOM   913  N N   . GLU A 1 122 ? -21.817 -8.574  -5.265  1.00 37.09 ? 556 GLU A N   1 
ATOM   914  C CA  A GLU A 1 122 ? -21.521 -9.603  -6.256  0.50 37.79 ? 556 GLU A CA  1 
ATOM   915  C CA  B GLU A 1 122 ? -21.517 -9.589  -6.299  0.50 37.53 ? 556 GLU A CA  1 
ATOM   916  C C   . GLU A 1 122 ? -20.137 -9.382  -6.896  1.00 37.47 ? 556 GLU A C   1 
ATOM   917  O O   . GLU A 1 122 ? -19.344 -10.331 -7.050  1.00 37.79 ? 556 GLU A O   1 
ATOM   918  C CB  A GLU A 1 122 ? -22.634 -9.644  -7.323  0.50 38.15 ? 556 GLU A CB  1 
ATOM   919  C CB  B GLU A 1 122 ? -22.548 -9.580  -7.454  0.50 37.71 ? 556 GLU A CB  1 
ATOM   920  C CG  A GLU A 1 122 ? -22.395 -10.599 -8.500  0.50 39.89 ? 556 GLU A CG  1 
ATOM   921  C CG  B GLU A 1 122 ? -22.207 -10.542 -8.658  0.50 38.23 ? 556 GLU A CG  1 
ATOM   922  C CD  A GLU A 1 122 ? -22.904 -12.009 -8.241  0.50 42.35 ? 556 GLU A CD  1 
ATOM   923  C CD  B GLU A 1 122 ? -21.729 -9.839  -9.958  0.50 38.93 ? 556 GLU A CD  1 
ATOM   924  O OE1 A GLU A 1 122 ? -24.093 -12.150 -7.877  0.50 41.75 ? 556 GLU A OE1 1 
ATOM   925  O OE1 B GLU A 1 122 ? -22.402 -8.880  -10.401 0.50 40.54 ? 556 GLU A OE1 1 
ATOM   926  O OE2 A GLU A 1 122 ? -22.112 -12.970 -8.418  0.50 45.03 ? 556 GLU A OE2 1 
ATOM   927  O OE2 B GLU A 1 122 ? -20.714 -10.276 -10.565 0.50 36.32 ? 556 GLU A OE2 1 
ATOM   928  N N   . GLU A 1 123 ? -19.844 -8.146  -7.279  1.00 37.16 ? 557 GLU A N   1 
ATOM   929  C CA  . GLU A 1 123 ? -18.564 -7.867  -7.942  1.00 36.74 ? 557 GLU A CA  1 
ATOM   930  C C   . GLU A 1 123 ? -17.381 -8.049  -6.984  1.00 35.62 ? 557 GLU A C   1 
ATOM   931  O O   . GLU A 1 123 ? -16.351 -8.591  -7.379  1.00 35.43 ? 557 GLU A O   1 
ATOM   932  C CB  . GLU A 1 123 ? -18.554 -6.467  -8.536  1.00 37.00 ? 557 GLU A CB  1 
ATOM   933  C CG  . GLU A 1 123 ? -19.438 -6.364  -9.735  1.00 39.05 ? 557 GLU A CG  1 
ATOM   934  C CD  . GLU A 1 123 ? -19.785 -4.932  -10.086 1.00 41.57 ? 557 GLU A CD  1 
ATOM   935  O OE1 . GLU A 1 123 ? -20.114 -4.144  -9.168  1.00 40.57 ? 557 GLU A OE1 1 
ATOM   936  O OE2 . GLU A 1 123 ? -19.735 -4.604  -11.293 1.00 45.07 ? 557 GLU A OE2 1 
ATOM   937  N N   . ILE A 1 124 ? -17.540 -7.604  -5.735  1.00 34.40 ? 558 ILE A N   1 
ATOM   938  C CA  . ILE A 1 124 ? -16.470 -7.734  -4.737  1.00 33.35 ? 558 ILE A CA  1 
ATOM   939  C C   . ILE A 1 124 ? -16.232 -9.233  -4.570  1.00 33.46 ? 558 ILE A C   1 
ATOM   940  O O   . ILE A 1 124 ? -15.126 -9.720  -4.778  1.00 30.95 ? 558 ILE A O   1 
ATOM   941  C CB  . ILE A 1 124 ? -16.858 -7.109  -3.377  1.00 32.83 ? 558 ILE A CB  1 
ATOM   942  C CG1 . ILE A 1 124 ? -17.089 -5.599  -3.512  1.00 32.33 ? 558 ILE A CG1 1 
ATOM   943  C CG2 . ILE A 1 124 ? -15.775 -7.378  -2.299  1.00 31.66 ? 558 ILE A CG2 1 
ATOM   944  C CD1 . ILE A 1 124 ? -18.083 -5.046  -2.474  1.00 31.99 ? 558 ILE A CD1 1 
ATOM   945  N N   . ASP A 1 125 ? -17.324 -9.946  -4.258  1.00 33.44 ? 559 ASP A N   1 
ATOM   946  C CA  . ASP A 1 125 ? -17.324 -11.403 -4.103  1.00 33.87 ? 559 ASP A CA  1 
ATOM   947  C C   . ASP A 1 125 ? -16.569 -12.111 -5.224  1.00 33.30 ? 559 ASP A C   1 
ATOM   948  O O   . ASP A 1 125 ? -15.756 -12.989 -4.958  1.00 32.40 ? 559 ASP A O   1 
ATOM   949  C CB  . ASP A 1 125 ? -18.781 -11.940 -4.058  1.00 34.44 ? 559 ASP A CB  1 
ATOM   950  C CG  . ASP A 1 125 ? -19.484 -11.677 -2.732  1.00 35.61 ? 559 ASP A CG  1 
ATOM   951  O OD1 . ASP A 1 125 ? -18.863 -11.235 -1.751  1.00 38.98 ? 559 ASP A OD1 1 
ATOM   952  O OD2 . ASP A 1 125 ? -20.705 -11.930 -2.673  1.00 42.14 ? 559 ASP A OD2 1 
ATOM   953  N N   . ARG A 1 126 ? -16.816 -11.708 -6.467  1.00 33.00 ? 560 ARG A N   1 
ATOM   954  C CA  . ARG A 1 126 ? -16.092 -12.255 -7.617  1.00 33.70 ? 560 ARG A CA  1 
ATOM   955  C C   . ARG A 1 126 ? -14.563 -12.039 -7.594  1.00 32.51 ? 560 ARG A C   1 
ATOM   956  O O   . ARG A 1 126 ? -13.781 -12.944 -7.929  1.00 31.85 ? 560 ARG A O   1 
ATOM   957  C CB  . ARG A 1 126 ? -16.643 -11.640 -8.902  1.00 34.72 ? 560 ARG A CB  1 
ATOM   958  C CG  . ARG A 1 126 ? -16.746 -12.598 -10.051 1.00 40.97 ? 560 ARG A CG  1 
ATOM   959  C CD  . ARG A 1 126 ? -17.905 -13.589 -9.852  1.00 47.65 ? 560 ARG A CD  1 
ATOM   960  N NE  . ARG A 1 126 ? -19.169 -13.062 -10.377 1.00 54.58 ? 560 ARG A NE  1 
ATOM   961  C CZ  . ARG A 1 126 ? -20.277 -13.785 -10.600 1.00 60.40 ? 560 ARG A CZ  1 
ATOM   962  N NH1 . ARG A 1 126 ? -20.322 -15.102 -10.344 1.00 62.63 ? 560 ARG A NH1 1 
ATOM   963  N NH2 . ARG A 1 126 ? -21.371 -13.185 -11.085 1.00 62.85 ? 560 ARG A NH2 1 
ATOM   964  N N   . MET A 1 127 ? -14.137 -10.824 -7.269  1.00 31.70 ? 561 MET A N   1 
ATOM   965  C CA  . MET A 1 127 ? -12.695 -10.510 -7.189  1.00 30.93 ? 561 MET A CA  1 
ATOM   966  C C   . MET A 1 127 ? -12.066 -11.275 -6.026  1.00 29.20 ? 561 MET A C   1 
ATOM   967  O O   . MET A 1 127 ? -10.987 -11.784 -6.161  1.00 26.42 ? 561 MET A O   1 
ATOM   968  C CB  . MET A 1 127 ? -12.458 -9.022  -7.016  1.00 32.27 ? 561 MET A CB  1 
ATOM   969  C CG  . MET A 1 127 ? -12.845 -8.213  -8.256  1.00 33.98 ? 561 MET A CG  1 
ATOM   970  S SD  . MET A 1 127 ? -12.751 -6.438  -7.907  1.00 39.28 ? 561 MET A SD  1 
ATOM   971  C CE  . MET A 1 127 ? -10.950 -6.099  -7.927  1.00 34.35 ? 561 MET A CE  1 
ATOM   972  N N   . VAL A 1 128 ? -12.794 -11.385 -4.912  1.00 28.42 ? 562 VAL A N   1 
ATOM   973  C CA  . VAL A 1 128 ? -12.350 -12.181 -3.775  1.00 28.70 ? 562 VAL A CA  1 
ATOM   974  C C   . VAL A 1 128 ? -12.149 -13.654 -4.206  1.00 28.72 ? 562 VAL A C   1 
ATOM   975  O O   . VAL A 1 128 ? -11.106 -14.247 -3.883  1.00 28.61 ? 562 VAL A O   1 
ATOM   976  C CB  . VAL A 1 128 ? -13.280 -12.018 -2.551  1.00 29.14 ? 562 VAL A CB  1 
ATOM   977  C CG1 . VAL A 1 128 ? -12.933 -13.039 -1.426  1.00 29.74 ? 562 VAL A CG1 1 
ATOM   978  C CG2 . VAL A 1 128 ? -13.185 -10.580 -2.019  1.00 27.85 ? 562 VAL A CG2 1 
ATOM   979  N N   . GLU A 1 129 ? -13.103 -14.220 -4.959  1.00 28.88 ? 563 GLU A N   1 
ATOM   980  C CA  A GLU A 1 129 ? -13.042 -15.613 -5.434  0.60 29.16 ? 563 GLU A CA  1 
ATOM   981  C CA  B GLU A 1 129 ? -12.981 -15.624 -5.349  0.40 29.10 ? 563 GLU A CA  1 
ATOM   982  C C   . GLU A 1 129 ? -11.810 -15.791 -6.295  1.00 28.88 ? 563 GLU A C   1 
ATOM   983  O O   . GLU A 1 129 ? -11.100 -16.764 -6.176  1.00 28.06 ? 563 GLU A O   1 
ATOM   984  C CB  A GLU A 1 129 ? -14.299 -16.003 -6.261  0.60 29.24 ? 563 GLU A CB  1 
ATOM   985  C CB  B GLU A 1 129 ? -14.260 -16.223 -5.957  0.40 29.23 ? 563 GLU A CB  1 
ATOM   986  C CG  A GLU A 1 129 ? -15.607 -16.007 -5.480  0.60 30.51 ? 563 GLU A CG  1 
ATOM   987  C CG  B GLU A 1 129 ? -14.230 -17.764 -6.009  0.40 30.52 ? 563 GLU A CG  1 
ATOM   988  C CD  A GLU A 1 129 ? -16.876 -16.084 -6.375  0.60 31.35 ? 563 GLU A CD  1 
ATOM   989  C CD  B GLU A 1 129 ? -14.260 -18.403 -4.612  0.40 32.55 ? 563 GLU A CD  1 
ATOM   990  O OE1 A GLU A 1 129 ? -16.766 -16.587 -7.515  0.60 32.12 ? 563 GLU A OE1 1 
ATOM   991  O OE1 B GLU A 1 129 ? -15.059 -17.951 -3.765  0.40 33.49 ? 563 GLU A OE1 1 
ATOM   992  O OE2 A GLU A 1 129 ? -17.969 -15.647 -5.921  0.60 29.13 ? 563 GLU A OE2 1 
ATOM   993  O OE2 B GLU A 1 129 ? -13.487 -19.355 -4.351  0.40 33.38 ? 563 GLU A OE2 1 
ATOM   994  N N   . GLU A 1 130 ? -11.568 -14.832 -7.192  1.00 28.41 ? 564 GLU A N   1 
ATOM   995  C CA  . GLU A 1 130 ? -10.409 -14.955 -8.055  1.00 29.27 ? 564 GLU A CA  1 
ATOM   996  C C   . GLU A 1 130 ? -9.100  -14.870 -7.279  1.00 29.37 ? 564 GLU A C   1 
ATOM   997  O O   . GLU A 1 130 ? -8.165  -15.623 -7.585  1.00 29.56 ? 564 GLU A O   1 
ATOM   998  C CB  . GLU A 1 130 ? -10.416 -13.922 -9.165  1.00 30.21 ? 564 GLU A CB  1 
ATOM   999  C CG  . GLU A 1 130 ? -9.174  -14.009 -9.980  1.00 35.57 ? 564 GLU A CG  1 
ATOM   1000 C CD  . GLU A 1 130 ? -9.319  -13.397 -11.381 1.00 42.98 ? 564 GLU A CD  1 
ATOM   1001 O OE1 . GLU A 1 130 ? -9.870  -14.090 -12.287 1.00 45.87 ? 564 GLU A OE1 1 
ATOM   1002 O OE2 . GLU A 1 130 ? -8.857  -12.237 -11.573 1.00 43.90 ? 564 GLU A OE2 1 
ATOM   1003 N N   . ALA A 1 131 ? -9.012  -13.945 -6.309  1.00 27.62 ? 565 ALA A N   1 
ATOM   1004 C CA  . ALA A 1 131 ? -7.885  -13.924 -5.393  1.00 26.94 ? 565 ALA A CA  1 
ATOM   1005 C C   . ALA A 1 131 ? -7.659  -15.263 -4.684  1.00 27.11 ? 565 ALA A C   1 
ATOM   1006 O O   . ALA A 1 131 ? -6.528  -15.701 -4.528  1.00 25.88 ? 565 ALA A O   1 
ATOM   1007 C CB  . ALA A 1 131 ? -8.033  -12.803 -4.353  1.00 25.94 ? 565 ALA A CB  1 
ATOM   1008 N N   . GLU A 1 132 ? -8.719  -15.895 -4.206  1.00 28.07 ? 566 GLU A N   1 
ATOM   1009 C CA  . GLU A 1 132 ? -8.567  -17.199 -3.565  1.00 29.36 ? 566 GLU A CA  1 
ATOM   1010 C C   . GLU A 1 132 ? -8.033  -18.234 -4.560  1.00 30.32 ? 566 GLU A C   1 
ATOM   1011 O O   . GLU A 1 132 ? -7.165  -19.024 -4.253  1.00 29.97 ? 566 GLU A O   1 
ATOM   1012 C CB  . GLU A 1 132 ? -9.903  -17.657 -2.991  1.00 30.16 ? 566 GLU A CB  1 
ATOM   1013 C CG  . GLU A 1 132 ? -10.295 -16.856 -1.777  1.00 32.32 ? 566 GLU A CG  1 
ATOM   1014 C CD  . GLU A 1 132 ? -11.720 -17.095 -1.298  1.00 34.96 ? 566 GLU A CD  1 
ATOM   1015 O OE1 . GLU A 1 132 ? -12.560 -17.670 -2.028  1.00 38.14 ? 566 GLU A OE1 1 
ATOM   1016 O OE2 . GLU A 1 132 ? -11.995 -16.664 -0.162  1.00 37.93 ? 566 GLU A OE2 1 
ATOM   1017 N N   . LYS A 1 133 ? -8.526  -18.185 -5.782  1.00 31.59 ? 567 LYS A N   1 
ATOM   1018 C CA  . LYS A 1 133 ? -8.079  -19.103 -6.819  1.00 32.20 ? 567 LYS A CA  1 
ATOM   1019 C C   . LYS A 1 133 ? -6.554  -18.992 -7.020  1.00 31.89 ? 567 LYS A C   1 
ATOM   1020 O O   . LYS A 1 133 ? -5.856  -20.002 -7.186  1.00 31.98 ? 567 LYS A O   1 
ATOM   1021 C CB  . LYS A 1 133 ? -8.886  -18.796 -8.099  1.00 33.09 ? 567 LYS A CB  1 
ATOM   1022 C CG  . LYS A 1 133 ? -8.578  -19.652 -9.289  1.00 35.89 ? 567 LYS A CG  1 
ATOM   1023 C CD  . LYS A 1 133 ? -9.195  -19.092 -10.577 1.00 39.40 ? 567 LYS A CD  1 
ATOM   1024 C CE  . LYS A 1 133 ? -8.557  -19.768 -11.783 1.00 40.92 ? 567 LYS A CE  1 
ATOM   1025 N NZ  . LYS A 1 133 ? -9.211  -19.342 -13.044 1.00 43.88 ? 567 LYS A NZ  1 
ATOM   1026 N N   . PHE A 1 134 ? -6.023  -17.769 -6.955  1.00 30.54 ? 568 PHE A N   1 
ATOM   1027 C CA  . PHE A 1 134 ? -4.584  -17.539 -7.081  1.00 29.75 ? 568 PHE A CA  1 
ATOM   1028 C C   . PHE A 1 134 ? -3.796  -17.474 -5.772  1.00 28.28 ? 568 PHE A C   1 
ATOM   1029 O O   . PHE A 1 134 ? -2.621  -17.183 -5.809  1.00 27.83 ? 568 PHE A O   1 
ATOM   1030 C CB  . PHE A 1 134 ? -4.352  -16.244 -7.831  1.00 29.44 ? 568 PHE A CB  1 
ATOM   1031 C CG  . PHE A 1 134 ? -4.690  -16.335 -9.268  1.00 33.97 ? 568 PHE A CG  1 
ATOM   1032 C CD1 . PHE A 1 134 ? -3.775  -16.828 -10.166 1.00 38.47 ? 568 PHE A CD1 1 
ATOM   1033 C CD2 . PHE A 1 134 ? -5.925  -15.937 -9.731  1.00 36.37 ? 568 PHE A CD2 1 
ATOM   1034 C CE1 . PHE A 1 134 ? -4.100  -16.926 -11.514 1.00 42.06 ? 568 PHE A CE1 1 
ATOM   1035 C CE2 . PHE A 1 134 ? -6.264  -16.052 -11.079 1.00 40.63 ? 568 PHE A CE2 1 
ATOM   1036 C CZ  . PHE A 1 134 ? -5.362  -16.543 -11.967 1.00 40.87 ? 568 PHE A CZ  1 
ATOM   1037 N N   . ALA A 1 135 ? -4.429  -17.760 -4.634  1.00 27.65 ? 569 ALA A N   1 
ATOM   1038 C CA  . ALA A 1 135 ? -3.816  -17.522 -3.312  1.00 26.65 ? 569 ALA A CA  1 
ATOM   1039 C C   . ALA A 1 135 ? -2.522  -18.308 -3.169  1.00 26.23 ? 569 ALA A C   1 
ATOM   1040 O O   . ALA A 1 135 ? -1.506  -17.788 -2.676  1.00 23.65 ? 569 ALA A O   1 
ATOM   1041 C CB  . ALA A 1 135 ? -4.778  -17.893 -2.197  1.00 25.92 ? 569 ALA A CB  1 
ATOM   1042 N N   . SER A 1 136 ? -2.583  -19.582 -3.570  1.00 26.10 ? 570 SER A N   1 
ATOM   1043 C CA  . SER A 1 136 ? -1.440  -20.476 -3.429  1.00 27.35 ? 570 SER A CA  1 
ATOM   1044 C C   . SER A 1 136 ? -0.218  -20.037 -4.269  1.00 27.63 ? 570 SER A C   1 
ATOM   1045 O O   . SER A 1 136 ? 0.928   -19.908 -3.779  1.00 26.90 ? 570 SER A O   1 
ATOM   1046 C CB  . SER A 1 136 ? -1.883  -21.892 -3.782  1.00 27.67 ? 570 SER A CB  1 
ATOM   1047 O OG  . SER A 1 136 ? -0.806  -22.748 -3.618  1.00 31.05 ? 570 SER A OG  1 
ATOM   1048 N N   . GLU A 1 137 ? -0.469  -19.759 -5.536  1.00 28.33 ? 571 GLU A N   1 
ATOM   1049 C CA  . GLU A 1 137 ? 0.559   -19.215 -6.432  1.00 29.33 ? 571 GLU A CA  1 
ATOM   1050 C C   . GLU A 1 137 ? 1.113   -17.875 -5.853  1.00 28.26 ? 571 GLU A C   1 
ATOM   1051 O O   . GLU A 1 137 ? 2.314   -17.674 -5.750  1.00 29.18 ? 571 GLU A O   1 
ATOM   1052 C CB  . GLU A 1 137 ? -0.099  -18.979 -7.796  1.00 30.40 ? 571 GLU A CB  1 
ATOM   1053 C CG  . GLU A 1 137 ? 0.828   -18.821 -8.973  1.00 35.65 ? 571 GLU A CG  1 
ATOM   1054 C CD  . GLU A 1 137 ? 0.054   -18.643 -10.311 1.00 42.10 ? 571 GLU A CD  1 
ATOM   1055 O OE1 . GLU A 1 137 ? -0.928  -19.389 -10.589 1.00 44.34 ? 571 GLU A OE1 1 
ATOM   1056 O OE2 . GLU A 1 137 ? 0.436   -17.717 -11.077 1.00 48.57 ? 571 GLU A OE2 1 
ATOM   1057 N N   . ASP A 1 138 ? 0.212   -16.962 -5.493  1.00 27.25 ? 572 ASP A N   1 
ATOM   1058 C CA  . ASP A 1 138 ? 0.588   -15.655 -4.885  1.00 25.46 ? 572 ASP A CA  1 
ATOM   1059 C C   . ASP A 1 138 ? 1.498   -15.865 -3.675  1.00 25.03 ? 572 ASP A C   1 
ATOM   1060 O O   . ASP A 1 138 ? 2.501   -15.165 -3.498  1.00 25.18 ? 572 ASP A O   1 
ATOM   1061 C CB  . ASP A 1 138 ? -0.676  -14.892 -4.411  1.00 25.42 ? 572 ASP A CB  1 
ATOM   1062 C CG  . ASP A 1 138 ? -1.345  -14.096 -5.503  1.00 25.94 ? 572 ASP A CG  1 
ATOM   1063 O OD1 . ASP A 1 138 ? -0.882  -14.224 -6.665  1.00 27.79 ? 572 ASP A OD1 1 
ATOM   1064 O OD2 . ASP A 1 138 ? -2.335  -13.339 -5.219  1.00 25.53 ? 572 ASP A OD2 1 
ATOM   1065 N N   . ALA A 1 139 ? 1.119   -16.806 -2.812  1.00 24.45 ? 573 ALA A N   1 
ATOM   1066 C CA  . ALA A 1 139 ? 1.857   -17.031 -1.578  1.00 24.21 ? 573 ALA A CA  1 
ATOM   1067 C C   . ALA A 1 139 ? 3.250   -17.541 -1.873  1.00 24.38 ? 573 ALA A C   1 
ATOM   1068 O O   . ALA A 1 139 ? 4.185   -17.257 -1.115  1.00 23.19 ? 573 ALA A O   1 
ATOM   1069 C CB  . ALA A 1 139 ? 1.136   -18.017 -0.663  1.00 23.74 ? 573 ALA A CB  1 
ATOM   1070 N N   . SER A 1 140 ? 3.369   -18.317 -2.945  1.00 24.62 ? 574 SER A N   1 
ATOM   1071 C CA  . SER A 1 140 ? 4.630   -18.918 -3.292  1.00 25.87 ? 574 SER A CA  1 
ATOM   1072 C C   . SER A 1 140 ? 5.599   -17.849 -3.873  1.00 26.38 ? 574 SER A C   1 
ATOM   1073 O O   . SER A 1 140 ? 6.782   -17.815 -3.534  1.00 26.71 ? 574 SER A O   1 
ATOM   1074 C CB  . SER A 1 140 ? 4.350   -20.100 -4.248  1.00 26.93 ? 574 SER A CB  1 
ATOM   1075 O OG  . SER A 1 140 ? 5.507   -20.518 -4.923  1.00 29.25 ? 574 SER A OG  1 
ATOM   1076 N N   . ILE A 1 141 ? 5.087   -16.991 -4.743  1.00 26.02 ? 575 ILE A N   1 
ATOM   1077 C CA  . ILE A 1 141 ? 5.885   -15.883 -5.317  1.00 25.86 ? 575 ILE A CA  1 
ATOM   1078 C C   . ILE A 1 141 ? 6.321   -14.947 -4.191  1.00 25.75 ? 575 ILE A C   1 
ATOM   1079 O O   . ILE A 1 141 ? 7.483   -14.547 -4.091  1.00 25.06 ? 575 ILE A O   1 
ATOM   1080 C CB  . ILE A 1 141 ? 5.045   -15.130 -6.362  1.00 26.07 ? 575 ILE A CB  1 
ATOM   1081 C CG1 . ILE A 1 141 ? 4.731   -16.095 -7.543  1.00 26.85 ? 575 ILE A CG1 1 
ATOM   1082 C CG2 . ILE A 1 141 ? 5.762   -13.846 -6.850  1.00 27.59 ? 575 ILE A CG2 1 
ATOM   1083 C CD1 . ILE A 1 141 ? 3.522   -15.738 -8.420  1.00 26.88 ? 575 ILE A CD1 1 
ATOM   1084 N N   . LYS A 1 142 ? 5.390   -14.621 -3.294  1.00 25.82 ? 576 LYS A N   1 
ATOM   1085 C CA  . LYS A 1 142 ? 5.706   -13.714 -2.165  1.00 25.34 ? 576 LYS A CA  1 
ATOM   1086 C C   . LYS A 1 142 ? 6.819   -14.268 -1.257  1.00 25.62 ? 576 LYS A C   1 
ATOM   1087 O O   . LYS A 1 142 ? 7.756   -13.563 -0.893  1.00 24.73 ? 576 LYS A O   1 
ATOM   1088 C CB  . LYS A 1 142 ? 4.433   -13.383 -1.375  1.00 25.46 ? 576 LYS A CB  1 
ATOM   1089 C CG  . LYS A 1 142 ? 4.649   -12.483 -0.184  1.00 25.49 ? 576 LYS A CG  1 
ATOM   1090 C CD  . LYS A 1 142 ? 3.334   -12.080 0.482   1.00 25.81 ? 576 LYS A CD  1 
ATOM   1091 C CE  . LYS A 1 142 ? 3.597   -11.284 1.758   1.00 27.54 ? 576 LYS A CE  1 
ATOM   1092 N NZ  . LYS A 1 142 ? 2.311   -10.917 2.381   1.00 31.50 ? 576 LYS A NZ  1 
ATOM   1093 N N   . ALA A 1 143 ? 6.730   -15.541 -0.900  1.00 26.42 ? 577 ALA A N   1 
ATOM   1094 C CA  . ALA A 1 143 ? 7.744   -16.182 -0.083  1.00 27.76 ? 577 ALA A CA  1 
ATOM   1095 C C   . ALA A 1 143 ? 9.145   -16.059 -0.710  1.00 29.01 ? 577 ALA A C   1 
ATOM   1096 O O   . ALA A 1 143 ? 10.144  -15.837 -0.005  1.00 29.18 ? 577 ALA A O   1 
ATOM   1097 C CB  . ALA A 1 143 ? 7.398   -17.686 0.132   1.00 26.69 ? 577 ALA A CB  1 
ATOM   1098 N N   . LYS A 1 144 ? 9.181   -16.235 -2.022  1.00 30.74 ? 578 LYS A N   1 
ATOM   1099 C CA  . LYS A 1 144 ? 10.413  -16.291 -2.803  1.00 32.56 ? 578 LYS A CA  1 
ATOM   1100 C C   . LYS A 1 144 ? 11.033  -14.899 -2.865  1.00 32.75 ? 578 LYS A C   1 
ATOM   1101 O O   . LYS A 1 144 ? 12.248  -14.727 -2.714  1.00 33.36 ? 578 LYS A O   1 
ATOM   1102 C CB  . LYS A 1 144 ? 10.069  -16.716 -4.229  1.00 33.25 ? 578 LYS A CB  1 
ATOM   1103 C CG  . LYS A 1 144 ? 11.027  -17.658 -4.881  1.00 38.10 ? 578 LYS A CG  1 
ATOM   1104 C CD  . LYS A 1 144 ? 10.611  -17.915 -6.336  1.00 41.52 ? 578 LYS A CD  1 
ATOM   1105 C CE  . LYS A 1 144 ? 9.423   -18.849 -6.439  1.00 44.26 ? 578 LYS A CE  1 
ATOM   1106 N NZ  . LYS A 1 144 ? 8.323   -18.263 -7.292  1.00 48.05 ? 578 LYS A NZ  1 
ATOM   1107 N N   . VAL A 1 145 ? 10.172  -13.904 -3.078  1.00 32.58 ? 579 VAL A N   1 
ATOM   1108 C CA  . VAL A 1 145 ? 10.622  -12.529 -3.085  1.00 32.43 ? 579 VAL A CA  1 
ATOM   1109 C C   . VAL A 1 145 ? 11.148  -12.131 -1.714  1.00 32.08 ? 579 VAL A C   1 
ATOM   1110 O O   . VAL A 1 145 ? 12.249  -11.604 -1.590  1.00 32.70 ? 579 VAL A O   1 
ATOM   1111 C CB  . VAL A 1 145 ? 9.499   -11.562 -3.541  1.00 32.46 ? 579 VAL A CB  1 
ATOM   1112 C CG1 . VAL A 1 145 ? 9.951   -10.152 -3.333  1.00 33.69 ? 579 VAL A CG1 1 
ATOM   1113 C CG2 . VAL A 1 145 ? 9.152   -11.804 -4.965  1.00 31.80 ? 579 VAL A CG2 1 
ATOM   1114 N N   . GLU A 1 146 ? 10.408  -12.434 -0.660  1.00 31.21 ? 580 GLU A N   1 
ATOM   1115 C CA  . GLU A 1 146 ? 10.764  -11.912 0.655   1.00 30.79 ? 580 GLU A CA  1 
ATOM   1116 C C   . GLU A 1 146 ? 11.875  -12.671 1.385   1.00 29.58 ? 580 GLU A C   1 
ATOM   1117 O O   . GLU A 1 146 ? 12.446  -12.146 2.364   1.00 29.53 ? 580 GLU A O   1 
ATOM   1118 C CB  . GLU A 1 146 ? 9.506   -11.816 1.518   1.00 31.94 ? 580 GLU A CB  1 
ATOM   1119 C CG  . GLU A 1 146 ? 8.485   -10.862 0.866   1.00 33.45 ? 580 GLU A CG  1 
ATOM   1120 C CD  . GLU A 1 146 ? 7.433   -10.375 1.821   1.00 38.90 ? 580 GLU A CD  1 
ATOM   1121 O OE1 . GLU A 1 146 ? 6.932   -11.222 2.622   1.00 38.21 ? 580 GLU A OE1 1 
ATOM   1122 O OE2 . GLU A 1 146 ? 7.126   -9.136  1.733   1.00 38.66 ? 580 GLU A OE2 1 
ATOM   1123 N N   . SER A 1 147 ? 12.197  -13.883 0.930   1.00 27.75 ? 581 SER A N   1 
ATOM   1124 C CA  A SER A 1 147 ? 13.261  -14.659 1.573   0.50 27.72 ? 581 SER A CA  1 
ATOM   1125 C CA  B SER A 1 147 ? 13.252  -14.658 1.591   0.50 26.84 ? 581 SER A CA  1 
ATOM   1126 C C   . SER A 1 147 ? 14.543  -13.838 1.600   1.00 26.32 ? 581 SER A C   1 
ATOM   1127 O O   . SER A 1 147 ? 14.836  -13.119 0.638   1.00 25.53 ? 581 SER A O   1 
ATOM   1128 C CB  A SER A 1 147 ? 13.494  -15.974 0.831   0.50 27.27 ? 581 SER A CB  1 
ATOM   1129 C CB  B SER A 1 147 ? 13.439  -16.044 0.934   0.50 26.19 ? 581 SER A CB  1 
ATOM   1130 O OG  A SER A 1 147 ? 14.364  -16.794 1.582   0.50 29.29 ? 581 SER A OG  1 
ATOM   1131 O OG  B SER A 1 147 ? 13.793  -15.966 -0.437  0.50 22.79 ? 581 SER A OG  1 
ATOM   1132 N N   . ARG A 1 148 ? 15.291  -13.928 2.699   1.00 26.04 ? 582 ARG A N   1 
ATOM   1133 C CA  . ARG A 1 148 ? 16.526  -13.125 2.869   1.00 25.88 ? 582 ARG A CA  1 
ATOM   1134 C C   . ARG A 1 148 ? 17.804  -13.798 2.332   1.00 26.24 ? 582 ARG A C   1 
ATOM   1135 O O   . ARG A 1 148 ? 18.884  -13.348 2.613   1.00 27.88 ? 582 ARG A O   1 
ATOM   1136 C CB  . ARG A 1 148 ? 16.727  -12.745 4.322   1.00 25.37 ? 582 ARG A CB  1 
ATOM   1137 C CG  . ARG A 1 148 ? 15.628  -11.782 4.890   1.00 26.54 ? 582 ARG A CG  1 
ATOM   1138 C CD  . ARG A 1 148 ? 15.629  -10.418 4.146   1.00 24.72 ? 582 ARG A CD  1 
ATOM   1139 N NE  . ARG A 1 148 ? 14.908  -10.531 2.882   1.00 24.88 ? 582 ARG A NE  1 
ATOM   1140 C CZ  . ARG A 1 148 ? 15.122  -9.780  1.808   1.00 24.91 ? 582 ARG A CZ  1 
ATOM   1141 N NH1 . ARG A 1 148 ? 14.419  -10.004 0.698   1.00 25.64 ? 582 ARG A NH1 1 
ATOM   1142 N NH2 . ARG A 1 148 ? 16.061  -8.846  1.823   1.00 26.35 ? 582 ARG A NH2 1 
ATOM   1143 N N   . ASN A 1 149 ? 17.670  -14.903 1.616   1.00 26.41 ? 583 ASN A N   1 
ATOM   1144 C CA  A ASN A 1 149 ? 18.835  -15.627 1.068   0.60 26.35 ? 583 ASN A CA  1 
ATOM   1145 C CA  B ASN A 1 149 ? 18.829  -15.627 1.066   0.40 26.37 ? 583 ASN A CA  1 
ATOM   1146 C C   . ASN A 1 149 ? 19.199  -15.077 -0.308  1.00 26.13 ? 583 ASN A C   1 
ATOM   1147 O O   . ASN A 1 149 ? 19.226  -15.802 -1.298  1.00 27.70 ? 583 ASN A O   1 
ATOM   1148 C CB  A ASN A 1 149 ? 18.617  -17.163 1.063   0.60 26.19 ? 583 ASN A CB  1 
ATOM   1149 C CB  B ASN A 1 149 ? 18.508  -17.111 0.959   0.40 26.34 ? 583 ASN A CB  1 
ATOM   1150 C CG  A ASN A 1 149 ? 17.462  -17.638 0.133   0.60 28.91 ? 583 ASN A CG  1 
ATOM   1151 C CG  B ASN A 1 149 ? 17.353  -17.383 0.002   0.40 28.16 ? 583 ASN A CG  1 
ATOM   1152 O OD1 A ASN A 1 149 ? 17.619  -18.626 -0.618  0.60 28.34 ? 583 ASN A OD1 1 
ATOM   1153 O OD1 B ASN A 1 149 ? 16.700  -18.427 0.080   0.40 29.98 ? 583 ASN A OD1 1 
ATOM   1154 N ND2 A ASN A 1 149 ? 16.302  -16.967 0.206   0.60 28.75 ? 583 ASN A ND2 1 
ATOM   1155 N ND2 B ASN A 1 149 ? 17.095  -16.428 -0.906  0.40 26.48 ? 583 ASN A ND2 1 
ATOM   1156 N N   . LYS A 1 150 ? 19.447  -13.789 -0.359  1.00 24.86 ? 584 LYS A N   1 
ATOM   1157 C CA  . LYS A 1 150 ? 19.687  -13.110 -1.592  1.00 24.43 ? 584 LYS A CA  1 
ATOM   1158 C C   . LYS A 1 150 ? 21.015  -12.398 -1.578  1.00 23.66 ? 584 LYS A C   1 
ATOM   1159 O O   . LYS A 1 150 ? 21.524  -11.959 -0.541  1.00 21.77 ? 584 LYS A O   1 
ATOM   1160 C CB  . LYS A 1 150 ? 18.552  -12.152 -1.894  1.00 25.05 ? 584 LYS A CB  1 
ATOM   1161 C CG  . LYS A 1 150 ? 17.250  -12.982 -2.212  1.00 24.56 ? 584 LYS A CG  1 
ATOM   1162 C CD  . LYS A 1 150 ? 16.175  -12.101 -2.567  1.00 23.13 ? 584 LYS A CD  1 
ATOM   1163 C CE  . LYS A 1 150 ? 14.889  -12.858 -2.901  1.00 25.64 ? 584 LYS A CE  1 
ATOM   1164 N NZ  . LYS A 1 150 ? 14.453  -13.856 -1.883  1.00 22.95 ? 584 LYS A NZ  1 
ATOM   1165 N N   . LEU A 1 151 ? 21.580  -12.354 -2.769  1.00 23.11 ? 585 LEU A N   1 
ATOM   1166 C CA  . LEU A 1 151 ? 22.852  -11.743 -3.007  1.00 21.92 ? 585 LEU A CA  1 
ATOM   1167 C C   . LEU A 1 151 ? 22.638  -10.560 -3.915  1.00 22.51 ? 585 LEU A C   1 
ATOM   1168 O O   . LEU A 1 151 ? 21.897  -10.628 -4.914  1.00 22.24 ? 585 LEU A O   1 
ATOM   1169 C CB  . LEU A 1 151 ? 23.755  -12.775 -3.674  1.00 21.29 ? 585 LEU A CB  1 
ATOM   1170 C CG  . LEU A 1 151 ? 23.951  -14.069 -2.893  1.00 22.50 ? 585 LEU A CG  1 
ATOM   1171 C CD1 . LEU A 1 151 ? 24.635  -15.158 -3.742  1.00 21.58 ? 585 LEU A CD1 1 
ATOM   1172 C CD2 . LEU A 1 151 ? 24.791  -13.822 -1.627  1.00 23.54 ? 585 LEU A CD2 1 
ATOM   1173 N N   . GLU A 1 152 ? 23.328  -9.474  -3.597  1.00 22.93 ? 586 GLU A N   1 
ATOM   1174 C CA  A GLU A 1 152 ? 23.356  -8.345  -4.503  0.60 23.03 ? 586 GLU A CA  1 
ATOM   1175 C CA  B GLU A 1 152 ? 23.433  -8.293  -4.448  0.40 22.91 ? 586 GLU A CA  1 
ATOM   1176 C C   . GLU A 1 152 ? 24.463  -8.542  -5.523  1.00 23.14 ? 586 GLU A C   1 
ATOM   1177 O O   . GLU A 1 152 ? 25.134  -9.580  -5.521  1.00 22.93 ? 586 GLU A O   1 
ATOM   1178 C CB  A GLU A 1 152 ? 23.486  -7.052  -3.712  0.60 23.43 ? 586 GLU A CB  1 
ATOM   1179 C CB  B GLU A 1 152 ? 23.838  -7.045  -3.636  0.40 23.05 ? 586 GLU A CB  1 
ATOM   1180 C CG  A GLU A 1 152 ? 22.254  -6.869  -2.797  0.60 23.25 ? 586 GLU A CG  1 
ATOM   1181 C CG  B GLU A 1 152 ? 25.154  -7.133  -2.843  0.40 22.84 ? 586 GLU A CG  1 
ATOM   1182 C CD  A GLU A 1 152 ? 22.412  -5.752  -1.762  0.60 24.01 ? 586 GLU A CD  1 
ATOM   1183 C CD  B GLU A 1 152 ? 26.338  -6.547  -3.572  0.40 22.90 ? 586 GLU A CD  1 
ATOM   1184 O OE1 A GLU A 1 152 ? 23.275  -4.877  -1.926  0.60 21.80 ? 586 GLU A OE1 1 
ATOM   1185 O OE1 B GLU A 1 152 ? 26.162  -6.155  -4.748  0.40 21.31 ? 586 GLU A OE1 1 
ATOM   1186 O OE2 A GLU A 1 152 ? 21.639  -5.770  -0.784  0.60 26.96 ? 586 GLU A OE2 1 
ATOM   1187 O OE2 B GLU A 1 152 ? 27.447  -6.483  -2.968  0.40 21.15 ? 586 GLU A OE2 1 
ATOM   1188 O OXT . GLU A 1 152 ? 24.676  -7.709  -6.378  1.00 23.28 ? 586 GLU A OXT 1 
HETATM 1189 O O   . HOH B 2 .   ? -0.523  -11.266 -6.796  1.00 19.22 ? 1   HOH A O   1 
HETATM 1190 O O   . HOH B 2 .   ? -3.907  14.392  -4.843  1.00 16.97 ? 2   HOH A O   1 
HETATM 1191 O O   . HOH B 2 .   ? -3.307  10.775  5.300   1.00 25.25 ? 3   HOH A O   1 
HETATM 1192 O O   . HOH B 2 .   ? 5.135   2.079   -2.474  1.00 22.58 ? 4   HOH A O   1 
HETATM 1193 O O   . HOH B 2 .   ? -4.251  -7.220  -1.345  1.00 22.66 ? 5   HOH A O   1 
HETATM 1194 O O   . HOH B 2 .   ? -8.263  -8.033  -6.437  1.00 23.48 ? 6   HOH A O   1 
HETATM 1195 O O   . HOH B 2 .   ? -11.544 0.352   -1.832  1.00 22.80 ? 7   HOH A O   1 
HETATM 1196 O O   . HOH B 2 .   ? 4.100   2.439   -12.013 1.00 27.95 ? 8   HOH A O   1 
HETATM 1197 O O   . HOH B 2 .   ? -7.039  7.187   -8.720  1.00 28.36 ? 9   HOH A O   1 
HETATM 1198 O O   . HOH B 2 .   ? 4.223   0.307   11.791  1.00 33.94 ? 10  HOH A O   1 
HETATM 1199 O O   . HOH B 2 .   ? -4.488  -14.059 -3.868  1.00 25.30 ? 11  HOH A O   1 
HETATM 1200 O O   . HOH B 2 .   ? -3.125  -20.674 -6.731  1.00 28.61 ? 12  HOH A O   1 
HETATM 1201 O O   . HOH B 2 .   ? 1.011   -9.311  -0.080  1.00 20.35 ? 13  HOH A O   1 
HETATM 1202 O O   . HOH B 2 .   ? 2.141   10.235  7.092   1.00 32.03 ? 14  HOH A O   1 
HETATM 1203 O O   . HOH B 2 .   ? -1.900  -15.814 -0.957  1.00 25.04 ? 15  HOH A O   1 
HETATM 1204 O O   . HOH B 2 .   ? 10.341  -4.988  1.680   1.00 36.81 ? 16  HOH A O   1 
HETATM 1205 O O   . HOH B 2 .   ? -14.364 -0.068  -8.346  1.00 34.49 ? 17  HOH A O   1 
HETATM 1206 O O   . HOH B 2 .   ? 8.599   -0.480  -2.645  1.00 23.53 ? 18  HOH A O   1 
HETATM 1207 O O   . HOH B 2 .   ? 18.721  7.989   3.216   1.00 23.73 ? 19  HOH A O   1 
HETATM 1208 O O   . HOH B 2 .   ? 1.087   -1.430  -11.408 1.00 31.98 ? 20  HOH A O   1 
HETATM 1209 O O   . HOH B 2 .   ? -3.445  15.519  -0.364  1.00 27.89 ? 21  HOH A O   1 
HETATM 1210 O O   . HOH B 2 .   ? 3.810   -16.547 1.143   1.00 30.44 ? 22  HOH A O   1 
HETATM 1211 O O   . HOH B 2 .   ? -2.812  -0.754  -12.185 1.00 25.70 ? 23  HOH A O   1 
HETATM 1212 O O   . HOH B 2 .   ? 8.442   13.581  13.882  1.00 32.19 ? 24  HOH A O   1 
HETATM 1213 O O   . HOH B 2 .   ? -7.032  -7.204  -8.488  1.00 31.31 ? 25  HOH A O   1 
HETATM 1214 O O   . HOH B 2 .   ? 2.085   16.676  -1.342  1.00 27.41 ? 26  HOH A O   1 
HETATM 1215 O O   . HOH B 2 .   ? 7.871   17.656  1.447   1.00 40.64 ? 27  HOH A O   1 
HETATM 1216 O O   . HOH B 2 .   ? -7.479  -7.293  3.161   1.00 34.02 ? 28  HOH A O   1 
HETATM 1217 O O   . HOH B 2 .   ? -8.539  -4.009  -7.890  1.00 33.89 ? 29  HOH A O   1 
HETATM 1218 O O   . HOH B 2 .   ? 15.853  14.103  -2.401  1.00 38.25 ? 30  HOH A O   1 
HETATM 1219 O O   . HOH B 2 .   ? 12.938  17.623  -1.444  1.00 37.18 ? 31  HOH A O   1 
HETATM 1220 O O   . HOH B 2 .   ? 2.281   4.196   12.398  1.00 34.09 ? 32  HOH A O   1 
HETATM 1221 O O   . HOH B 2 .   ? -14.748 -2.369  10.408  1.00 26.66 ? 33  HOH A O   1 
HETATM 1222 O O   . HOH B 2 .   ? 11.322  -7.978  -0.386  1.00 27.68 ? 34  HOH A O   1 
HETATM 1223 O O   . HOH B 2 .   ? 8.068   -6.367  0.784   1.00 31.08 ? 35  HOH A O   1 
HETATM 1224 O O   . HOH B 2 .   ? -3.016  -0.932  8.642   1.00 29.78 ? 36  HOH A O   1 
HETATM 1225 O O   . HOH B 2 .   ? -16.286 -14.738 -2.755  1.00 40.15 ? 37  HOH A O   1 
HETATM 1226 O O   . HOH B 2 .   ? 18.406  4.957   3.765   1.00 24.86 ? 38  HOH A O   1 
HETATM 1227 O O   . HOH B 2 .   ? -11.372 -7.417  5.401   1.00 36.08 ? 39  HOH A O   1 
HETATM 1228 O O   . HOH B 2 .   ? 1.457   -15.569 1.894   1.00 25.57 ? 40  HOH A O   1 
HETATM 1229 O O   . HOH B 2 .   ? 0.397   -14.239 -0.180  1.00 19.26 ? 41  HOH A O   1 
HETATM 1230 O O   . HOH B 2 .   ? -16.262 1.387   -1.519  1.00 24.77 ? 42  HOH A O   1 
HETATM 1231 O O   . HOH B 2 .   ? 9.096   15.462  -1.302  1.00 29.33 ? 43  HOH A O   1 
HETATM 1232 O O   . HOH B 2 .   ? -7.318  -11.202 -9.282  1.00 33.00 ? 44  HOH A O   1 
HETATM 1233 O O   . HOH B 2 .   ? -3.457  -5.322  -12.681 1.00 47.26 ? 45  HOH A O   1 
HETATM 1234 O O   . HOH B 2 .   ? 12.049  6.195   -5.005  1.00 34.88 ? 46  HOH A O   1 
HETATM 1235 O O   . HOH B 2 .   ? -2.439  -17.316 1.273   1.00 37.78 ? 47  HOH A O   1 
HETATM 1236 O O   . HOH B 2 .   ? -18.581 -0.253  -0.640  1.00 29.62 ? 48  HOH A O   1 
HETATM 1237 O O   . HOH B 2 .   ? -1.221  -2.818  -11.600 1.00 32.04 ? 49  HOH A O   1 
HETATM 1238 O O   . HOH B 2 .   ? 15.407  -16.153 -2.667  1.00 36.80 ? 50  HOH A O   1 
HETATM 1239 O O   . HOH B 2 .   ? 8.173   -19.919 -2.504  1.00 32.39 ? 51  HOH A O   1 
HETATM 1240 O O   . HOH B 2 .   ? -5.187  -20.938 -4.262  1.00 30.46 ? 52  HOH A O   1 
HETATM 1241 O O   . HOH B 2 .   ? -4.616  -13.215 -12.446 1.00 43.43 ? 53  HOH A O   1 
HETATM 1242 O O   . HOH B 2 .   ? -0.421  -12.113 1.127   1.00 32.99 ? 54  HOH A O   1 
HETATM 1243 O O   . HOH B 2 .   ? 12.760  14.236  5.278   1.00 31.94 ? 55  HOH A O   1 
HETATM 1244 O O   . HOH B 2 .   ? 8.923   -2.425  -4.446  1.00 35.56 ? 56  HOH A O   1 
HETATM 1245 O O   . HOH B 2 .   ? 19.830  10.604  0.884   1.00 35.54 ? 57  HOH A O   1 
HETATM 1246 O O   . HOH B 2 .   ? -8.789  -10.558 -7.114  1.00 27.43 ? 58  HOH A O   1 
HETATM 1247 O O   . HOH B 2 .   ? -20.288 0.939   1.454   1.00 29.09 ? 59  HOH A O   1 
HETATM 1248 O O   . HOH B 2 .   ? 16.597  -17.758 4.370   1.00 44.87 ? 60  HOH A O   1 
HETATM 1249 O O   . HOH B 2 .   ? -9.864  -1.414  -8.411  1.00 37.83 ? 61  HOH A O   1 
HETATM 1250 O O   . HOH B 2 .   ? -20.997 -3.218  -2.553  1.00 41.11 ? 62  HOH A O   1 
HETATM 1251 O O   . HOH B 2 .   ? -14.522 -14.933 -9.777  1.00 45.87 ? 63  HOH A O   1 
HETATM 1252 O O   . HOH B 2 .   ? -7.733  -2.543  8.033   1.00 38.24 ? 64  HOH A O   1 
HETATM 1253 O O   . HOH B 2 .   ? -15.842 -8.559  -9.866  1.00 42.13 ? 65  HOH A O   1 
HETATM 1254 O O   . HOH B 2 .   ? -7.296  -10.788 0.147   1.00 49.21 ? 66  HOH A O   1 
HETATM 1255 O O   . HOH B 2 .   ? -2.846  3.158   12.702  1.00 41.59 ? 67  HOH A O   1 
HETATM 1256 O O   . HOH B 2 .   ? 4.235   -6.916  -8.089  1.00 26.31 ? 68  HOH A O   1 
HETATM 1257 O O   . HOH B 2 .   ? -0.418  -17.663 2.726   1.00 41.81 ? 69  HOH A O   1 
HETATM 1258 O O   . HOH B 2 .   ? 17.378  9.815   7.196   1.00 33.57 ? 70  HOH A O   1 
HETATM 1259 O O   . HOH B 2 .   ? 14.640  -4.959  -0.183  1.00 25.93 ? 71  HOH A O   1 
HETATM 1260 O O   . HOH B 2 .   ? 10.444  -19.298 -0.788  1.00 36.35 ? 72  HOH A O   1 
HETATM 1261 O O   . HOH B 2 .   ? 17.785  13.527  0.264   1.00 43.26 ? 73  HOH A O   1 
HETATM 1262 O O   . HOH B 2 .   ? 10.080  -15.913 2.573   1.00 38.61 ? 74  HOH A O   1 
HETATM 1263 O O   . HOH B 2 .   ? -12.471 -1.393  -9.273  1.00 50.03 ? 75  HOH A O   1 
HETATM 1264 O O   . HOH B 2 .   ? 15.015  11.213  8.521   1.00 43.80 ? 76  HOH A O   1 
HETATM 1265 O O   . HOH B 2 .   ? 1.770   -21.479 -1.739  1.00 32.55 ? 77  HOH A O   1 
HETATM 1266 O O   . HOH B 2 .   ? 6.549   18.932  4.905   1.00 40.22 ? 78  HOH A O   1 
HETATM 1267 O O   . HOH B 2 .   ? 10.018  -5.182  -8.052  1.00 38.40 ? 79  HOH A O   1 
HETATM 1268 O O   . HOH B 2 .   ? 0.634   -20.315 2.331   1.00 49.85 ? 80  HOH A O   1 
HETATM 1269 O O   . HOH B 2 .   ? 5.883   -9.070  -8.744  1.00 34.92 ? 81  HOH A O   1 
HETATM 1270 O O   . HOH B 2 .   ? -15.537 -5.735  0.750   1.00 20.78 ? 82  HOH A O   1 
HETATM 1271 O O   . HOH B 2 .   ? 21.810  -0.862  7.837   1.00 28.89 ? 83  HOH A O   1 
HETATM 1272 O O   . HOH B 2 .   ? 22.473  -0.173  0.644   1.00 30.83 ? 84  HOH A O   1 
HETATM 1273 O O   . HOH B 2 .   ? 3.999   -20.768 -0.261  1.00 33.94 ? 85  HOH A O   1 
HETATM 1274 O O   . HOH B 2 .   ? -13.223 1.906   10.962  1.00 34.14 ? 86  HOH A O   1 
HETATM 1275 O O   . HOH B 2 .   ? -3.781  -13.902 -1.358  1.00 34.72 ? 87  HOH A O   1 
HETATM 1276 O O   . HOH B 2 .   ? -5.524  -3.775  -12.443 1.00 51.46 ? 88  HOH A O   1 
HETATM 1277 O O   . HOH B 2 .   ? -2.426  0.584   10.838  1.00 41.05 ? 89  HOH A O   1 
HETATM 1278 O O   . HOH B 2 .   ? 8.270   -9.199  -7.491  1.00 33.45 ? 90  HOH A O   1 
HETATM 1279 O O   . HOH B 2 .   ? 25.573  5.347   -1.501  1.00 37.82 ? 91  HOH A O   1 
HETATM 1280 O O   . HOH B 2 .   ? 13.563  9.247   9.813   1.00 38.75 ? 92  HOH A O   1 
HETATM 1281 O O   . HOH B 2 .   ? 12.802  -18.324 -1.533  1.00 44.94 ? 93  HOH A O   1 
HETATM 1282 O O   . HOH B 2 .   ? 10.307  20.020  8.704   1.00 56.20 ? 94  HOH A O   1 
HETATM 1283 O O   . HOH B 2 .   ? -0.336  -21.436 0.369   1.00 42.83 ? 95  HOH A O   1 
HETATM 1284 O O   . HOH B 2 .   ? 21.384  5.189   -2.485  1.00 37.31 ? 96  HOH A O   1 
HETATM 1285 O O   . HOH B 2 .   ? 15.615  1.582   -3.135  1.00 31.84 ? 97  HOH A O   1 
HETATM 1286 O O   . HOH B 2 .   ? -3.264  -11.472 -0.814  1.00 42.70 ? 98  HOH A O   1 
HETATM 1287 O O   . HOH B 2 .   ? -11.067 2.418   -8.316  1.00 21.51 ? 99  HOH A O   1 
HETATM 1288 O O   . HOH B 2 .   ? 5.376   11.665  13.526  1.00 60.89 ? 100 HOH A O   1 
HETATM 1289 O O   . HOH B 2 .   ? 1.088   16.482  3.391   1.00 37.32 ? 101 HOH A O   1 
HETATM 1290 O O   . HOH B 2 .   ? -15.720 -8.793  0.574   1.00 43.03 ? 102 HOH A O   1 
HETATM 1291 O O   . HOH B 2 .   ? -16.422 -7.459  2.434   1.00 42.24 ? 103 HOH A O   1 
HETATM 1292 O O   . HOH B 2 .   ? -14.398 -10.314 2.090   1.00 44.47 ? 104 HOH A O   1 
HETATM 1293 O O   . HOH B 2 .   ? -6.427  -14.822 -0.264  1.00 47.29 ? 105 HOH A O   1 
HETATM 1294 O O   . HOH B 2 .   ? 16.106  -3.734  1.801   1.00 35.90 ? 106 HOH A O   1 
HETATM 1295 O O   . HOH B 2 .   ? 5.506   -4.737  -9.192  1.00 38.96 ? 107 HOH A O   1 
HETATM 1296 O O   . HOH B 2 .   ? -15.194 -7.502  7.701   1.00 36.32 ? 108 HOH A O   1 
HETATM 1297 O O   . HOH B 2 .   ? -8.133  2.374   13.062  1.00 38.16 ? 109 HOH A O   1 
HETATM 1298 O O   . HOH B 2 .   ? 21.157  12.216  -0.712  1.00 41.74 ? 110 HOH A O   1 
HETATM 1299 O O   . HOH B 2 .   ? 8.881   5.627   -11.118 1.00 39.41 ? 111 HOH A O   1 
HETATM 1300 O O   . HOH B 2 .   ? 1.777   -12.554 -9.946  1.00 39.52 ? 112 HOH A O   1 
HETATM 1301 O O   . HOH B 2 .   ? -9.276  2.979   -10.443 1.00 38.51 ? 113 HOH A O   1 
HETATM 1302 O O   . HOH B 2 .   ? 22.189  9.169   -2.262  1.00 39.16 ? 114 HOH A O   1 
HETATM 1303 O O   . HOH B 2 .   ? 25.676  3.972   4.990   1.00 45.42 ? 115 HOH A O   1 
HETATM 1304 O O   . HOH B 2 .   ? -5.042  12.221  6.949   1.00 41.20 ? 116 HOH A O   1 
HETATM 1305 O O   . HOH B 2 .   ? -15.801 11.011  6.988   1.00 34.15 ? 117 HOH A O   1 
HETATM 1306 O O   . HOH B 2 .   ? -0.531  -9.103  4.151   1.00 48.09 ? 118 HOH A O   1 
HETATM 1307 O O   . HOH B 2 .   ? 1.795   -13.282 3.730   1.00 38.31 ? 119 HOH A O   1 
HETATM 1308 O O   . HOH B 2 .   ? -18.932 -0.361  -3.567  1.00 29.40 ? 120 HOH A O   1 
# 
loop_
_pdbx_poly_seq_scheme.asym_id 
_pdbx_poly_seq_scheme.entity_id 
_pdbx_poly_seq_scheme.seq_id 
_pdbx_poly_seq_scheme.mon_id 
_pdbx_poly_seq_scheme.ndb_seq_num 
_pdbx_poly_seq_scheme.pdb_seq_num 
_pdbx_poly_seq_scheme.auth_seq_num 
_pdbx_poly_seq_scheme.pdb_mon_id 
_pdbx_poly_seq_scheme.auth_mon_id 
_pdbx_poly_seq_scheme.pdb_strand_id 
_pdbx_poly_seq_scheme.pdb_ins_code 
_pdbx_poly_seq_scheme.hetero 
A 1 1   SER 1   435 ?   ?   ?   A . n 
A 1 2   ASN 2   436 ?   ?   ?   A . n 
A 1 3   ALA 3   437 437 ALA ALA A . n 
A 1 4   ASP 4   438 438 ASP ASP A . n 
A 1 5   VAL 5   439 439 VAL VAL A . n 
A 1 6   ASN 6   440 440 ASN ASN A . n 
A 1 7   ALA 7   441 441 ALA ALA A . n 
A 1 8   LEU 8   442 442 LEU LEU A . n 
A 1 9   THR 9   443 443 THR THR A . n 
A 1 10  LEU 10  444 444 LEU LEU A . n 
A 1 11  GLY 11  445 445 GLY GLY A . n 
A 1 12  ILE 12  446 446 ILE ILE A . n 
A 1 13  GLU 13  447 447 GLU GLU A . n 
A 1 14  THR 14  448 448 THR THR A . n 
A 1 15  THR 15  449 449 THR THR A . n 
A 1 16  GLY 16  450 450 GLY GLY A . n 
A 1 17  GLY 17  451 451 GLY GLY A . n 
A 1 18  VAL 18  452 452 VAL VAL A . n 
A 1 19  MET 19  453 453 MET MET A . n 
A 1 20  THR 20  454 454 THR THR A . n 
A 1 21  PRO 21  455 455 PRO PRO A . n 
A 1 22  LEU 22  456 456 LEU LEU A . n 
A 1 23  ILE 23  457 457 ILE ILE A . n 
A 1 24  LYS 24  458 458 LYS LYS A . n 
A 1 25  ARG 25  459 459 ARG ARG A . n 
A 1 26  ASN 26  460 460 ASN ASN A . n 
A 1 27  THR 27  461 461 THR THR A . n 
A 1 28  ALA 28  462 462 ALA ALA A . n 
A 1 29  ILE 29  463 463 ILE ILE A . n 
A 1 30  PRO 30  464 464 PRO PRO A . n 
A 1 31  THR 31  465 465 THR THR A . n 
A 1 32  LYS 32  466 466 LYS LYS A . n 
A 1 33  LYS 33  467 467 LYS LYS A . n 
A 1 34  SER 34  468 468 SER SER A . n 
A 1 35  GLN 35  469 469 GLN GLN A . n 
A 1 36  ILE 36  470 470 ILE ILE A . n 
A 1 37  PHE 37  471 471 PHE PHE A . n 
A 1 38  SER 38  472 472 SER SER A . n 
A 1 39  THR 39  473 473 THR THR A . n 
A 1 40  ALA 40  474 474 ALA ALA A . n 
A 1 41  VAL 41  475 475 VAL VAL A . n 
A 1 42  ASP 42  476 476 ASP ASP A . n 
A 1 43  ASN 43  477 477 ASN ASN A . n 
A 1 44  GLN 44  478 478 GLN GLN A . n 
A 1 45  PRO 45  479 479 PRO PRO A . n 
A 1 46  THR 46  480 480 THR THR A . n 
A 1 47  VAL 47  481 481 VAL VAL A . n 
A 1 48  MET 48  482 482 MET MET A . n 
A 1 49  ILE 49  483 483 ILE ILE A . n 
A 1 50  LYS 50  484 484 LYS LYS A . n 
A 1 51  VAL 51  485 485 VAL VAL A . n 
A 1 52  TYR 52  486 486 TYR TYR A . n 
A 1 53  GLU 53  487 487 GLU GLU A . n 
A 1 54  GLY 54  488 488 GLY GLY A . n 
A 1 55  GLU 55  489 489 GLU GLU A . n 
A 1 56  ARG 56  490 490 ARG ARG A . n 
A 1 57  ALA 57  491 491 ALA ALA A . n 
A 1 58  MET 58  492 492 MET MET A . n 
A 1 59  SER 59  493 493 SER SER A . n 
A 1 60  LYS 60  494 494 LYS LYS A . n 
A 1 61  ASP 61  495 495 ASP ASP A . n 
A 1 62  ASN 62  496 496 ASN ASN A . n 
A 1 63  ASN 63  497 497 ASN ASN A . n 
A 1 64  LEU 64  498 498 LEU LEU A . n 
A 1 65  LEU 65  499 499 LEU LEU A . n 
A 1 66  GLY 66  500 500 GLY GLY A . n 
A 1 67  LYS 67  501 501 LYS LYS A . n 
A 1 68  PHE 68  502 502 PHE PHE A . n 
A 1 69  GLU 69  503 503 GLU GLU A . n 
A 1 70  LEU 70  504 504 LEU LEU A . n 
A 1 71  THR 71  505 505 THR THR A . n 
A 1 72  GLY 72  506 506 GLY GLY A . n 
A 1 73  ILE 73  507 507 ILE ILE A . n 
A 1 74  PRO 74  508 508 PRO PRO A . n 
A 1 75  PRO 75  509 509 PRO PRO A . n 
A 1 76  ALA 76  510 510 ALA ALA A . n 
A 1 77  PRO 77  511 511 PRO PRO A . n 
A 1 78  ARG 78  512 512 ARG ARG A . n 
A 1 79  GLY 79  513 513 GLY GLY A . n 
A 1 80  VAL 80  514 514 VAL VAL A . n 
A 1 81  PRO 81  515 515 PRO PRO A . n 
A 1 82  GLN 82  516 516 GLN GLN A . n 
A 1 83  ILE 83  517 517 ILE ILE A . n 
A 1 84  GLU 84  518 518 GLU GLU A . n 
A 1 85  VAL 85  519 519 VAL VAL A . n 
A 1 86  THR 86  520 520 THR THR A . n 
A 1 87  PHE 87  521 521 PHE PHE A . n 
A 1 88  ALA 88  522 522 ALA ALA A . n 
A 1 89  LEU 89  523 523 LEU LEU A . n 
A 1 90  ASP 90  524 524 ASP ASP A . n 
A 1 91  ALA 91  525 525 ALA ALA A . n 
A 1 92  ASN 92  526 526 ASN ASN A . n 
A 1 93  GLY 93  527 527 GLY GLY A . n 
A 1 94  ILE 94  528 528 ILE ILE A . n 
A 1 95  LEU 95  529 529 LEU LEU A . n 
A 1 96  LYS 96  530 530 LYS LYS A . n 
A 1 97  VAL 97  531 531 VAL VAL A . n 
A 1 98  SER 98  532 532 SER SER A . n 
A 1 99  ALA 99  533 533 ALA ALA A . n 
A 1 100 THR 100 534 534 THR THR A . n 
A 1 101 ASP 101 535 535 ASP ASP A . n 
A 1 102 LYS 102 536 536 LYS LYS A . n 
A 1 103 GLY 103 537 537 GLY GLY A . n 
A 1 104 THR 104 538 538 THR THR A . n 
A 1 105 GLY 105 539 539 GLY GLY A . n 
A 1 106 LYS 106 540 540 LYS LYS A . n 
A 1 107 SER 107 541 541 SER SER A . n 
A 1 108 GLU 108 542 542 GLU GLU A . n 
A 1 109 SER 109 543 543 SER SER A . n 
A 1 110 ILE 110 544 544 ILE ILE A . n 
A 1 111 THR 111 545 545 THR THR A . n 
A 1 112 ILE 112 546 546 ILE ILE A . n 
A 1 113 THR 113 547 547 THR THR A . n 
A 1 114 ASN 114 548 548 ASN ASN A . n 
A 1 115 ASP 115 549 549 ASP ASP A . n 
A 1 116 LYS 116 550 550 LYS LYS A . n 
A 1 117 GLY 117 551 551 GLY GLY A . n 
A 1 118 ARG 118 552 552 ARG ARG A . n 
A 1 119 LEU 119 553 553 LEU LEU A . n 
A 1 120 THR 120 554 554 THR THR A . n 
A 1 121 GLN 121 555 555 GLN GLN A . n 
A 1 122 GLU 122 556 556 GLU GLU A . n 
A 1 123 GLU 123 557 557 GLU GLU A . n 
A 1 124 ILE 124 558 558 ILE ILE A . n 
A 1 125 ASP 125 559 559 ASP ASP A . n 
A 1 126 ARG 126 560 560 ARG ARG A . n 
A 1 127 MET 127 561 561 MET MET A . n 
A 1 128 VAL 128 562 562 VAL VAL A . n 
A 1 129 GLU 129 563 563 GLU GLU A . n 
A 1 130 GLU 130 564 564 GLU GLU A . n 
A 1 131 ALA 131 565 565 ALA ALA A . n 
A 1 132 GLU 132 566 566 GLU GLU A . n 
A 1 133 LYS 133 567 567 LYS LYS A . n 
A 1 134 PHE 134 568 568 PHE PHE A . n 
A 1 135 ALA 135 569 569 ALA ALA A . n 
A 1 136 SER 136 570 570 SER SER A . n 
A 1 137 GLU 137 571 571 GLU GLU A . n 
A 1 138 ASP 138 572 572 ASP ASP A . n 
A 1 139 ALA 139 573 573 ALA ALA A . n 
A 1 140 SER 140 574 574 SER SER A . n 
A 1 141 ILE 141 575 575 ILE ILE A . n 
A 1 142 LYS 142 576 576 LYS LYS A . n 
A 1 143 ALA 143 577 577 ALA ALA A . n 
A 1 144 LYS 144 578 578 LYS LYS A . n 
A 1 145 VAL 145 579 579 VAL VAL A . n 
A 1 146 GLU 146 580 580 GLU GLU A . n 
A 1 147 SER 147 581 581 SER SER A . n 
A 1 148 ARG 148 582 582 ARG ARG A . n 
A 1 149 ASN 149 583 583 ASN ASN A . n 
A 1 150 LYS 150 584 584 LYS LYS A . n 
A 1 151 LEU 151 585 585 LEU LEU A . n 
A 1 152 GLU 152 586 586 GLU GLU A . n 
# 
_pdbx_SG_project.id                    1 
_pdbx_SG_project.project_name          'PSI, Protein Structure Initiative' 
_pdbx_SG_project.full_name_of_center   'Midwest Center for Structural Genomics' 
_pdbx_SG_project.initial_of_center     MCSG 
# 
loop_
_pdbx_nonpoly_scheme.asym_id 
_pdbx_nonpoly_scheme.entity_id 
_pdbx_nonpoly_scheme.mon_id 
_pdbx_nonpoly_scheme.ndb_seq_num 
_pdbx_nonpoly_scheme.pdb_seq_num 
_pdbx_nonpoly_scheme.auth_seq_num 
_pdbx_nonpoly_scheme.pdb_mon_id 
_pdbx_nonpoly_scheme.auth_mon_id 
_pdbx_nonpoly_scheme.pdb_strand_id 
_pdbx_nonpoly_scheme.pdb_ins_code 
B 2 HOH 1   1   1   HOH HOH A . 
B 2 HOH 2   2   2   HOH HOH A . 
B 2 HOH 3   3   3   HOH HOH A . 
B 2 HOH 4   4   4   HOH HOH A . 
B 2 HOH 5   5   5   HOH HOH A . 
B 2 HOH 6   6   6   HOH HOH A . 
B 2 HOH 7   7   7   HOH HOH A . 
B 2 HOH 8   8   8   HOH HOH A . 
B 2 HOH 9   9   9   HOH HOH A . 
B 2 HOH 10  10  10  HOH HOH A . 
B 2 HOH 11  11  11  HOH HOH A . 
B 2 HOH 12  12  12  HOH HOH A . 
B 2 HOH 13  13  13  HOH HOH A . 
B 2 HOH 14  14  14  HOH HOH A . 
B 2 HOH 15  15  15  HOH HOH A . 
B 2 HOH 16  16  16  HOH HOH A . 
B 2 HOH 17  17  17  HOH HOH A . 
B 2 HOH 18  18  18  HOH HOH A . 
B 2 HOH 19  19  19  HOH HOH A . 
B 2 HOH 20  20  20  HOH HOH A . 
B 2 HOH 21  21  21  HOH HOH A . 
B 2 HOH 22  22  22  HOH HOH A . 
B 2 HOH 23  23  23  HOH HOH A . 
B 2 HOH 24  24  24  HOH HOH A . 
B 2 HOH 25  25  25  HOH HOH A . 
B 2 HOH 26  26  26  HOH HOH A . 
B 2 HOH 27  27  27  HOH HOH A . 
B 2 HOH 28  28  28  HOH HOH A . 
B 2 HOH 29  29  29  HOH HOH A . 
B 2 HOH 30  30  30  HOH HOH A . 
B 2 HOH 31  31  31  HOH HOH A . 
B 2 HOH 32  32  32  HOH HOH A . 
B 2 HOH 33  33  33  HOH HOH A . 
B 2 HOH 34  34  34  HOH HOH A . 
B 2 HOH 35  35  35  HOH HOH A . 
B 2 HOH 36  36  36  HOH HOH A . 
B 2 HOH 37  37  37  HOH HOH A . 
B 2 HOH 38  38  38  HOH HOH A . 
B 2 HOH 39  39  39  HOH HOH A . 
B 2 HOH 40  40  40  HOH HOH A . 
B 2 HOH 41  41  41  HOH HOH A . 
B 2 HOH 42  42  42  HOH HOH A . 
B 2 HOH 43  43  43  HOH HOH A . 
B 2 HOH 44  44  44  HOH HOH A . 
B 2 HOH 45  45  45  HOH HOH A . 
B 2 HOH 46  46  46  HOH HOH A . 
B 2 HOH 47  47  47  HOH HOH A . 
B 2 HOH 48  48  48  HOH HOH A . 
B 2 HOH 49  49  49  HOH HOH A . 
B 2 HOH 50  50  50  HOH HOH A . 
B 2 HOH 51  51  51  HOH HOH A . 
B 2 HOH 52  52  52  HOH HOH A . 
B 2 HOH 53  53  53  HOH HOH A . 
B 2 HOH 54  54  54  HOH HOH A . 
B 2 HOH 55  55  55  HOH HOH A . 
B 2 HOH 56  56  56  HOH HOH A . 
B 2 HOH 57  57  57  HOH HOH A . 
B 2 HOH 58  58  58  HOH HOH A . 
B 2 HOH 59  59  59  HOH HOH A . 
B 2 HOH 60  60  60  HOH HOH A . 
B 2 HOH 61  61  61  HOH HOH A . 
B 2 HOH 62  62  62  HOH HOH A . 
B 2 HOH 63  63  63  HOH HOH A . 
B 2 HOH 64  64  64  HOH HOH A . 
B 2 HOH 65  65  65  HOH HOH A . 
B 2 HOH 66  66  66  HOH HOH A . 
B 2 HOH 67  67  67  HOH HOH A . 
B 2 HOH 68  68  68  HOH HOH A . 
B 2 HOH 69  69  69  HOH HOH A . 
B 2 HOH 70  70  70  HOH HOH A . 
B 2 HOH 71  71  71  HOH HOH A . 
B 2 HOH 72  72  72  HOH HOH A . 
B 2 HOH 73  73  73  HOH HOH A . 
B 2 HOH 74  74  74  HOH HOH A . 
B 2 HOH 75  75  75  HOH HOH A . 
B 2 HOH 76  76  76  HOH HOH A . 
B 2 HOH 77  77  77  HOH HOH A . 
B 2 HOH 78  78  78  HOH HOH A . 
B 2 HOH 79  79  79  HOH HOH A . 
B 2 HOH 80  80  80  HOH HOH A . 
B 2 HOH 81  81  81  HOH HOH A . 
B 2 HOH 82  82  82  HOH HOH A . 
B 2 HOH 83  83  83  HOH HOH A . 
B 2 HOH 84  84  84  HOH HOH A . 
B 2 HOH 85  85  85  HOH HOH A . 
B 2 HOH 86  86  86  HOH HOH A . 
B 2 HOH 87  87  87  HOH HOH A . 
B 2 HOH 88  88  88  HOH HOH A . 
B 2 HOH 89  89  89  HOH HOH A . 
B 2 HOH 90  90  90  HOH HOH A . 
B 2 HOH 91  91  91  HOH HOH A . 
B 2 HOH 92  92  92  HOH HOH A . 
B 2 HOH 93  93  93  HOH HOH A . 
B 2 HOH 94  94  94  HOH HOH A . 
B 2 HOH 95  95  95  HOH HOH A . 
B 2 HOH 96  96  96  HOH HOH A . 
B 2 HOH 97  97  97  HOH HOH A . 
B 2 HOH 98  98  98  HOH HOH A . 
B 2 HOH 99  99  99  HOH HOH A . 
B 2 HOH 100 100 100 HOH HOH A . 
B 2 HOH 101 101 101 HOH HOH A . 
B 2 HOH 102 102 102 HOH HOH A . 
B 2 HOH 103 103 103 HOH HOH A . 
B 2 HOH 104 104 104 HOH HOH A . 
B 2 HOH 105 105 105 HOH HOH A . 
B 2 HOH 106 106 106 HOH HOH A . 
B 2 HOH 107 107 107 HOH HOH A . 
B 2 HOH 108 108 108 HOH HOH A . 
B 2 HOH 109 109 109 HOH HOH A . 
B 2 HOH 110 110 110 HOH HOH A . 
B 2 HOH 111 111 111 HOH HOH A . 
B 2 HOH 112 112 112 HOH HOH A . 
B 2 HOH 113 113 113 HOH HOH A . 
B 2 HOH 114 114 114 HOH HOH A . 
B 2 HOH 115 115 115 HOH HOH A . 
B 2 HOH 116 116 116 HOH HOH A . 
B 2 HOH 117 117 117 HOH HOH A . 
B 2 HOH 118 118 118 HOH HOH A . 
B 2 HOH 119 119 119 HOH HOH A . 
B 2 HOH 120 120 120 HOH HOH A . 
# 
loop_
_pdbx_struct_assembly.id 
_pdbx_struct_assembly.details 
_pdbx_struct_assembly.method_details 
_pdbx_struct_assembly.oligomeric_details 
_pdbx_struct_assembly.oligomeric_count 
1 author_and_software_defined_assembly PISA monomeric 1 
2 software_defined_assembly            PISA dimeric   2 
# 
loop_
_pdbx_struct_assembly_gen.assembly_id 
_pdbx_struct_assembly_gen.oper_expression 
_pdbx_struct_assembly_gen.asym_id_list 
1 1   A,B 
2 1,2 A,B 
# 
loop_
_pdbx_struct_assembly_prop.biol_id 
_pdbx_struct_assembly_prop.type 
_pdbx_struct_assembly_prop.value 
_pdbx_struct_assembly_prop.details 
2 'ABSA (A^2)' 2390  ? 
2 MORE         -10.2 ? 
2 'SSA (A^2)'  14880 ? 
# 
loop_
_pdbx_struct_oper_list.id 
_pdbx_struct_oper_list.type 
_pdbx_struct_oper_list.name 
_pdbx_struct_oper_list.symmetry_operation 
_pdbx_struct_oper_list.matrix[1][1] 
_pdbx_struct_oper_list.matrix[1][2] 
_pdbx_struct_oper_list.matrix[1][3] 
_pdbx_struct_oper_list.vector[1] 
_pdbx_struct_oper_list.matrix[2][1] 
_pdbx_struct_oper_list.matrix[2][2] 
_pdbx_struct_oper_list.matrix[2][3] 
_pdbx_struct_oper_list.vector[2] 
_pdbx_struct_oper_list.matrix[3][1] 
_pdbx_struct_oper_list.matrix[3][2] 
_pdbx_struct_oper_list.matrix[3][3] 
_pdbx_struct_oper_list.vector[3] 
1 'identity operation'         1_555 x,y,z       1.0000000000  0.0000000000 0.0000000000  0.0000000000  0.0000000000 1.0000000000  0.0000000000  0.0000000000   0.0000000000  0.0000000000  1.0000000000  0.0000000000 
2 'crystal symmetry operation' 3_555 -x,y,-z+1/2 -0.6615866284 0.4767289623 -0.5788200322 29.0069617131 0.4767289623 -0.3284233941 -0.8153941199 -15.9750430011 -0.5788200322 -0.8153941199 -0.0099899775 3.8018346274 
# 
loop_
_pdbx_audit_revision_history.ordinal 
_pdbx_audit_revision_history.data_content_type 
_pdbx_audit_revision_history.major_revision 
_pdbx_audit_revision_history.minor_revision 
_pdbx_audit_revision_history.revision_date 
1 'Structure model' 1 0 2009-04-21 
2 'Structure model' 1 1 2011-07-13 
3 'Structure model' 1 2 2017-11-01 
4 'Structure model' 1 3 2023-09-06 
# 
_pdbx_audit_revision_details.ordinal             1 
_pdbx_audit_revision_details.revision_ordinal    1 
_pdbx_audit_revision_details.data_content_type   'Structure model' 
_pdbx_audit_revision_details.provider            repository 
_pdbx_audit_revision_details.type                'Initial release' 
_pdbx_audit_revision_details.description         ? 
_pdbx_audit_revision_details.details             ? 
# 
loop_
_pdbx_audit_revision_group.ordinal 
_pdbx_audit_revision_group.revision_ordinal 
_pdbx_audit_revision_group.data_content_type 
_pdbx_audit_revision_group.group 
1 2 'Structure model' Advisory                    
2 2 'Structure model' 'Version format compliance' 
3 3 'Structure model' 'Refinement description'    
4 4 'Structure model' 'Data collection'           
5 4 'Structure model' 'Database references'       
6 4 'Structure model' 'Refinement description'    
# 
loop_
_pdbx_audit_revision_category.ordinal 
_pdbx_audit_revision_category.revision_ordinal 
_pdbx_audit_revision_category.data_content_type 
_pdbx_audit_revision_category.category 
1 3 'Structure model' software                      
2 4 'Structure model' chem_comp_atom                
3 4 'Structure model' chem_comp_bond                
4 4 'Structure model' database_2                    
5 4 'Structure model' pdbx_initial_refinement_model 
6 4 'Structure model' struct_ref_seq_dif            
# 
loop_
_pdbx_audit_revision_item.ordinal 
_pdbx_audit_revision_item.revision_ordinal 
_pdbx_audit_revision_item.data_content_type 
_pdbx_audit_revision_item.item 
1  3 'Structure model' '_software.classification'            
2  3 'Structure model' '_software.contact_author'            
3  3 'Structure model' '_software.contact_author_email'      
4  3 'Structure model' '_software.date'                      
5  3 'Structure model' '_software.language'                  
6  3 'Structure model' '_software.location'                  
7  3 'Structure model' '_software.name'                      
8  3 'Structure model' '_software.type'                      
9  3 'Structure model' '_software.version'                   
10 4 'Structure model' '_database_2.pdbx_DOI'                
11 4 'Structure model' '_database_2.pdbx_database_accession' 
12 4 'Structure model' '_struct_ref_seq_dif.details'         
# 
loop_
_pdbx_refine_tls.pdbx_refine_id 
_pdbx_refine_tls.id 
_pdbx_refine_tls.details 
_pdbx_refine_tls.method 
_pdbx_refine_tls.origin_x 
_pdbx_refine_tls.origin_y 
_pdbx_refine_tls.origin_z 
_pdbx_refine_tls.T[1][1] 
_pdbx_refine_tls.T[2][2] 
_pdbx_refine_tls.T[3][3] 
_pdbx_refine_tls.T[1][2] 
_pdbx_refine_tls.T[1][3] 
_pdbx_refine_tls.T[2][3] 
_pdbx_refine_tls.L[1][1] 
_pdbx_refine_tls.L[2][2] 
_pdbx_refine_tls.L[3][3] 
_pdbx_refine_tls.L[1][2] 
_pdbx_refine_tls.L[1][3] 
_pdbx_refine_tls.L[2][3] 
_pdbx_refine_tls.S[1][1] 
_pdbx_refine_tls.S[2][2] 
_pdbx_refine_tls.S[3][3] 
_pdbx_refine_tls.S[1][2] 
_pdbx_refine_tls.S[1][3] 
_pdbx_refine_tls.S[2][3] 
_pdbx_refine_tls.S[2][1] 
_pdbx_refine_tls.S[3][1] 
_pdbx_refine_tls.S[3][2] 
'X-RAY DIFFRACTION' 1 ? refined 0.8126  3.5082   0.9347  0.1046 0.0579 0.0527 -0.0086 -0.0097 0.0037 1.4942  2.3030 1.7865 1.4346  0.1021 -0.1909 0.0710  -0.0748 0.0038 -0.0446 -0.0236 0.1203  0.2418  -0.1768 -0.0975 
'X-RAY DIFFRACTION' 2 ? refined -2.6930 -12.4572 -4.4247 0.0480 0.0512 0.1886 -0.0488 -0.0064 0.0173 10.9214 0.0760 2.4337 -0.5728 1.0406 -0.3602 -0.2066 0.0230  0.1835 0.2668  0.2672  -0.0201 -0.0242 0.1503  -0.1019 
# 
loop_
_pdbx_refine_tls_group.pdbx_refine_id 
_pdbx_refine_tls_group.beg_auth_seq_id 
_pdbx_refine_tls_group.selection_details 
_pdbx_refine_tls_group.id 
_pdbx_refine_tls_group.refine_tls_id 
_pdbx_refine_tls_group.beg_auth_asym_id 
_pdbx_refine_tls_group.end_auth_asym_id 
_pdbx_refine_tls_group.end_auth_seq_id 
_pdbx_refine_tls_group.beg_label_asym_id 
_pdbx_refine_tls_group.beg_label_seq_id 
_pdbx_refine_tls_group.end_label_asym_id 
_pdbx_refine_tls_group.end_label_seq_id 
_pdbx_refine_tls_group.selection 
'X-RAY DIFFRACTION' 437 ? 1 1 A A 551 . . . . ? 
'X-RAY DIFFRACTION' 552 ? 2 2 A A 586 . . . . ? 
# 
loop_
_software.pdbx_ordinal 
_software.name 
_software.version 
_software.date 
_software.type 
_software.contact_author 
_software.contact_author_email 
_software.classification 
_software.location 
_software.language 
_software.citation_id 
1 DENZO       .        ?               package 'Zbyszek Otwinowski' hkl@hkl-xray.com      'data reduction'  
http://www.hkl-xray.com/                     ?          ? 
2 SCALEPACK   .        ?               package 'Zbyszek Otwinowski' hkl@hkl-xray.com      'data scaling'    
http://www.hkl-xray.com/                     ?          ? 
3 REFMAC      5.5.0054 ?               program 'Garib N. Murshudov' garib@ysbl.york.ac.uk refinement        
http://www.ccp4.ac.uk/dist/html/refmac5.html Fortran_77 ? 
4 PDB_EXTRACT 3.005    'June 11, 2008' package PDB                  help@deposit.rcsb.org 'data extraction' 
http://sw-tools.pdb.org/apps/PDB_EXTRACT/    C++        ? 
5 SBC-Collect .        ?               ?       ?                    ?                     'data collection' ? ?          ? 
6 HKL-3000    .        ?               ?       ?                    ?                     'data reduction'  ? ?          ? 
7 HKL-3000    .        ?               ?       ?                    ?                     phasing           ? ?          ? 
8 MOLREP      .        ?               ?       ?                    ?                     phasing           ? ?          ? 
# 
_pdbx_validate_close_contact.id               1 
_pdbx_validate_close_contact.PDB_model_num    1 
_pdbx_validate_close_contact.auth_atom_id_1   OG1 
_pdbx_validate_close_contact.auth_asym_id_1   A 
_pdbx_validate_close_contact.auth_comp_id_1   THR 
_pdbx_validate_close_contact.auth_seq_id_1    449 
_pdbx_validate_close_contact.PDB_ins_code_1   ? 
_pdbx_validate_close_contact.label_alt_id_1   ? 
_pdbx_validate_close_contact.auth_atom_id_2   O 
_pdbx_validate_close_contact.auth_asym_id_2   A 
_pdbx_validate_close_contact.auth_comp_id_2   HOH 
_pdbx_validate_close_contact.auth_seq_id_2    16 
_pdbx_validate_close_contact.PDB_ins_code_2   ? 
_pdbx_validate_close_contact.label_alt_id_2   ? 
_pdbx_validate_close_contact.dist             2.18 
# 
_pdbx_validate_rmsd_angle.id                         1 
_pdbx_validate_rmsd_angle.PDB_model_num              1 
_pdbx_validate_rmsd_angle.auth_atom_id_1             NE 
_pdbx_validate_rmsd_angle.auth_asym_id_1             A 
_pdbx_validate_rmsd_angle.auth_comp_id_1             ARG 
_pdbx_validate_rmsd_angle.auth_seq_id_1              459 
_pdbx_validate_rmsd_angle.PDB_ins_code_1             ? 
_pdbx_validate_rmsd_angle.label_alt_id_1             ? 
_pdbx_validate_rmsd_angle.auth_atom_id_2             CZ 
_pdbx_validate_rmsd_angle.auth_asym_id_2             A 
_pdbx_validate_rmsd_angle.auth_comp_id_2             ARG 
_pdbx_validate_rmsd_angle.auth_seq_id_2              459 
_pdbx_validate_rmsd_angle.PDB_ins_code_2             ? 
_pdbx_validate_rmsd_angle.label_alt_id_2             ? 
_pdbx_validate_rmsd_angle.auth_atom_id_3             NH1 
_pdbx_validate_rmsd_angle.auth_asym_id_3             A 
_pdbx_validate_rmsd_angle.auth_comp_id_3             ARG 
_pdbx_validate_rmsd_angle.auth_seq_id_3              459 
_pdbx_validate_rmsd_angle.PDB_ins_code_3             ? 
_pdbx_validate_rmsd_angle.label_alt_id_3             ? 
_pdbx_validate_rmsd_angle.angle_value                123.51 
_pdbx_validate_rmsd_angle.angle_target_value         120.30 
_pdbx_validate_rmsd_angle.angle_deviation            3.21 
_pdbx_validate_rmsd_angle.angle_standard_deviation   0.50 
_pdbx_validate_rmsd_angle.linker_flag                N 
# 
loop_
_pdbx_unobs_or_zero_occ_residues.id 
_pdbx_unobs_or_zero_occ_residues.PDB_model_num 
_pdbx_unobs_or_zero_occ_residues.polymer_flag 
_pdbx_unobs_or_zero_occ_residues.occupancy_flag 
_pdbx_unobs_or_zero_occ_residues.auth_asym_id 
_pdbx_unobs_or_zero_occ_residues.auth_comp_id 
_pdbx_unobs_or_zero_occ_residues.auth_seq_id 
_pdbx_unobs_or_zero_occ_residues.PDB_ins_code 
_pdbx_unobs_or_zero_occ_residues.label_asym_id 
_pdbx_unobs_or_zero_occ_residues.label_comp_id 
_pdbx_unobs_or_zero_occ_residues.label_seq_id 
1 1 Y 1 A SER 435 ? A SER 1 
2 1 Y 1 A ASN 436 ? A ASN 2 
# 
loop_
_chem_comp_atom.comp_id 
_chem_comp_atom.atom_id 
_chem_comp_atom.type_symbol 
_chem_comp_atom.pdbx_aromatic_flag 
_chem_comp_atom.pdbx_stereo_config 
_chem_comp_atom.pdbx_ordinal 
ALA N    N N N 1   
ALA CA   C N S 2   
ALA C    C N N 3   
ALA O    O N N 4   
ALA CB   C N N 5   
ALA OXT  O N N 6   
ALA H    H N N 7   
ALA H2   H N N 8   
ALA HA   H N N 9   
ALA HB1  H N N 10  
ALA HB2  H N N 11  
ALA HB3  H N N 12  
ALA HXT  H N N 13  
ARG N    N N N 14  
ARG CA   C N S 15  
ARG C    C N N 16  
ARG O    O N N 17  
ARG CB   C N N 18  
ARG CG   C N N 19  
ARG CD   C N N 20  
ARG NE   N N N 21  
ARG CZ   C N N 22  
ARG NH1  N N N 23  
ARG NH2  N N N 24  
ARG OXT  O N N 25  
ARG H    H N N 26  
ARG H2   H N N 27  
ARG HA   H N N 28  
ARG HB2  H N N 29  
ARG HB3  H N N 30  
ARG HG2  H N N 31  
ARG HG3  H N N 32  
ARG HD2  H N N 33  
ARG HD3  H N N 34  
ARG HE   H N N 35  
ARG HH11 H N N 36  
ARG HH12 H N N 37  
ARG HH21 H N N 38  
ARG HH22 H N N 39  
ARG HXT  H N N 40  
ASN N    N N N 41  
ASN CA   C N S 42  
ASN C    C N N 43  
ASN O    O N N 44  
ASN CB   C N N 45  
ASN CG   C N N 46  
ASN OD1  O N N 47  
ASN ND2  N N N 48  
ASN OXT  O N N 49  
ASN H    H N N 50  
ASN H2   H N N 51  
ASN HA   H N N 52  
ASN HB2  H N N 53  
ASN HB3  H N N 54  
ASN HD21 H N N 55  
ASN HD22 H N N 56  
ASN HXT  H N N 57  
ASP N    N N N 58  
ASP CA   C N S 59  
ASP C    C N N 60  
ASP O    O N N 61  
ASP CB   C N N 62  
ASP CG   C N N 63  
ASP OD1  O N N 64  
ASP OD2  O N N 65  
ASP OXT  O N N 66  
ASP H    H N N 67  
ASP H2   H N N 68  
ASP HA   H N N 69  
ASP HB2  H N N 70  
ASP HB3  H N N 71  
ASP HD2  H N N 72  
ASP HXT  H N N 73  
GLN N    N N N 74  
GLN CA   C N S 75  
GLN C    C N N 76  
GLN O    O N N 77  
GLN CB   C N N 78  
GLN CG   C N N 79  
GLN CD   C N N 80  
GLN OE1  O N N 81  
GLN NE2  N N N 82  
GLN OXT  O N N 83  
GLN H    H N N 84  
GLN H2   H N N 85  
GLN HA   H N N 86  
GLN HB2  H N N 87  
GLN HB3  H N N 88  
GLN HG2  H N N 89  
GLN HG3  H N N 90  
GLN HE21 H N N 91  
GLN HE22 H N N 92  
GLN HXT  H N N 93  
GLU N    N N N 94  
GLU CA   C N S 95  
GLU C    C N N 96  
GLU O    O N N 97  
GLU CB   C N N 98  
GLU CG   C N N 99  
GLU CD   C N N 100 
GLU OE1  O N N 101 
GLU OE2  O N N 102 
GLU OXT  O N N 103 
GLU H    H N N 104 
GLU H2   H N N 105 
GLU HA   H N N 106 
GLU HB2  H N N 107 
GLU HB3  H N N 108 
GLU HG2  H N N 109 
GLU HG3  H N N 110 
GLU HE2  H N N 111 
GLU HXT  H N N 112 
GLY N    N N N 113 
GLY CA   C N N 114 
GLY C    C N N 115 
GLY O    O N N 116 
GLY OXT  O N N 117 
GLY H    H N N 118 
GLY H2   H N N 119 
GLY HA2  H N N 120 
GLY HA3  H N N 121 
GLY HXT  H N N 122 
HOH O    O N N 123 
HOH H1   H N N 124 
HOH H2   H N N 125 
ILE N    N N N 126 
ILE CA   C N S 127 
ILE C    C N N 128 
ILE O    O N N 129 
ILE CB   C N S 130 
ILE CG1  C N N 131 
ILE CG2  C N N 132 
ILE CD1  C N N 133 
ILE OXT  O N N 134 
ILE H    H N N 135 
ILE H2   H N N 136 
ILE HA   H N N 137 
ILE HB   H N N 138 
ILE HG12 H N N 139 
ILE HG13 H N N 140 
ILE HG21 H N N 141 
ILE HG22 H N N 142 
ILE HG23 H N N 143 
ILE HD11 H N N 144 
ILE HD12 H N N 145 
ILE HD13 H N N 146 
ILE HXT  H N N 147 
LEU N    N N N 148 
LEU CA   C N S 149 
LEU C    C N N 150 
LEU O    O N N 151 
LEU CB   C N N 152 
LEU CG   C N N 153 
LEU CD1  C N N 154 
LEU CD2  C N N 155 
LEU OXT  O N N 156 
LEU H    H N N 157 
LEU H2   H N N 158 
LEU HA   H N N 159 
LEU HB2  H N N 160 
LEU HB3  H N N 161 
LEU HG   H N N 162 
LEU HD11 H N N 163 
LEU HD12 H N N 164 
LEU HD13 H N N 165 
LEU HD21 H N N 166 
LEU HD22 H N N 167 
LEU HD23 H N N 168 
LEU HXT  H N N 169 
LYS N    N N N 170 
LYS CA   C N S 171 
LYS C    C N N 172 
LYS O    O N N 173 
LYS CB   C N N 174 
LYS CG   C N N 175 
LYS CD   C N N 176 
LYS CE   C N N 177 
LYS NZ   N N N 178 
LYS OXT  O N N 179 
LYS H    H N N 180 
LYS H2   H N N 181 
LYS HA   H N N 182 
LYS HB2  H N N 183 
LYS HB3  H N N 184 
LYS HG2  H N N 185 
LYS HG3  H N N 186 
LYS HD2  H N N 187 
LYS HD3  H N N 188 
LYS HE2  H N N 189 
LYS HE3  H N N 190 
LYS HZ1  H N N 191 
LYS HZ2  H N N 192 
LYS HZ3  H N N 193 
LYS HXT  H N N 194 
MET N    N N N 195 
MET CA   C N S 196 
MET C    C N N 197 
MET O    O N N 198 
MET CB   C N N 199 
MET CG   C N N 200 
MET SD   S N N 201 
MET CE   C N N 202 
MET OXT  O N N 203 
MET H    H N N 204 
MET H2   H N N 205 
MET HA   H N N 206 
MET HB2  H N N 207 
MET HB3  H N N 208 
MET HG2  H N N 209 
MET HG3  H N N 210 
MET HE1  H N N 211 
MET HE2  H N N 212 
MET HE3  H N N 213 
MET HXT  H N N 214 
PHE N    N N N 215 
PHE CA   C N S 216 
PHE C    C N N 217 
PHE O    O N N 218 
PHE CB   C N N 219 
PHE CG   C Y N 220 
PHE CD1  C Y N 221 
PHE CD2  C Y N 222 
PHE CE1  C Y N 223 
PHE CE2  C Y N 224 
PHE CZ   C Y N 225 
PHE OXT  O N N 226 
PHE H    H N N 227 
PHE H2   H N N 228 
PHE HA   H N N 229 
PHE HB2  H N N 230 
PHE HB3  H N N 231 
PHE HD1  H N N 232 
PHE HD2  H N N 233 
PHE HE1  H N N 234 
PHE HE2  H N N 235 
PHE HZ   H N N 236 
PHE HXT  H N N 237 
PRO N    N N N 238 
PRO CA   C N S 239 
PRO C    C N N 240 
PRO O    O N N 241 
PRO CB   C N N 242 
PRO CG   C N N 243 
PRO CD   C N N 244 
PRO OXT  O N N 245 
PRO H    H N N 246 
PRO HA   H N N 247 
PRO HB2  H N N 248 
PRO HB3  H N N 249 
PRO HG2  H N N 250 
PRO HG3  H N N 251 
PRO HD2  H N N 252 
PRO HD3  H N N 253 
PRO HXT  H N N 254 
SER N    N N N 255 
SER CA   C N S 256 
SER C    C N N 257 
SER O    O N N 258 
SER CB   C N N 259 
SER OG   O N N 260 
SER OXT  O N N 261 
SER H    H N N 262 
SER H2   H N N 263 
SER HA   H N N 264 
SER HB2  H N N 265 
SER HB3  H N N 266 
SER HG   H N N 267 
SER HXT  H N N 268 
THR N    N N N 269 
THR CA   C N S 270 
THR C    C N N 271 
THR O    O N N 272 
THR CB   C N R 273 
THR OG1  O N N 274 
THR CG2  C N N 275 
THR OXT  O N N 276 
THR H    H N N 277 
THR H2   H N N 278 
THR HA   H N N 279 
THR HB   H N N 280 
THR HG1  H N N 281 
THR HG21 H N N 282 
THR HG22 H N N 283 
THR HG23 H N N 284 
THR HXT  H N N 285 
TYR N    N N N 286 
TYR CA   C N S 287 
TYR C    C N N 288 
TYR O    O N N 289 
TYR CB   C N N 290 
TYR CG   C Y N 291 
TYR CD1  C Y N 292 
TYR CD2  C Y N 293 
TYR CE1  C Y N 294 
TYR CE2  C Y N 295 
TYR CZ   C Y N 296 
TYR OH   O N N 297 
TYR OXT  O N N 298 
TYR H    H N N 299 
TYR H2   H N N 300 
TYR HA   H N N 301 
TYR HB2  H N N 302 
TYR HB3  H N N 303 
TYR HD1  H N N 304 
TYR HD2  H N N 305 
TYR HE1  H N N 306 
TYR HE2  H N N 307 
TYR HH   H N N 308 
TYR HXT  H N N 309 
VAL N    N N N 310 
VAL CA   C N S 311 
VAL C    C N N 312 
VAL O    O N N 313 
VAL CB   C N N 314 
VAL CG1  C N N 315 
VAL CG2  C N N 316 
VAL OXT  O N N 317 
VAL H    H N N 318 
VAL H2   H N N 319 
VAL HA   H N N 320 
VAL HB   H N N 321 
VAL HG11 H N N 322 
VAL HG12 H N N 323 
VAL HG13 H N N 324 
VAL HG21 H N N 325 
VAL HG22 H N N 326 
VAL HG23 H N N 327 
VAL HXT  H N N 328 
# 
loop_
_chem_comp_bond.comp_id 
_chem_comp_bond.atom_id_1 
_chem_comp_bond.atom_id_2 
_chem_comp_bond.value_order 
_chem_comp_bond.pdbx_aromatic_flag 
_chem_comp_bond.pdbx_stereo_config 
_chem_comp_bond.pdbx_ordinal 
ALA N   CA   sing N N 1   
ALA N   H    sing N N 2   
ALA N   H2   sing N N 3   
ALA CA  C    sing N N 4   
ALA CA  CB   sing N N 5   
ALA CA  HA   sing N N 6   
ALA C   O    doub N N 7   
ALA C   OXT  sing N N 8   
ALA CB  HB1  sing N N 9   
ALA CB  HB2  sing N N 10  
ALA CB  HB3  sing N N 11  
ALA OXT HXT  sing N N 12  
ARG N   CA   sing N N 13  
ARG N   H    sing N N 14  
ARG N   H2   sing N N 15  
ARG CA  C    sing N N 16  
ARG CA  CB   sing N N 17  
ARG CA  HA   sing N N 18  
ARG C   O    doub N N 19  
ARG C   OXT  sing N N 20  
ARG CB  CG   sing N N 21  
ARG CB  HB2  sing N N 22  
ARG CB  HB3  sing N N 23  
ARG CG  CD   sing N N 24  
ARG CG  HG2  sing N N 25  
ARG CG  HG3  sing N N 26  
ARG CD  NE   sing N N 27  
ARG CD  HD2  sing N N 28  
ARG CD  HD3  sing N N 29  
ARG NE  CZ   sing N N 30  
ARG NE  HE   sing N N 31  
ARG CZ  NH1  sing N N 32  
ARG CZ  NH2  doub N N 33  
ARG NH1 HH11 sing N N 34  
ARG NH1 HH12 sing N N 35  
ARG NH2 HH21 sing N N 36  
ARG NH2 HH22 sing N N 37  
ARG OXT HXT  sing N N 38  
ASN N   CA   sing N N 39  
ASN N   H    sing N N 40  
ASN N   H2   sing N N 41  
ASN CA  C    sing N N 42  
ASN CA  CB   sing N N 43  
ASN CA  HA   sing N N 44  
ASN C   O    doub N N 45  
ASN C   OXT  sing N N 46  
ASN CB  CG   sing N N 47  
ASN CB  HB2  sing N N 48  
ASN CB  HB3  sing N N 49  
ASN CG  OD1  doub N N 50  
ASN CG  ND2  sing N N 51  
ASN ND2 HD21 sing N N 52  
ASN ND2 HD22 sing N N 53  
ASN OXT HXT  sing N N 54  
ASP N   CA   sing N N 55  
ASP N   H    sing N N 56  
ASP N   H2   sing N N 57  
ASP CA  C    sing N N 58  
ASP CA  CB   sing N N 59  
ASP CA  HA   sing N N 60  
ASP C   O    doub N N 61  
ASP C   OXT  sing N N 62  
ASP CB  CG   sing N N 63  
ASP CB  HB2  sing N N 64  
ASP CB  HB3  sing N N 65  
ASP CG  OD1  doub N N 66  
ASP CG  OD2  sing N N 67  
ASP OD2 HD2  sing N N 68  
ASP OXT HXT  sing N N 69  
GLN N   CA   sing N N 70  
GLN N   H    sing N N 71  
GLN N   H2   sing N N 72  
GLN CA  C    sing N N 73  
GLN CA  CB   sing N N 74  
GLN CA  HA   sing N N 75  
GLN C   O    doub N N 76  
GLN C   OXT  sing N N 77  
GLN CB  CG   sing N N 78  
GLN CB  HB2  sing N N 79  
GLN CB  HB3  sing N N 80  
GLN CG  CD   sing N N 81  
GLN CG  HG2  sing N N 82  
GLN CG  HG3  sing N N 83  
GLN CD  OE1  doub N N 84  
GLN CD  NE2  sing N N 85  
GLN NE2 HE21 sing N N 86  
GLN NE2 HE22 sing N N 87  
GLN OXT HXT  sing N N 88  
GLU N   CA   sing N N 89  
GLU N   H    sing N N 90  
GLU N   H2   sing N N 91  
GLU CA  C    sing N N 92  
GLU CA  CB   sing N N 93  
GLU CA  HA   sing N N 94  
GLU C   O    doub N N 95  
GLU C   OXT  sing N N 96  
GLU CB  CG   sing N N 97  
GLU CB  HB2  sing N N 98  
GLU CB  HB3  sing N N 99  
GLU CG  CD   sing N N 100 
GLU CG  HG2  sing N N 101 
GLU CG  HG3  sing N N 102 
GLU CD  OE1  doub N N 103 
GLU CD  OE2  sing N N 104 
GLU OE2 HE2  sing N N 105 
GLU OXT HXT  sing N N 106 
GLY N   CA   sing N N 107 
GLY N   H    sing N N 108 
GLY N   H2   sing N N 109 
GLY CA  C    sing N N 110 
GLY CA  HA2  sing N N 111 
GLY CA  HA3  sing N N 112 
GLY C   O    doub N N 113 
GLY C   OXT  sing N N 114 
GLY OXT HXT  sing N N 115 
HOH O   H1   sing N N 116 
HOH O   H2   sing N N 117 
ILE N   CA   sing N N 118 
ILE N   H    sing N N 119 
ILE N   H2   sing N N 120 
ILE CA  C    sing N N 121 
ILE CA  CB   sing N N 122 
ILE CA  HA   sing N N 123 
ILE C   O    doub N N 124 
ILE C   OXT  sing N N 125 
ILE CB  CG1  sing N N 126 
ILE CB  CG2  sing N N 127 
ILE CB  HB   sing N N 128 
ILE CG1 CD1  sing N N 129 
ILE CG1 HG12 sing N N 130 
ILE CG1 HG13 sing N N 131 
ILE CG2 HG21 sing N N 132 
ILE CG2 HG22 sing N N 133 
ILE CG2 HG23 sing N N 134 
ILE CD1 HD11 sing N N 135 
ILE CD1 HD12 sing N N 136 
ILE CD1 HD13 sing N N 137 
ILE OXT HXT  sing N N 138 
LEU N   CA   sing N N 139 
LEU N   H    sing N N 140 
LEU N   H2   sing N N 141 
LEU CA  C    sing N N 142 
LEU CA  CB   sing N N 143 
LEU CA  HA   sing N N 144 
LEU C   O    doub N N 145 
LEU C   OXT  sing N N 146 
LEU CB  CG   sing N N 147 
LEU CB  HB2  sing N N 148 
LEU CB  HB3  sing N N 149 
LEU CG  CD1  sing N N 150 
LEU CG  CD2  sing N N 151 
LEU CG  HG   sing N N 152 
LEU CD1 HD11 sing N N 153 
LEU CD1 HD12 sing N N 154 
LEU CD1 HD13 sing N N 155 
LEU CD2 HD21 sing N N 156 
LEU CD2 HD22 sing N N 157 
LEU CD2 HD23 sing N N 158 
LEU OXT HXT  sing N N 159 
LYS N   CA   sing N N 160 
LYS N   H    sing N N 161 
LYS N   H2   sing N N 162 
LYS CA  C    sing N N 163 
LYS CA  CB   sing N N 164 
LYS CA  HA   sing N N 165 
LYS C   O    doub N N 166 
LYS C   OXT  sing N N 167 
LYS CB  CG   sing N N 168 
LYS CB  HB2  sing N N 169 
LYS CB  HB3  sing N N 170 
LYS CG  CD   sing N N 171 
LYS CG  HG2  sing N N 172 
LYS CG  HG3  sing N N 173 
LYS CD  CE   sing N N 174 
LYS CD  HD2  sing N N 175 
LYS CD  HD3  sing N N 176 
LYS CE  NZ   sing N N 177 
LYS CE  HE2  sing N N 178 
LYS CE  HE3  sing N N 179 
LYS NZ  HZ1  sing N N 180 
LYS NZ  HZ2  sing N N 181 
LYS NZ  HZ3  sing N N 182 
LYS OXT HXT  sing N N 183 
MET N   CA   sing N N 184 
MET N   H    sing N N 185 
MET N   H2   sing N N 186 
MET CA  C    sing N N 187 
MET CA  CB   sing N N 188 
MET CA  HA   sing N N 189 
MET C   O    doub N N 190 
MET C   OXT  sing N N 191 
MET CB  CG   sing N N 192 
MET CB  HB2  sing N N 193 
MET CB  HB3  sing N N 194 
MET CG  SD   sing N N 195 
MET CG  HG2  sing N N 196 
MET CG  HG3  sing N N 197 
MET SD  CE   sing N N 198 
MET CE  HE1  sing N N 199 
MET CE  HE2  sing N N 200 
MET CE  HE3  sing N N 201 
MET OXT HXT  sing N N 202 
PHE N   CA   sing N N 203 
PHE N   H    sing N N 204 
PHE N   H2   sing N N 205 
PHE CA  C    sing N N 206 
PHE CA  CB   sing N N 207 
PHE CA  HA   sing N N 208 
PHE C   O    doub N N 209 
PHE C   OXT  sing N N 210 
PHE CB  CG   sing N N 211 
PHE CB  HB2  sing N N 212 
PHE CB  HB3  sing N N 213 
PHE CG  CD1  doub Y N 214 
PHE CG  CD2  sing Y N 215 
PHE CD1 CE1  sing Y N 216 
PHE CD1 HD1  sing N N 217 
PHE CD2 CE2  doub Y N 218 
PHE CD2 HD2  sing N N 219 
PHE CE1 CZ   doub Y N 220 
PHE CE1 HE1  sing N N 221 
PHE CE2 CZ   sing Y N 222 
PHE CE2 HE2  sing N N 223 
PHE CZ  HZ   sing N N 224 
PHE OXT HXT  sing N N 225 
PRO N   CA   sing N N 226 
PRO N   CD   sing N N 227 
PRO N   H    sing N N 228 
PRO CA  C    sing N N 229 
PRO CA  CB   sing N N 230 
PRO CA  HA   sing N N 231 
PRO C   O    doub N N 232 
PRO C   OXT  sing N N 233 
PRO CB  CG   sing N N 234 
PRO CB  HB2  sing N N 235 
PRO CB  HB3  sing N N 236 
PRO CG  CD   sing N N 237 
PRO CG  HG2  sing N N 238 
PRO CG  HG3  sing N N 239 
PRO CD  HD2  sing N N 240 
PRO CD  HD3  sing N N 241 
PRO OXT HXT  sing N N 242 
SER N   CA   sing N N 243 
SER N   H    sing N N 244 
SER N   H2   sing N N 245 
SER CA  C    sing N N 246 
SER CA  CB   sing N N 247 
SER CA  HA   sing N N 248 
SER C   O    doub N N 249 
SER C   OXT  sing N N 250 
SER CB  OG   sing N N 251 
SER CB  HB2  sing N N 252 
SER CB  HB3  sing N N 253 
SER OG  HG   sing N N 254 
SER OXT HXT  sing N N 255 
THR N   CA   sing N N 256 
THR N   H    sing N N 257 
THR N   H2   sing N N 258 
THR CA  C    sing N N 259 
THR CA  CB   sing N N 260 
THR CA  HA   sing N N 261 
THR C   O    doub N N 262 
THR C   OXT  sing N N 263 
THR CB  OG1  sing N N 264 
THR CB  CG2  sing N N 265 
THR CB  HB   sing N N 266 
THR OG1 HG1  sing N N 267 
THR CG2 HG21 sing N N 268 
THR CG2 HG22 sing N N 269 
THR CG2 HG23 sing N N 270 
THR OXT HXT  sing N N 271 
TYR N   CA   sing N N 272 
TYR N   H    sing N N 273 
TYR N   H2   sing N N 274 
TYR CA  C    sing N N 275 
TYR CA  CB   sing N N 276 
TYR CA  HA   sing N N 277 
TYR C   O    doub N N 278 
TYR C   OXT  sing N N 279 
TYR CB  CG   sing N N 280 
TYR CB  HB2  sing N N 281 
TYR CB  HB3  sing N N 282 
TYR CG  CD1  doub Y N 283 
TYR CG  CD2  sing Y N 284 
TYR CD1 CE1  sing Y N 285 
TYR CD1 HD1  sing N N 286 
TYR CD2 CE2  doub Y N 287 
TYR CD2 HD2  sing N N 288 
TYR CE1 CZ   doub Y N 289 
TYR CE1 HE1  sing N N 290 
TYR CE2 CZ   sing Y N 291 
TYR CE2 HE2  sing N N 292 
TYR CZ  OH   sing N N 293 
TYR OH  HH   sing N N 294 
TYR OXT HXT  sing N N 295 
VAL N   CA   sing N N 296 
VAL N   H    sing N N 297 
VAL N   H2   sing N N 298 
VAL CA  C    sing N N 299 
VAL CA  CB   sing N N 300 
VAL CA  HA   sing N N 301 
VAL C   O    doub N N 302 
VAL C   OXT  sing N N 303 
VAL CB  CG1  sing N N 304 
VAL CB  CG2  sing N N 305 
VAL CB  HB   sing N N 306 
VAL CG1 HG11 sing N N 307 
VAL CG1 HG12 sing N N 308 
VAL CG1 HG13 sing N N 309 
VAL CG2 HG21 sing N N 310 
VAL CG2 HG22 sing N N 311 
VAL CG2 HG23 sing N N 312 
VAL OXT HXT  sing N N 313 
# 
_pdbx_entity_nonpoly.entity_id   2 
_pdbx_entity_nonpoly.name        water 
_pdbx_entity_nonpoly.comp_id     HOH 
# 
_pdbx_initial_refinement_model.id               1 
_pdbx_initial_refinement_model.entity_id_list   ? 
_pdbx_initial_refinement_model.type             'experimental model' 
_pdbx_initial_refinement_model.source_name      PDB 
_pdbx_initial_refinement_model.accession_code   2OP6 
_pdbx_initial_refinement_model.details          'PDB entry 2OP6' 
# 
